data_1PL7
#
_entry.id   1PL7
#
_cell.length_a   134.946
_cell.length_b   134.946
_cell.length_c   224.686
_cell.angle_alpha   90.00
_cell.angle_beta   90.00
_cell.angle_gamma   120.00
#
_symmetry.space_group_name_H-M   'P 62'
#
loop_
_entity.id
_entity.type
_entity.pdbx_description
1 polymer 'Sorbitol dehydrogenase'
2 non-polymer 'ZINC ION'
3 water water
#
_entity_poly.entity_id   1
_entity_poly.type   'polypeptide(L)'
_entity_poly.pdbx_seq_one_letter_code
;AAAAKPNNLSLVVHGPGDLRLENYPIPEPGPNEVLLRMHSVGICGSDVHYWEYGRIGNFIVKKPMVLGHEASGTVEKVGS
SVKHLKPGDRVAIEPGAPRENDEFCKMGRYNLSPSIFFCATPPDDGNLCRFYKHNAAFCYKLPDNVTFEEGALIEPLSVG
IHACRRGGVTLGHKVLVCGAGPIGMVTLLVAKAMGAAQVVVTDLSATRLSKAKEIGADLVLQISKESPQEIARKVEGQLG
CKPEVTIECTGAEASIQAGIYATRSGGTLVLVGLGSEMTTVPLLHAAIREVDIKGVFRYCNTWPVAISMLASKSVNVKPL
VTHRFPLEKALEAFETFKKGLGLKIMLKCDPSDQNP
;
_entity_poly.pdbx_strand_id   A,B,C,D
#
loop_
_chem_comp.id
_chem_comp.type
_chem_comp.name
_chem_comp.formula
ZN non-polymer 'ZINC ION' 'Zn 2'
#
# COMPACT_ATOMS: atom_id res chain seq x y z
N ALA A 1 24.14 2.70 64.80
CA ALA A 1 23.46 3.88 64.16
C ALA A 1 22.19 3.47 63.45
N ALA A 2 21.34 4.44 63.15
CA ALA A 2 20.08 4.17 62.48
C ALA A 2 20.33 3.73 61.04
N ALA A 3 19.34 3.07 60.45
CA ALA A 3 19.47 2.60 59.07
C ALA A 3 19.62 3.82 58.16
N ALA A 4 20.14 3.59 56.95
CA ALA A 4 20.33 4.67 56.00
C ALA A 4 18.96 5.18 55.54
N LYS A 5 18.85 6.50 55.39
CA LYS A 5 17.62 7.12 54.93
C LYS A 5 17.60 7.07 53.40
N PRO A 6 16.40 7.16 52.81
CA PRO A 6 16.34 7.13 51.34
C PRO A 6 16.84 8.46 50.79
N ASN A 7 17.18 8.50 49.51
CA ASN A 7 17.66 9.73 48.91
C ASN A 7 16.64 10.24 47.92
N ASN A 8 16.81 11.49 47.50
CA ASN A 8 15.93 12.06 46.51
C ASN A 8 16.79 12.83 45.50
N LEU A 9 17.69 12.08 44.85
CA LEU A 9 18.57 12.64 43.84
C LEU A 9 17.65 13.27 42.79
N SER A 10 17.95 14.50 42.38
CA SER A 10 17.12 15.20 41.42
C SER A 10 17.94 15.88 40.32
N LEU A 11 17.35 15.98 39.13
CA LEU A 11 18.03 16.65 38.01
C LEU A 11 17.57 18.10 38.07
N VAL A 12 18.51 19.00 38.32
CA VAL A 12 18.20 20.43 38.46
C VAL A 12 18.88 21.36 37.45
N VAL A 13 18.11 22.30 36.93
CA VAL A 13 18.67 23.29 36.02
C VAL A 13 18.88 24.54 36.87
N HIS A 14 20.11 25.04 36.92
CA HIS A 14 20.44 26.23 37.70
C HIS A 14 20.49 27.48 36.83
N GLY A 15 20.74 27.26 35.54
CA GLY A 15 20.81 28.37 34.61
C GLY A 15 21.21 27.85 33.26
N PRO A 16 21.29 28.71 32.23
CA PRO A 16 21.67 28.27 30.90
C PRO A 16 22.91 27.38 30.93
N GLY A 17 22.77 26.16 30.42
CA GLY A 17 23.89 25.23 30.40
C GLY A 17 24.34 24.69 31.74
N ASP A 18 23.65 25.04 32.82
CA ASP A 18 24.03 24.56 34.15
C ASP A 18 23.08 23.49 34.67
N LEU A 19 23.41 22.24 34.39
CA LEU A 19 22.61 21.08 34.80
C LEU A 19 23.33 20.30 35.90
N ARG A 20 22.63 19.99 36.98
CA ARG A 20 23.22 19.26 38.09
C ARG A 20 22.35 18.16 38.70
N LEU A 21 23.01 17.15 39.24
CA LEU A 21 22.33 16.06 39.93
C LEU A 21 22.61 16.31 41.40
N GLU A 22 21.57 16.63 42.16
CA GLU A 22 21.74 16.90 43.58
C GLU A 22 20.60 16.34 44.41
N ASN A 23 20.90 16.10 45.69
CA ASN A 23 19.91 15.55 46.58
C ASN A 23 18.93 16.57 47.16
N TYR A 24 17.66 16.20 47.17
CA TYR A 24 16.60 17.05 47.69
C TYR A 24 15.94 16.34 48.87
N PRO A 25 15.20 17.09 49.71
CA PRO A 25 14.52 16.48 50.86
C PRO A 25 13.43 15.56 50.29
N ILE A 26 12.95 14.63 51.10
CA ILE A 26 11.88 13.75 50.64
C ILE A 26 10.55 14.41 51.00
N PRO A 27 9.75 14.74 49.99
CA PRO A 27 8.43 15.39 50.15
C PRO A 27 7.48 14.63 51.07
N GLU A 28 6.65 15.38 51.80
CA GLU A 28 5.65 14.79 52.69
C GLU A 28 4.29 15.18 52.10
N PRO A 29 3.49 14.18 51.70
CA PRO A 29 2.17 14.42 51.12
C PRO A 29 1.11 15.04 52.02
N GLY A 30 0.40 16.03 51.49
CA GLY A 30 -0.67 16.67 52.24
C GLY A 30 -1.85 15.72 52.27
N PRO A 31 -2.97 16.11 52.90
CA PRO A 31 -4.17 15.27 52.99
C PRO A 31 -4.72 14.75 51.65
N ASN A 32 -4.61 15.55 50.60
CA ASN A 32 -5.10 15.12 49.29
C ASN A 32 -4.01 14.85 48.28
N GLU A 33 -2.82 14.51 48.75
CA GLU A 33 -1.71 14.22 47.87
C GLU A 33 -1.17 12.82 48.10
N VAL A 34 -0.33 12.38 47.18
CA VAL A 34 0.30 11.07 47.30
C VAL A 34 1.78 11.27 47.01
N LEU A 35 2.60 10.44 47.64
CA LEU A 35 4.04 10.49 47.43
C LEU A 35 4.33 9.36 46.46
N LEU A 36 5.06 9.66 45.38
CA LEU A 36 5.39 8.64 44.40
C LEU A 36 6.87 8.34 44.31
N ARG A 37 7.19 7.06 44.16
CA ARG A 37 8.56 6.63 43.96
C ARG A 37 8.61 6.67 42.44
N MET A 38 9.26 7.70 41.90
CA MET A 38 9.34 7.88 40.46
C MET A 38 9.95 6.69 39.74
N HIS A 39 9.36 6.33 38.59
CA HIS A 39 9.84 5.21 37.81
C HIS A 39 10.34 5.61 36.43
N SER A 40 9.44 6.08 35.56
CA SER A 40 9.81 6.49 34.21
C SER A 40 9.44 7.93 33.88
N VAL A 41 10.39 8.66 33.31
CA VAL A 41 10.16 10.04 32.94
C VAL A 41 10.76 10.37 31.57
N GLY A 42 9.90 10.68 30.61
CA GLY A 42 10.38 11.04 29.29
C GLY A 42 10.71 12.52 29.29
N ILE A 43 11.59 12.96 28.41
CA ILE A 43 11.95 14.37 28.32
C ILE A 43 11.63 14.88 26.93
N CYS A 44 11.39 16.18 26.82
CA CYS A 44 11.08 16.78 25.52
C CYS A 44 11.78 18.12 25.39
N GLY A 45 11.52 18.79 24.27
CA GLY A 45 12.15 20.08 24.00
C GLY A 45 12.04 21.14 25.07
N SER A 46 10.95 21.12 25.85
CA SER A 46 10.80 22.14 26.88
C SER A 46 11.82 21.95 28.00
N ASP A 47 12.16 20.70 28.31
CA ASP A 47 13.15 20.44 29.36
C ASP A 47 14.52 20.90 28.85
N VAL A 48 14.84 20.51 27.63
CA VAL A 48 16.10 20.85 27.00
C VAL A 48 16.25 22.36 26.80
N HIS A 49 15.14 23.01 26.45
CA HIS A 49 15.15 24.45 26.22
C HIS A 49 15.47 25.21 27.51
N TYR A 50 14.82 24.82 28.62
CA TYR A 50 15.08 25.48 29.90
C TYR A 50 16.54 25.30 30.28
N TRP A 51 17.10 24.15 29.93
CA TRP A 51 18.49 23.84 30.21
C TRP A 51 19.40 24.73 29.38
N GLU A 52 19.06 24.89 28.10
CA GLU A 52 19.86 25.69 27.19
C GLU A 52 19.73 27.20 27.36
N TYR A 53 18.51 27.70 27.51
CA TYR A 53 18.30 29.14 27.63
C TYR A 53 17.72 29.61 28.97
N GLY A 54 17.51 28.68 29.89
CA GLY A 54 16.96 29.04 31.18
C GLY A 54 15.61 29.71 31.10
N ARG A 55 14.89 29.50 30.00
CA ARG A 55 13.58 30.10 29.81
C ARG A 55 12.92 29.66 28.51
N ILE A 56 11.62 29.94 28.41
CA ILE A 56 10.83 29.65 27.23
C ILE A 56 9.79 30.76 27.22
N GLY A 57 10.02 31.77 26.37
CA GLY A 57 9.10 32.90 26.34
C GLY A 57 9.19 33.60 27.67
N ASN A 58 8.05 33.87 28.28
CA ASN A 58 8.02 34.54 29.58
C ASN A 58 8.26 33.60 30.76
N PHE A 59 8.20 32.29 30.51
CA PHE A 59 8.45 31.32 31.57
C PHE A 59 9.96 31.28 31.74
N ILE A 60 10.47 31.96 32.76
CA ILE A 60 11.91 31.98 32.96
C ILE A 60 12.32 31.41 34.31
N VAL A 61 13.42 30.66 34.32
CA VAL A 61 13.93 30.06 35.54
C VAL A 61 14.65 31.14 36.35
N LYS A 62 14.06 31.50 37.49
CA LYS A 62 14.62 32.52 38.37
C LYS A 62 15.37 31.93 39.55
N LYS A 63 15.22 30.61 39.74
CA LYS A 63 15.89 29.91 40.82
C LYS A 63 15.99 28.46 40.37
N PRO A 64 16.93 27.68 40.95
CA PRO A 64 17.09 26.27 40.56
C PRO A 64 15.74 25.55 40.44
N MET A 65 15.54 24.88 39.31
CA MET A 65 14.29 24.17 39.07
C MET A 65 14.50 22.72 38.65
N VAL A 66 13.76 21.81 39.28
CA VAL A 66 13.85 20.40 38.93
C VAL A 66 13.11 20.19 37.61
N LEU A 67 13.72 19.45 36.69
CA LEU A 67 13.10 19.19 35.38
C LEU A 67 12.23 17.93 35.40
N GLY A 68 11.61 17.64 34.25
CA GLY A 68 10.77 16.46 34.14
C GLY A 68 9.28 16.69 34.32
N HIS A 69 8.48 16.21 33.37
CA HIS A 69 7.03 16.36 33.45
C HIS A 69 6.20 15.28 32.75
N GLU A 70 6.86 14.31 32.11
CA GLU A 70 6.15 13.22 31.42
C GLU A 70 6.49 11.95 32.19
N ALA A 71 5.73 11.65 33.24
CA ALA A 71 6.10 10.51 34.05
C ALA A 71 5.04 9.58 34.64
N SER A 72 5.56 8.52 35.27
CA SER A 72 4.76 7.51 35.95
C SER A 72 5.63 7.02 37.10
N GLY A 73 5.00 6.37 38.08
CA GLY A 73 5.72 5.87 39.22
C GLY A 73 4.85 4.97 40.08
N THR A 74 5.30 4.67 41.29
CA THR A 74 4.57 3.82 42.21
C THR A 74 4.20 4.61 43.45
N VAL A 75 2.95 4.49 43.90
CA VAL A 75 2.52 5.21 45.10
C VAL A 75 3.29 4.65 46.29
N GLU A 76 3.95 5.54 47.01
CA GLU A 76 4.74 5.17 48.17
C GLU A 76 3.93 5.42 49.45
N LYS A 77 3.23 6.55 49.48
CA LYS A 77 2.43 6.93 50.64
C LYS A 77 1.26 7.81 50.19
N VAL A 78 0.15 7.76 50.91
CA VAL A 78 -1.02 8.57 50.56
C VAL A 78 -1.45 9.48 51.71
N GLY A 79 -2.04 10.63 51.36
CA GLY A 79 -2.51 11.56 52.37
C GLY A 79 -3.76 11.05 53.06
N SER A 80 -4.07 11.61 54.23
CA SER A 80 -5.22 11.20 55.02
C SER A 80 -6.57 11.20 54.29
N SER A 81 -6.72 12.05 53.29
CA SER A 81 -8.00 12.12 52.56
C SER A 81 -8.06 11.32 51.27
N VAL A 82 -6.99 10.61 50.92
CA VAL A 82 -6.97 9.84 49.69
C VAL A 82 -7.66 8.49 49.82
N LYS A 83 -8.62 8.22 48.93
CA LYS A 83 -9.35 6.96 48.96
C LYS A 83 -9.16 6.10 47.72
N HIS A 84 -8.97 6.72 46.57
CA HIS A 84 -8.82 5.98 45.32
C HIS A 84 -7.43 5.44 45.00
N LEU A 85 -6.45 5.71 45.86
CA LEU A 85 -5.09 5.24 45.64
C LEU A 85 -4.45 4.73 46.93
N LYS A 86 -3.71 3.64 46.82
CA LYS A 86 -3.05 3.05 47.98
C LYS A 86 -1.59 2.73 47.65
N PRO A 87 -0.75 2.57 48.68
CA PRO A 87 0.66 2.26 48.46
C PRO A 87 0.81 1.08 47.51
N GLY A 88 1.73 1.19 46.56
CA GLY A 88 1.95 0.10 45.63
C GLY A 88 1.27 0.30 44.29
N ASP A 89 0.28 1.18 44.20
CA ASP A 89 -0.40 1.39 42.93
C ASP A 89 0.55 2.01 41.92
N ARG A 90 0.53 1.49 40.70
CA ARG A 90 1.35 2.03 39.62
C ARG A 90 0.47 3.13 39.04
N VAL A 91 1.03 4.32 38.82
CA VAL A 91 0.23 5.42 38.30
C VAL A 91 0.90 6.32 37.26
N ALA A 92 0.06 6.93 36.43
CA ALA A 92 0.50 7.87 35.42
C ALA A 92 0.26 9.23 36.07
N ILE A 93 1.17 10.17 35.86
CA ILE A 93 1.04 11.48 36.48
C ILE A 93 0.74 12.60 35.50
N GLU A 94 -0.38 13.29 35.69
CA GLU A 94 -0.75 14.43 34.85
C GLU A 94 -0.12 15.64 35.56
N PRO A 95 0.90 16.24 34.94
CA PRO A 95 1.64 17.40 35.46
C PRO A 95 0.90 18.71 35.76
N GLY A 96 -0.26 18.92 35.14
CA GLY A 96 -1.00 20.14 35.39
C GLY A 96 -2.12 19.95 36.38
N ALA A 97 -1.93 20.45 37.59
CA ALA A 97 -2.94 20.34 38.64
C ALA A 97 -3.35 21.73 39.15
N PRO A 98 -4.63 22.09 38.97
CA PRO A 98 -5.17 23.39 39.38
C PRO A 98 -5.01 23.67 40.87
N ARG A 99 -4.68 24.90 41.22
CA ARG A 99 -4.53 25.25 42.63
C ARG A 99 -5.85 25.77 43.21
N GLU A 100 -6.75 26.23 42.33
CA GLU A 100 -8.04 26.72 42.78
C GLU A 100 -9.16 26.40 41.79
N ASN A 101 -10.35 26.16 42.33
CA ASN A 101 -11.50 25.82 41.51
C ASN A 101 -12.12 27.08 40.91
N ASP A 102 -11.39 27.71 39.99
CA ASP A 102 -11.88 28.92 39.33
C ASP A 102 -12.89 28.57 38.23
N GLU A 103 -13.39 29.57 37.52
N GLU A 103 -13.38 29.58 37.52
CA GLU A 103 -14.38 29.32 36.48
CA GLU A 103 -14.37 29.35 36.48
C GLU A 103 -13.88 28.44 35.35
C GLU A 103 -13.88 28.44 35.36
N PHE A 104 -12.57 28.46 35.10
CA PHE A 104 -12.00 27.62 34.04
C PHE A 104 -12.10 26.13 34.41
N CYS A 105 -11.91 25.82 35.70
CA CYS A 105 -12.01 24.45 36.19
C CYS A 105 -13.48 24.00 36.20
N LYS A 106 -14.36 24.90 36.65
CA LYS A 106 -15.78 24.57 36.71
C LYS A 106 -16.37 24.33 35.31
N MET A 107 -15.92 25.08 34.32
N MET A 107 -15.91 25.09 34.34
CA MET A 107 -16.44 24.92 32.97
CA MET A 107 -16.39 24.97 32.96
C MET A 107 -15.84 23.71 32.26
C MET A 107 -15.75 23.79 32.22
N GLY A 108 -14.87 23.07 32.89
CA GLY A 108 -14.24 21.91 32.28
C GLY A 108 -12.98 22.13 31.47
N ARG A 109 -12.38 23.31 31.58
CA ARG A 109 -11.16 23.61 30.86
C ARG A 109 -10.09 24.03 31.87
N TYR A 110 -9.81 23.15 32.83
CA TYR A 110 -8.83 23.46 33.86
C TYR A 110 -7.44 23.81 33.35
N ASN A 111 -7.10 23.38 32.11
CA ASN A 111 -5.78 23.69 31.57
C ASN A 111 -5.55 25.19 31.42
N LEU A 112 -6.64 25.95 31.34
CA LEU A 112 -6.54 27.39 31.19
C LEU A 112 -6.52 28.13 32.52
N SER A 113 -6.60 27.39 33.62
CA SER A 113 -6.58 28.03 34.94
C SER A 113 -5.25 28.80 35.10
N PRO A 114 -5.34 30.12 35.32
CA PRO A 114 -4.16 30.97 35.48
C PRO A 114 -3.15 30.56 36.55
N SER A 115 -3.63 30.08 37.69
CA SER A 115 -2.75 29.70 38.79
C SER A 115 -2.45 28.21 38.86
N ILE A 116 -2.53 27.53 37.73
CA ILE A 116 -2.27 26.09 37.70
C ILE A 116 -0.81 25.72 37.98
N PHE A 117 -0.64 24.63 38.70
CA PHE A 117 0.70 24.10 38.99
C PHE A 117 1.06 23.19 37.82
N PHE A 118 2.28 23.31 37.31
CA PHE A 118 2.71 22.47 36.22
C PHE A 118 4.19 22.11 36.32
N CYS A 119 4.46 20.82 36.49
CA CYS A 119 5.81 20.29 36.62
C CYS A 119 6.85 20.84 35.62
N ALA A 120 8.00 21.25 36.13
CA ALA A 120 9.11 21.74 35.31
C ALA A 120 8.90 23.01 34.50
N THR A 121 7.83 23.74 34.79
CA THR A 121 7.61 25.01 34.13
C THR A 121 7.80 25.98 35.29
N PRO A 122 8.90 26.76 35.26
CA PRO A 122 9.19 27.72 36.34
C PRO A 122 7.98 28.52 36.77
N PRO A 123 7.80 28.71 38.09
CA PRO A 123 8.67 28.23 39.16
C PRO A 123 8.30 26.88 39.79
N ASP A 124 7.59 26.01 39.07
CA ASP A 124 7.20 24.72 39.64
C ASP A 124 8.19 23.59 39.34
N ASP A 125 8.72 22.97 40.39
CA ASP A 125 9.66 21.87 40.23
C ASP A 125 9.03 20.64 39.60
N GLY A 126 9.76 20.01 38.70
CA GLY A 126 9.29 18.82 38.00
C GLY A 126 9.50 17.53 38.75
N ASN A 127 9.43 16.41 38.04
CA ASN A 127 9.56 15.11 38.67
C ASN A 127 10.69 14.17 38.23
N LEU A 128 11.78 14.74 37.73
CA LEU A 128 12.94 13.92 37.34
C LEU A 128 13.74 13.74 38.63
N CYS A 129 13.31 12.84 39.48
CA CYS A 129 13.95 12.60 40.77
C CYS A 129 13.48 11.28 41.34
N ARG A 130 13.80 11.00 42.60
CA ARG A 130 13.41 9.73 43.24
C ARG A 130 11.98 9.75 43.80
N PHE A 131 11.69 10.74 44.64
CA PHE A 131 10.37 10.84 45.25
C PHE A 131 9.74 12.19 44.95
N TYR A 132 8.48 12.15 44.55
CA TYR A 132 7.73 13.34 44.17
C TYR A 132 6.30 13.27 44.71
N LYS A 133 5.79 14.40 45.22
CA LYS A 133 4.41 14.38 45.71
C LYS A 133 3.54 15.13 44.71
N HIS A 134 2.29 14.71 44.56
CA HIS A 134 1.39 15.32 43.59
C HIS A 134 -0.06 15.20 44.04
N ASN A 135 -0.90 16.11 43.55
CA ASN A 135 -2.32 16.08 43.88
C ASN A 135 -2.87 14.71 43.47
N ALA A 136 -3.51 14.03 44.43
CA ALA A 136 -4.04 12.70 44.17
C ALA A 136 -5.07 12.58 43.05
N ALA A 137 -5.83 13.63 42.81
CA ALA A 137 -6.83 13.58 41.74
C ALA A 137 -6.16 13.52 40.38
N PHE A 138 -4.89 13.94 40.32
CA PHE A 138 -4.18 13.93 39.06
C PHE A 138 -3.15 12.81 38.89
N CYS A 139 -3.36 11.72 39.62
CA CYS A 139 -2.52 10.53 39.55
C CYS A 139 -3.51 9.42 39.19
N TYR A 140 -3.31 8.80 38.03
CA TYR A 140 -4.23 7.77 37.59
C TYR A 140 -3.62 6.38 37.61
N LYS A 141 -4.36 5.43 38.16
CA LYS A 141 -3.92 4.06 38.27
C LYS A 141 -3.75 3.41 36.90
N LEU A 142 -2.61 2.74 36.71
CA LEU A 142 -2.33 2.07 35.45
C LEU A 142 -2.76 0.61 35.48
N PRO A 143 -3.43 0.15 34.41
CA PRO A 143 -3.85 -1.26 34.40
C PRO A 143 -2.57 -2.12 34.36
N ASP A 144 -2.69 -3.40 34.72
CA ASP A 144 -1.54 -4.29 34.72
C ASP A 144 -0.88 -4.48 33.36
N ASN A 145 -1.69 -4.44 32.29
CA ASN A 145 -1.16 -4.63 30.95
C ASN A 145 -0.66 -3.35 30.29
N VAL A 146 -0.39 -2.33 31.10
CA VAL A 146 0.14 -1.06 30.59
C VAL A 146 1.43 -0.79 31.34
N THR A 147 2.54 -0.64 30.60
CA THR A 147 3.84 -0.41 31.22
C THR A 147 4.08 1.00 31.75
N PHE A 148 5.08 1.12 32.63
CA PHE A 148 5.43 2.41 33.20
C PHE A 148 5.81 3.40 32.10
N GLU A 149 6.54 2.93 31.08
CA GLU A 149 6.93 3.82 30.02
C GLU A 149 5.73 4.27 29.18
N GLU A 150 4.73 3.40 29.08
CA GLU A 150 3.53 3.77 28.34
C GLU A 150 2.82 4.84 29.17
N GLY A 151 2.81 4.65 30.49
CA GLY A 151 2.17 5.59 31.38
C GLY A 151 2.81 6.96 31.28
N ALA A 152 4.14 6.99 31.13
CA ALA A 152 4.87 8.25 31.01
C ALA A 152 4.63 8.88 29.63
N LEU A 153 4.41 8.03 28.63
CA LEU A 153 4.16 8.50 27.28
C LEU A 153 2.77 9.12 27.14
N ILE A 154 1.93 8.98 28.16
CA ILE A 154 0.58 9.54 28.11
C ILE A 154 0.61 11.06 28.02
N GLU A 155 1.62 11.67 28.62
CA GLU A 155 1.76 13.13 28.61
C GLU A 155 1.92 13.65 27.18
N PRO A 156 2.94 13.17 26.44
CA PRO A 156 3.08 13.67 25.07
C PRO A 156 1.91 13.24 24.18
N LEU A 157 1.40 12.04 24.42
CA LEU A 157 0.26 11.53 23.65
C LEU A 157 -0.94 12.46 23.86
N SER A 158 -1.10 12.97 25.08
CA SER A 158 -2.22 13.85 25.42
C SER A 158 -2.15 15.17 24.67
N VAL A 159 -0.96 15.58 24.26
CA VAL A 159 -0.81 16.80 23.50
C VAL A 159 -1.51 16.54 22.16
N GLY A 160 -1.34 15.33 21.64
CA GLY A 160 -1.96 14.96 20.38
C GLY A 160 -3.45 14.76 20.50
N ILE A 161 -3.89 14.18 21.61
CA ILE A 161 -5.32 13.96 21.83
C ILE A 161 -6.06 15.30 21.91
N HIS A 162 -5.53 16.22 22.71
CA HIS A 162 -6.11 17.55 22.87
C HIS A 162 -6.14 18.28 21.53
N ALA A 163 -5.05 18.18 20.78
CA ALA A 163 -4.96 18.85 19.49
C ALA A 163 -5.99 18.34 18.49
N CYS A 164 -6.16 17.02 18.39
CA CYS A 164 -7.12 16.46 17.46
C CYS A 164 -8.55 16.79 17.89
N ARG A 165 -8.78 16.86 19.19
CA ARG A 165 -10.10 17.21 19.71
C ARG A 165 -10.46 18.63 19.30
N ARG A 166 -9.56 19.57 19.60
CA ARG A 166 -9.80 20.97 19.27
C ARG A 166 -9.94 21.16 17.76
N GLY A 167 -9.28 20.29 17.00
CA GLY A 167 -9.37 20.37 15.55
C GLY A 167 -10.64 19.72 15.03
N GLY A 168 -11.25 18.88 15.86
CA GLY A 168 -12.48 18.20 15.46
C GLY A 168 -12.25 16.99 14.57
N VAL A 169 -11.08 16.38 14.71
CA VAL A 169 -10.74 15.20 13.91
C VAL A 169 -11.73 14.07 14.14
N THR A 170 -12.29 13.52 13.07
CA THR A 170 -13.24 12.42 13.21
C THR A 170 -13.27 11.46 12.01
N LEU A 171 -14.13 10.45 12.10
CA LEU A 171 -14.29 9.42 11.07
C LEU A 171 -14.23 9.86 9.61
N GLY A 172 -13.32 9.26 8.85
CA GLY A 172 -13.19 9.56 7.44
C GLY A 172 -12.46 10.82 7.04
N HIS A 173 -11.99 11.57 8.03
CA HIS A 173 -11.27 12.81 7.75
C HIS A 173 -9.93 12.63 7.07
N LYS A 174 -9.54 13.65 6.32
CA LYS A 174 -8.27 13.73 5.65
C LYS A 174 -7.55 14.77 6.52
N VAL A 175 -6.47 14.36 7.18
CA VAL A 175 -5.74 15.25 8.09
C VAL A 175 -4.29 15.54 7.68
N LEU A 176 -3.91 16.81 7.74
CA LEU A 176 -2.55 17.22 7.42
C LEU A 176 -1.81 17.53 8.72
N VAL A 177 -0.62 16.95 8.87
CA VAL A 177 0.21 17.18 10.05
C VAL A 177 1.53 17.79 9.60
N CYS A 178 1.76 19.04 9.98
CA CYS A 178 3.00 19.72 9.61
C CYS A 178 4.04 19.46 10.69
N GLY A 179 5.07 18.69 10.33
CA GLY A 179 6.13 18.38 11.29
C GLY A 179 6.08 16.93 11.70
N ALA A 180 7.21 16.23 11.56
CA ALA A 180 7.29 14.82 11.92
C ALA A 180 8.13 14.60 13.17
N GLY A 181 8.23 15.64 14.01
CA GLY A 181 8.97 15.50 15.25
C GLY A 181 8.09 14.71 16.19
N PRO A 182 8.47 14.53 17.47
CA PRO A 182 7.62 13.75 18.36
C PRO A 182 6.18 14.27 18.53
N ILE A 183 5.96 15.57 18.40
CA ILE A 183 4.59 16.12 18.54
C ILE A 183 3.75 15.67 17.35
N GLY A 184 4.30 15.80 16.15
CA GLY A 184 3.59 15.39 14.96
C GLY A 184 3.32 13.90 14.95
N MET A 185 4.25 13.13 15.52
CA MET A 185 4.09 11.69 15.55
C MET A 185 2.91 11.26 16.42
N VAL A 186 2.82 11.76 17.66
CA VAL A 186 1.69 11.39 18.52
C VAL A 186 0.40 11.89 17.89
N THR A 187 0.45 13.04 17.25
CA THR A 187 -0.73 13.60 16.58
C THR A 187 -1.17 12.63 15.49
N LEU A 188 -0.20 12.08 14.77
CA LEU A 188 -0.48 11.11 13.71
C LEU A 188 -1.16 9.88 14.32
N LEU A 189 -0.60 9.39 15.41
CA LEU A 189 -1.15 8.21 16.09
C LEU A 189 -2.59 8.42 16.52
N VAL A 190 -2.87 9.58 17.10
CA VAL A 190 -4.21 9.92 17.57
C VAL A 190 -5.22 10.07 16.42
N ALA A 191 -4.83 10.80 15.38
CA ALA A 191 -5.71 11.02 14.24
C ALA A 191 -6.22 9.72 13.68
N LYS A 192 -5.30 8.77 13.50
CA LYS A 192 -5.64 7.45 12.98
C LYS A 192 -6.59 6.73 13.94
N ALA A 193 -6.27 6.77 15.24
CA ALA A 193 -7.11 6.11 16.22
C ALA A 193 -8.53 6.69 16.26
N MET A 194 -8.68 7.95 15.86
CA MET A 194 -10.00 8.58 15.86
C MET A 194 -10.80 8.31 14.58
N GLY A 195 -10.19 7.63 13.63
CA GLY A 195 -10.90 7.29 12.40
C GLY A 195 -10.52 8.07 11.16
N ALA A 196 -9.43 8.83 11.21
CA ALA A 196 -9.02 9.60 10.04
C ALA A 196 -8.71 8.61 8.91
N ALA A 197 -9.24 8.88 7.72
CA ALA A 197 -9.03 8.02 6.56
C ALA A 197 -7.61 8.09 6.04
N GLN A 198 -7.10 9.32 5.95
CA GLN A 198 -5.75 9.56 5.46
C GLN A 198 -5.09 10.63 6.29
N VAL A 199 -3.83 10.40 6.64
CA VAL A 199 -3.05 11.40 7.36
C VAL A 199 -1.79 11.62 6.54
N VAL A 200 -1.57 12.87 6.15
CA VAL A 200 -0.39 13.24 5.39
C VAL A 200 0.50 14.06 6.33
N VAL A 201 1.78 13.71 6.39
CA VAL A 201 2.74 14.38 7.25
C VAL A 201 3.88 15.03 6.44
N THR A 202 4.19 16.28 6.74
CA THR A 202 5.25 16.99 6.04
C THR A 202 6.41 17.24 7.00
N ASP A 203 7.62 17.34 6.45
CA ASP A 203 8.80 17.62 7.26
C ASP A 203 10.00 17.92 6.36
N LEU A 204 11.03 18.52 6.93
CA LEU A 204 12.24 18.85 6.19
C LEU A 204 13.15 17.63 6.07
N SER A 205 12.98 16.69 7.01
CA SER A 205 13.80 15.48 7.05
C SER A 205 13.16 14.22 6.46
N ALA A 206 13.87 13.60 5.51
CA ALA A 206 13.37 12.39 4.88
C ALA A 206 13.39 11.23 5.88
N THR A 207 14.35 11.26 6.78
CA THR A 207 14.48 10.21 7.80
C THR A 207 13.28 10.21 8.75
N ARG A 208 12.91 11.39 9.22
CA ARG A 208 11.78 11.51 10.13
C ARG A 208 10.49 11.07 9.45
N LEU A 209 10.36 11.41 8.17
CA LEU A 209 9.18 11.03 7.40
C LEU A 209 9.12 9.51 7.23
N SER A 210 10.29 8.89 7.13
CA SER A 210 10.39 7.44 6.97
C SER A 210 9.86 6.78 8.25
N LYS A 211 10.20 7.37 9.39
CA LYS A 211 9.74 6.85 10.67
C LYS A 211 8.22 7.07 10.76
N ALA A 212 7.76 8.23 10.29
CA ALA A 212 6.33 8.53 10.31
C ALA A 212 5.60 7.45 9.52
N LYS A 213 6.17 7.07 8.39
CA LYS A 213 5.60 6.03 7.55
C LYS A 213 5.48 4.73 8.34
N GLU A 214 6.52 4.42 9.12
CA GLU A 214 6.56 3.22 9.93
C GLU A 214 5.45 3.12 10.96
N ILE A 215 5.03 4.26 11.51
CA ILE A 215 3.99 4.21 12.53
C ILE A 215 2.58 4.52 12.05
N GLY A 216 2.38 4.61 10.74
CA GLY A 216 1.05 4.85 10.22
C GLY A 216 0.76 5.96 9.24
N ALA A 217 1.68 6.90 9.04
CA ALA A 217 1.45 7.98 8.10
C ALA A 217 1.03 7.42 6.75
N ASP A 218 -0.12 7.83 6.24
CA ASP A 218 -0.60 7.35 4.95
C ASP A 218 0.16 7.96 3.78
N LEU A 219 0.61 9.19 3.96
CA LEU A 219 1.35 9.91 2.93
C LEU A 219 2.36 10.84 3.61
N VAL A 220 3.49 11.04 2.96
CA VAL A 220 4.53 11.92 3.49
C VAL A 220 4.98 12.88 2.40
N LEU A 221 5.40 14.07 2.81
CA LEU A 221 5.85 15.07 1.86
C LEU A 221 7.05 15.81 2.42
N GLN A 222 8.21 15.62 1.79
CA GLN A 222 9.41 16.31 2.23
C GLN A 222 9.39 17.74 1.71
N ILE A 223 9.59 18.68 2.63
CA ILE A 223 9.55 20.10 2.29
C ILE A 223 10.94 20.73 2.25
N SER A 224 11.17 21.52 1.22
CA SER A 224 12.46 22.21 1.06
C SER A 224 12.23 23.72 1.08
N LYS A 225 12.26 24.35 -0.08
CA LYS A 225 12.07 25.80 -0.15
C LYS A 225 10.78 26.22 -0.83
N GLU A 226 9.84 25.29 -0.99
CA GLU A 226 8.56 25.61 -1.63
C GLU A 226 7.84 26.70 -0.85
N SER A 227 7.05 27.51 -1.54
CA SER A 227 6.29 28.56 -0.89
C SER A 227 5.08 27.93 -0.21
N PRO A 228 4.42 28.66 0.70
CA PRO A 228 3.24 28.13 1.40
C PRO A 228 2.14 27.66 0.42
N GLN A 229 1.92 28.44 -0.64
CA GLN A 229 0.93 28.08 -1.64
C GLN A 229 1.32 26.78 -2.34
N GLU A 230 2.60 26.63 -2.65
CA GLU A 230 3.09 25.42 -3.30
C GLU A 230 2.94 24.20 -2.39
N ILE A 231 3.17 24.40 -1.09
CA ILE A 231 3.03 23.31 -0.14
C ILE A 231 1.57 22.86 -0.17
N ALA A 232 0.66 23.80 0.02
CA ALA A 232 -0.76 23.50 0.02
C ALA A 232 -1.15 22.80 -1.27
N ARG A 233 -0.55 23.24 -2.37
CA ARG A 233 -0.81 22.68 -3.68
C ARG A 233 -0.38 21.21 -3.73
N LYS A 234 0.83 20.93 -3.26
CA LYS A 234 1.35 19.57 -3.26
C LYS A 234 0.52 18.67 -2.35
N VAL A 235 0.20 19.16 -1.15
CA VAL A 235 -0.61 18.42 -0.20
C VAL A 235 -1.91 18.00 -0.86
N GLU A 236 -2.62 18.98 -1.42
CA GLU A 236 -3.88 18.71 -2.08
C GLU A 236 -3.67 17.77 -3.27
N GLY A 237 -2.52 17.92 -3.92
CA GLY A 237 -2.19 17.07 -5.04
C GLY A 237 -2.12 15.61 -4.62
N GLN A 238 -1.59 15.36 -3.43
CA GLN A 238 -1.47 13.99 -2.93
C GLN A 238 -2.78 13.39 -2.45
N LEU A 239 -3.60 14.19 -1.78
CA LEU A 239 -4.89 13.74 -1.23
C LEU A 239 -6.01 13.67 -2.26
N GLY A 240 -5.91 14.49 -3.30
CA GLY A 240 -6.96 14.52 -4.29
C GLY A 240 -8.05 15.45 -3.79
N CYS A 241 -7.77 16.14 -2.69
CA CYS A 241 -8.72 17.05 -2.07
C CYS A 241 -8.02 17.82 -0.96
N LYS A 242 -8.75 18.72 -0.31
CA LYS A 242 -8.18 19.51 0.78
C LYS A 242 -8.50 18.84 2.11
N PRO A 243 -7.53 18.78 3.02
CA PRO A 243 -7.76 18.15 4.33
C PRO A 243 -8.70 18.99 5.20
N GLU A 244 -9.67 18.33 5.83
CA GLU A 244 -10.63 19.04 6.69
C GLU A 244 -9.96 19.62 7.94
N VAL A 245 -8.83 19.06 8.33
CA VAL A 245 -8.12 19.53 9.51
C VAL A 245 -6.59 19.53 9.33
N THR A 246 -5.94 20.60 9.80
CA THR A 246 -4.50 20.69 9.72
C THR A 246 -3.98 20.95 11.14
N ILE A 247 -2.98 20.18 11.54
CA ILE A 247 -2.37 20.34 12.85
C ILE A 247 -0.91 20.73 12.62
N GLU A 248 -0.62 22.00 12.88
CA GLU A 248 0.71 22.56 12.70
C GLU A 248 1.54 22.31 13.96
N CYS A 249 2.60 21.53 13.81
CA CYS A 249 3.44 21.18 14.94
C CYS A 249 4.85 21.76 14.94
N THR A 250 5.15 22.68 14.02
CA THR A 250 6.50 23.25 13.96
C THR A 250 6.59 24.68 14.49
N GLY A 251 5.48 25.41 14.44
CA GLY A 251 5.50 26.79 14.92
C GLY A 251 6.08 27.77 13.91
N ALA A 252 6.63 27.26 12.81
CA ALA A 252 7.22 28.08 11.76
C ALA A 252 6.16 28.84 10.96
N GLU A 253 6.41 30.12 10.72
CA GLU A 253 5.47 30.98 10.00
C GLU A 253 5.02 30.43 8.66
N ALA A 254 5.97 30.04 7.82
CA ALA A 254 5.63 29.51 6.49
C ALA A 254 4.68 28.32 6.58
N SER A 255 4.92 27.42 7.53
CA SER A 255 4.08 26.24 7.70
C SER A 255 2.66 26.64 8.11
N ILE A 256 2.55 27.58 9.03
CA ILE A 256 1.24 28.07 9.47
C ILE A 256 0.49 28.62 8.26
N GLN A 257 1.20 29.37 7.41
CA GLN A 257 0.59 29.93 6.22
C GLN A 257 0.13 28.84 5.26
N ALA A 258 0.93 27.79 5.14
CA ALA A 258 0.57 26.68 4.26
C ALA A 258 -0.70 26.00 4.77
N GLY A 259 -0.83 25.90 6.09
CA GLY A 259 -2.00 25.26 6.68
C GLY A 259 -3.29 25.99 6.36
N ILE A 260 -3.23 27.32 6.31
CA ILE A 260 -4.39 28.13 6.00
C ILE A 260 -4.82 27.88 4.56
N TYR A 261 -3.83 27.88 3.66
CA TYR A 261 -4.07 27.66 2.23
C TYR A 261 -4.52 26.25 1.92
N ALA A 262 -4.01 25.28 2.67
CA ALA A 262 -4.32 23.88 2.44
C ALA A 262 -5.64 23.39 3.02
N THR A 263 -6.02 23.90 4.18
CA THR A 263 -7.24 23.46 4.84
C THR A 263 -8.54 23.75 4.09
N ARG A 264 -9.40 22.74 4.06
CA ARG A 264 -10.70 22.84 3.38
C ARG A 264 -11.59 23.88 4.05
N SER A 265 -12.43 24.52 3.25
CA SER A 265 -13.34 25.54 3.76
C SER A 265 -14.19 24.97 4.88
N GLY A 266 -14.35 25.75 5.94
CA GLY A 266 -15.13 25.30 7.07
C GLY A 266 -14.33 24.38 7.97
N GLY A 267 -13.08 24.13 7.61
CA GLY A 267 -12.24 23.25 8.41
C GLY A 267 -11.50 23.95 9.54
N THR A 268 -10.55 23.25 10.15
CA THR A 268 -9.80 23.82 11.26
C THR A 268 -8.29 23.66 11.21
N LEU A 269 -7.59 24.74 11.54
CA LEU A 269 -6.13 24.74 11.59
C LEU A 269 -5.77 24.90 13.07
N VAL A 270 -5.17 23.86 13.64
CA VAL A 270 -4.77 23.85 15.04
C VAL A 270 -3.28 24.18 15.15
N LEU A 271 -2.94 25.14 16.01
CA LEU A 271 -1.55 25.54 16.19
C LEU A 271 -1.00 24.94 17.47
N VAL A 272 -0.13 23.94 17.31
CA VAL A 272 0.46 23.27 18.45
C VAL A 272 1.90 23.71 18.70
N GLY A 273 2.60 24.05 17.63
CA GLY A 273 3.98 24.49 17.77
C GLY A 273 4.08 25.87 18.40
N LEU A 274 5.27 26.22 18.88
CA LEU A 274 5.46 27.53 19.49
C LEU A 274 6.55 28.27 18.73
N GLY A 275 6.19 29.41 18.16
CA GLY A 275 7.15 30.19 17.41
C GLY A 275 7.39 31.57 18.00
N SER A 276 7.53 32.56 17.14
CA SER A 276 7.76 33.94 17.55
C SER A 276 6.51 34.52 18.17
N GLU A 277 6.65 35.66 18.84
CA GLU A 277 5.52 36.33 19.46
C GLU A 277 4.57 36.80 18.38
N MET A 278 5.14 37.21 17.25
CA MET A 278 4.35 37.70 16.13
C MET A 278 4.50 36.80 14.91
N THR A 279 3.41 36.67 14.15
CA THR A 279 3.39 35.86 12.94
C THR A 279 2.58 36.60 11.89
N THR A 280 3.06 36.58 10.66
CA THR A 280 2.33 37.22 9.57
C THR A 280 1.60 36.11 8.83
N VAL A 281 0.28 36.20 8.78
CA VAL A 281 -0.53 35.19 8.13
C VAL A 281 -1.65 35.76 7.28
N PRO A 282 -2.16 34.97 6.32
CA PRO A 282 -3.25 35.41 5.45
C PRO A 282 -4.62 35.21 6.10
N LEU A 283 -4.93 36.04 7.10
CA LEU A 283 -6.21 35.94 7.79
C LEU A 283 -7.39 36.11 6.86
N LEU A 284 -7.27 37.03 5.90
CA LEU A 284 -8.34 37.27 4.94
C LEU A 284 -8.70 35.97 4.22
N HIS A 285 -7.68 35.20 3.85
CA HIS A 285 -7.90 33.95 3.14
C HIS A 285 -8.71 33.00 4.04
N ALA A 286 -8.26 32.87 5.28
CA ALA A 286 -8.93 32.01 6.25
C ALA A 286 -10.38 32.41 6.53
N ALA A 287 -10.61 33.71 6.72
CA ALA A 287 -11.95 34.23 7.00
C ALA A 287 -12.96 33.95 5.89
N ILE A 288 -12.57 34.24 4.66
CA ILE A 288 -13.45 34.04 3.52
C ILE A 288 -13.86 32.58 3.33
N ARG A 289 -13.01 31.64 3.74
CA ARG A 289 -13.33 30.23 3.61
C ARG A 289 -13.65 29.60 4.96
N GLU A 290 -13.83 30.47 5.96
CA GLU A 290 -14.14 30.04 7.32
C GLU A 290 -13.26 28.90 7.83
N VAL A 291 -11.96 29.09 7.66
CA VAL A 291 -10.99 28.13 8.15
C VAL A 291 -10.65 28.68 9.53
N ASP A 292 -11.08 27.98 10.58
CA ASP A 292 -10.82 28.43 11.94
C ASP A 292 -9.37 28.19 12.32
N ILE A 293 -8.85 29.09 13.16
CA ILE A 293 -7.49 29.00 13.65
C ILE A 293 -7.59 28.86 15.15
N LYS A 294 -7.26 27.67 15.65
CA LYS A 294 -7.34 27.40 17.07
C LYS A 294 -6.00 27.01 17.68
N GLY A 295 -5.69 27.63 18.80
CA GLY A 295 -4.45 27.34 19.49
C GLY A 295 -4.68 26.22 20.48
N VAL A 296 -3.58 25.67 21.00
CA VAL A 296 -3.68 24.59 21.95
C VAL A 296 -2.70 24.89 23.07
N PHE A 297 -3.13 24.70 24.31
CA PHE A 297 -2.24 24.92 25.44
C PHE A 297 -2.25 23.69 26.34
N ARG A 298 -1.39 22.74 26.01
CA ARG A 298 -1.27 21.51 26.77
C ARG A 298 -2.47 20.59 26.61
N TYR A 299 -3.30 20.45 27.64
CA TYR A 299 -4.43 19.53 27.54
C TYR A 299 -5.32 19.51 28.79
N CYS A 300 -6.49 18.89 28.65
CA CYS A 300 -7.43 18.71 29.75
C CYS A 300 -8.27 17.48 29.48
N ASN A 301 -8.51 16.68 30.53
CA ASN A 301 -9.31 15.47 30.42
C ASN A 301 -8.84 14.44 29.38
N THR A 302 -7.56 14.09 29.40
CA THR A 302 -7.03 13.13 28.42
C THR A 302 -6.47 11.83 29.03
N TRP A 303 -6.04 11.89 30.28
CA TRP A 303 -5.45 10.72 30.93
C TRP A 303 -6.31 9.47 30.95
N PRO A 304 -7.55 9.56 31.47
CA PRO A 304 -8.40 8.36 31.49
C PRO A 304 -8.58 7.78 30.10
N VAL A 305 -8.76 8.65 29.10
CA VAL A 305 -8.94 8.19 27.73
C VAL A 305 -7.65 7.57 27.17
N ALA A 306 -6.51 8.20 27.43
CA ALA A 306 -5.24 7.68 26.96
C ALA A 306 -5.01 6.28 27.57
N ILE A 307 -5.33 6.14 28.85
CA ILE A 307 -5.16 4.86 29.53
C ILE A 307 -6.07 3.78 28.95
N SER A 308 -7.30 4.14 28.60
CA SER A 308 -8.23 3.18 28.01
C SER A 308 -7.70 2.70 26.66
N MET A 309 -7.16 3.62 25.88
N MET A 309 -7.16 3.62 25.88
CA MET A 309 -6.62 3.30 24.56
CA MET A 309 -6.62 3.30 24.56
C MET A 309 -5.41 2.38 24.66
C MET A 309 -5.41 2.38 24.66
N LEU A 310 -4.57 2.64 25.66
CA LEU A 310 -3.38 1.83 25.86
C LEU A 310 -3.73 0.43 26.38
N ALA A 311 -4.64 0.38 27.34
CA ALA A 311 -5.05 -0.89 27.92
C ALA A 311 -5.77 -1.81 26.93
N SER A 312 -6.45 -1.22 25.95
CA SER A 312 -7.18 -1.99 24.94
C SER A 312 -6.34 -2.21 23.70
N LYS A 313 -5.08 -1.78 23.75
CA LYS A 313 -4.17 -1.94 22.62
C LYS A 313 -4.74 -1.26 21.38
N SER A 314 -5.40 -0.12 21.56
CA SER A 314 -5.98 0.63 20.45
C SER A 314 -4.94 1.55 19.80
N VAL A 315 -3.84 1.76 20.50
CA VAL A 315 -2.76 2.60 19.98
C VAL A 315 -1.44 2.02 20.46
N ASN A 316 -0.38 2.20 19.67
CA ASN A 316 0.92 1.67 20.06
C ASN A 316 1.96 2.78 20.07
N VAL A 317 2.26 3.28 21.27
CA VAL A 317 3.24 4.35 21.42
C VAL A 317 4.67 3.87 21.66
N LYS A 318 4.82 2.58 21.98
CA LYS A 318 6.15 2.02 22.25
C LYS A 318 7.23 2.37 21.22
N PRO A 319 6.90 2.33 19.92
CA PRO A 319 7.91 2.65 18.90
C PRO A 319 8.52 4.04 19.05
N LEU A 320 7.85 4.92 19.79
CA LEU A 320 8.35 6.28 19.98
C LEU A 320 9.60 6.34 20.86
N VAL A 321 9.76 5.35 21.74
CA VAL A 321 10.92 5.33 22.63
C VAL A 321 12.16 4.83 21.89
N THR A 322 13.12 5.73 21.70
CA THR A 322 14.35 5.39 20.99
C THR A 322 15.58 5.22 21.88
N HIS A 323 15.53 5.72 23.11
N HIS A 323 15.52 5.70 23.11
CA HIS A 323 16.66 5.62 24.05
CA HIS A 323 16.64 5.57 24.05
C HIS A 323 16.16 5.63 25.49
C HIS A 323 16.16 5.63 25.50
N ARG A 324 16.92 5.00 26.39
CA ARG A 324 16.59 5.00 27.81
C ARG A 324 17.86 4.98 28.63
N PHE A 325 17.95 5.90 29.59
CA PHE A 325 19.09 6.03 30.49
C PHE A 325 18.62 6.08 31.94
N PRO A 326 19.49 5.69 32.88
CA PRO A 326 19.08 5.75 34.29
C PRO A 326 19.18 7.23 34.65
N LEU A 327 18.46 7.65 35.68
CA LEU A 327 18.49 9.05 36.10
C LEU A 327 19.91 9.61 36.20
N GLU A 328 20.82 8.81 36.75
CA GLU A 328 22.21 9.23 36.93
C GLU A 328 22.93 9.62 35.64
N LYS A 329 22.42 9.17 34.50
CA LYS A 329 23.02 9.53 33.22
C LYS A 329 22.18 10.58 32.51
N ALA A 330 21.54 11.43 33.30
CA ALA A 330 20.69 12.48 32.78
C ALA A 330 21.42 13.42 31.83
N LEU A 331 22.66 13.79 32.16
CA LEU A 331 23.40 14.69 31.31
C LEU A 331 23.64 14.06 29.94
N GLU A 332 24.01 12.78 29.93
CA GLU A 332 24.23 12.10 28.67
C GLU A 332 22.92 12.03 27.88
N ALA A 333 21.81 11.87 28.60
CA ALA A 333 20.50 11.81 27.96
C ALA A 333 20.18 13.13 27.26
N PHE A 334 20.50 14.24 27.91
CA PHE A 334 20.25 15.56 27.34
C PHE A 334 21.17 15.86 26.16
N GLU A 335 22.42 15.40 26.23
CA GLU A 335 23.36 15.62 25.14
C GLU A 335 22.86 14.79 23.95
N THR A 336 22.29 13.63 24.25
CA THR A 336 21.76 12.75 23.21
C THR A 336 20.56 13.39 22.53
N PHE A 337 19.68 13.99 23.32
CA PHE A 337 18.50 14.65 22.78
C PHE A 337 18.95 15.72 21.79
N LYS A 338 19.97 16.46 22.16
CA LYS A 338 20.48 17.54 21.34
C LYS A 338 21.04 17.07 20.01
N LYS A 339 21.48 15.82 19.93
CA LYS A 339 22.02 15.29 18.69
C LYS A 339 20.94 15.13 17.62
N GLY A 340 19.70 15.44 17.98
CA GLY A 340 18.59 15.35 17.03
C GLY A 340 18.18 13.99 16.52
N LEU A 341 18.87 12.93 16.94
CA LEU A 341 18.53 11.59 16.49
C LEU A 341 17.59 10.90 17.48
N GLY A 342 16.56 10.25 16.95
CA GLY A 342 15.62 9.57 17.82
C GLY A 342 14.33 10.35 17.99
N LEU A 343 13.47 9.84 18.85
CA LEU A 343 12.17 10.48 19.10
C LEU A 343 11.98 10.78 20.58
N LYS A 344 11.75 9.74 21.38
CA LYS A 344 11.54 9.91 22.81
C LYS A 344 12.61 9.24 23.66
N ILE A 345 13.27 10.02 24.49
CA ILE A 345 14.30 9.50 25.39
C ILE A 345 13.70 9.35 26.80
N MET A 346 13.81 8.14 27.36
CA MET A 346 13.27 7.84 28.69
C MET A 346 14.33 7.78 29.78
N LEU A 347 13.98 8.32 30.94
CA LEU A 347 14.88 8.31 32.09
C LEU A 347 14.27 7.38 33.12
N LYS A 348 15.10 6.48 33.65
CA LYS A 348 14.66 5.50 34.64
C LYS A 348 15.16 5.87 36.03
N CYS A 349 14.21 6.32 36.86
CA CYS A 349 14.52 6.80 38.21
C CYS A 349 14.51 5.78 39.34
N ASP A 350 13.95 4.60 39.11
CA ASP A 350 13.86 3.58 40.15
C ASP A 350 14.96 2.53 39.99
N PRO A 351 16.00 2.57 40.83
CA PRO A 351 17.11 1.60 40.75
C PRO A 351 16.66 0.14 40.85
N SER A 352 15.54 -0.11 41.53
CA SER A 352 15.05 -1.48 41.69
C SER A 352 14.35 -2.02 40.44
N ASP A 353 14.07 -1.15 39.49
CA ASP A 353 13.39 -1.58 38.26
C ASP A 353 13.65 -0.61 37.11
N GLN A 354 14.59 -0.99 36.24
CA GLN A 354 14.98 -0.18 35.10
C GLN A 354 14.34 -0.66 33.80
N ASN A 355 13.34 -1.52 33.91
CA ASN A 355 12.66 -2.05 32.74
C ASN A 355 11.56 -1.09 32.25
N PRO A 356 10.99 -1.36 31.07
CA PRO A 356 9.94 -0.52 30.50
C PRO A 356 8.71 -0.51 31.41
N ALA B 1 -36.39 -7.29 -38.41
CA ALA B 1 -37.02 -6.61 -37.24
C ALA B 1 -35.97 -5.81 -36.47
N ALA B 2 -36.42 -4.94 -35.57
CA ALA B 2 -35.51 -4.12 -34.78
C ALA B 2 -34.80 -4.95 -33.71
N ALA B 3 -33.73 -4.40 -33.16
CA ALA B 3 -32.96 -5.07 -32.12
C ALA B 3 -33.82 -5.17 -30.86
N ALA B 4 -33.53 -6.18 -30.04
CA ALA B 4 -34.28 -6.35 -28.80
C ALA B 4 -33.99 -5.20 -27.85
N LYS B 5 -35.03 -4.69 -27.20
CA LYS B 5 -34.89 -3.60 -26.25
C LYS B 5 -34.39 -4.16 -24.92
N PRO B 6 -33.78 -3.31 -24.08
CA PRO B 6 -33.31 -3.85 -22.80
C PRO B 6 -34.55 -4.08 -21.94
N ASN B 7 -34.39 -4.79 -20.83
CA ASN B 7 -35.53 -5.03 -19.96
C ASN B 7 -35.27 -4.38 -18.61
N ASN B 8 -36.31 -4.26 -17.81
CA ASN B 8 -36.16 -3.71 -16.49
C ASN B 8 -36.96 -4.52 -15.49
N LEU B 9 -36.59 -5.80 -15.38
CA LEU B 9 -37.23 -6.73 -14.45
C LEU B 9 -37.10 -6.14 -13.05
N SER B 10 -38.20 -6.13 -12.30
CA SER B 10 -38.19 -5.56 -10.96
C SER B 10 -38.87 -6.46 -9.93
N LEU B 11 -38.39 -6.39 -8.69
CA LEU B 11 -38.99 -7.18 -7.61
C LEU B 11 -40.04 -6.26 -6.99
N VAL B 12 -41.30 -6.64 -7.13
CA VAL B 12 -42.40 -5.83 -6.63
C VAL B 12 -43.27 -6.47 -5.56
N VAL B 13 -43.64 -5.69 -4.55
CA VAL B 13 -44.53 -6.18 -3.50
C VAL B 13 -45.90 -5.58 -3.80
N HIS B 14 -46.89 -6.45 -4.03
CA HIS B 14 -48.24 -6.01 -4.33
C HIS B 14 -49.11 -5.94 -3.09
N GLY B 15 -48.72 -6.68 -2.06
CA GLY B 15 -49.47 -6.70 -0.82
C GLY B 15 -48.86 -7.74 0.09
N PRO B 16 -49.40 -7.91 1.31
CA PRO B 16 -48.86 -8.89 2.25
C PRO B 16 -48.64 -10.26 1.60
N GLY B 17 -47.42 -10.75 1.67
CA GLY B 17 -47.09 -12.04 1.09
C GLY B 17 -47.16 -12.12 -0.42
N ASP B 18 -47.37 -10.99 -1.10
CA ASP B 18 -47.46 -11.00 -2.56
C ASP B 18 -46.24 -10.33 -3.21
N LEU B 19 -45.24 -11.16 -3.53
CA LEU B 19 -44.00 -10.70 -4.14
C LEU B 19 -43.93 -11.19 -5.60
N ARG B 20 -43.58 -10.30 -6.52
CA ARG B 20 -43.51 -10.69 -7.92
C ARG B 20 -42.35 -10.09 -8.69
N LEU B 21 -41.94 -10.80 -9.73
CA LEU B 21 -40.88 -10.34 -10.61
C LEU B 21 -41.63 -9.97 -11.88
N GLU B 22 -41.61 -8.68 -12.24
CA GLU B 22 -42.29 -8.20 -13.43
C GLU B 22 -41.47 -7.12 -14.12
N ASN B 23 -41.71 -6.93 -15.41
CA ASN B 23 -40.97 -5.94 -16.17
C ASN B 23 -41.54 -4.53 -16.02
N TYR B 24 -40.64 -3.55 -15.90
CA TYR B 24 -41.04 -2.15 -15.77
C TYR B 24 -40.45 -1.36 -16.94
N PRO B 25 -40.99 -0.16 -17.20
CA PRO B 25 -40.47 0.67 -18.30
C PRO B 25 -39.06 1.10 -17.91
N ILE B 26 -38.29 1.56 -18.88
CA ILE B 26 -36.95 2.03 -18.58
C ILE B 26 -37.03 3.51 -18.26
N PRO B 27 -36.56 3.91 -17.07
CA PRO B 27 -36.59 5.32 -16.66
C PRO B 27 -35.76 6.22 -17.57
N GLU B 28 -36.19 7.47 -17.69
CA GLU B 28 -35.48 8.46 -18.49
C GLU B 28 -35.03 9.53 -17.50
N PRO B 29 -33.73 9.73 -17.35
CA PRO B 29 -33.20 10.72 -16.41
C PRO B 29 -33.48 12.18 -16.76
N GLY B 30 -33.88 12.94 -15.74
CA GLY B 30 -34.13 14.35 -15.93
C GLY B 30 -32.77 15.05 -15.95
N PRO B 31 -32.75 16.38 -16.14
CA PRO B 31 -31.52 17.18 -16.19
C PRO B 31 -30.51 16.94 -15.05
N ASN B 32 -30.99 16.72 -13.83
CA ASN B 32 -30.07 16.50 -12.73
C ASN B 32 -30.14 15.09 -12.17
N GLU B 33 -30.49 14.15 -13.03
CA GLU B 33 -30.57 12.75 -12.63
C GLU B 33 -29.66 11.92 -13.52
N VAL B 34 -29.41 10.69 -13.09
CA VAL B 34 -28.58 9.77 -13.85
C VAL B 34 -29.34 8.45 -13.91
N LEU B 35 -29.14 7.70 -14.97
CA LEU B 35 -29.78 6.39 -15.10
C LEU B 35 -28.71 5.38 -14.71
N LEU B 36 -29.03 4.49 -13.78
CA LEU B 36 -28.07 3.49 -13.34
C LEU B 36 -28.43 2.07 -13.77
N ARG B 37 -27.41 1.32 -14.18
CA ARG B 37 -27.58 -0.08 -14.51
C ARG B 37 -27.24 -0.70 -13.15
N MET B 38 -28.27 -1.15 -12.46
CA MET B 38 -28.10 -1.71 -11.13
C MET B 38 -27.17 -2.90 -11.07
N HIS B 39 -26.33 -2.95 -10.04
CA HIS B 39 -25.38 -4.04 -9.89
C HIS B 39 -25.61 -4.88 -8.63
N SER B 40 -25.40 -4.28 -7.46
CA SER B 40 -25.58 -4.99 -6.21
C SER B 40 -26.57 -4.31 -5.29
N VAL B 41 -27.49 -5.10 -4.73
CA VAL B 41 -28.49 -4.58 -3.81
C VAL B 41 -28.70 -5.49 -2.62
N GLY B 42 -28.38 -5.00 -1.43
CA GLY B 42 -28.57 -5.80 -0.23
C GLY B 42 -29.98 -5.55 0.29
N ILE B 43 -30.54 -6.51 1.03
CA ILE B 43 -31.88 -6.36 1.58
C ILE B 43 -31.82 -6.40 3.11
N CYS B 44 -32.83 -5.82 3.75
CA CYS B 44 -32.88 -5.81 5.21
C CYS B 44 -34.32 -5.97 5.68
N GLY B 45 -34.49 -5.97 7.00
CA GLY B 45 -35.80 -6.14 7.59
C GLY B 45 -36.90 -5.26 7.01
N SER B 46 -36.56 -4.05 6.58
CA SER B 46 -37.56 -3.15 6.02
C SER B 46 -38.20 -3.73 4.76
N ASP B 47 -37.39 -4.20 3.81
CA ASP B 47 -37.92 -4.77 2.57
C ASP B 47 -38.76 -5.99 2.92
N VAL B 48 -38.17 -6.87 3.74
CA VAL B 48 -38.82 -8.09 4.17
C VAL B 48 -40.12 -7.81 4.92
N HIS B 49 -40.14 -6.76 5.73
CA HIS B 49 -41.33 -6.42 6.50
C HIS B 49 -42.45 -5.91 5.59
N TYR B 50 -42.10 -5.10 4.58
CA TYR B 50 -43.11 -4.59 3.65
C TYR B 50 -43.72 -5.75 2.88
N TRP B 51 -42.93 -6.78 2.68
CA TRP B 51 -43.38 -7.97 1.97
C TRP B 51 -44.36 -8.76 2.83
N GLU B 52 -43.98 -9.01 4.07
CA GLU B 52 -44.82 -9.78 4.99
C GLU B 52 -46.10 -9.06 5.42
N TYR B 53 -45.98 -7.84 5.92
CA TYR B 53 -47.15 -7.12 6.40
C TYR B 53 -47.65 -5.98 5.52
N GLY B 54 -46.95 -5.70 4.43
CA GLY B 54 -47.38 -4.63 3.55
C GLY B 54 -47.31 -3.26 4.20
N ARG B 55 -46.58 -3.16 5.31
CA ARG B 55 -46.45 -1.90 6.01
C ARG B 55 -45.45 -1.95 7.15
N ILE B 56 -45.08 -0.77 7.64
CA ILE B 56 -44.18 -0.60 8.76
C ILE B 56 -44.65 0.70 9.41
N GLY B 57 -45.33 0.58 10.55
CA GLY B 57 -45.84 1.77 11.19
C GLY B 57 -46.86 2.43 10.27
N ASN B 58 -46.76 3.74 10.12
CA ASN B 58 -47.66 4.48 9.25
C ASN B 58 -47.28 4.38 7.78
N PHE B 59 -46.10 3.83 7.50
CA PHE B 59 -45.62 3.65 6.13
C PHE B 59 -46.29 2.41 5.55
N ILE B 60 -47.31 2.60 4.72
CA ILE B 60 -47.99 1.45 4.17
C ILE B 60 -48.07 1.43 2.64
N VAL B 61 -47.90 0.23 2.09
CA VAL B 61 -47.95 0.01 0.66
C VAL B 61 -49.39 0.07 0.17
N LYS B 62 -49.74 1.14 -0.54
CA LYS B 62 -51.10 1.31 -1.06
C LYS B 62 -51.22 0.90 -2.52
N LYS B 63 -50.07 0.77 -3.17
CA LYS B 63 -50.02 0.35 -4.58
C LYS B 63 -48.73 -0.44 -4.73
N PRO B 64 -48.63 -1.29 -5.75
CA PRO B 64 -47.40 -2.08 -5.96
C PRO B 64 -46.14 -1.24 -5.84
N MET B 65 -45.22 -1.68 -4.98
CA MET B 65 -43.98 -0.95 -4.77
C MET B 65 -42.74 -1.80 -5.03
N VAL B 66 -41.81 -1.24 -5.79
CA VAL B 66 -40.55 -1.93 -6.07
C VAL B 66 -39.72 -1.87 -4.79
N LEU B 67 -39.13 -2.99 -4.39
CA LEU B 67 -38.32 -3.04 -3.18
C LEU B 67 -36.84 -2.72 -3.44
N GLY B 68 -36.04 -2.73 -2.38
CA GLY B 68 -34.61 -2.46 -2.51
C GLY B 68 -34.19 -1.01 -2.27
N HIS B 69 -33.17 -0.82 -1.43
CA HIS B 69 -32.67 0.53 -1.15
C HIS B 69 -31.21 0.60 -0.71
N GLU B 70 -30.51 -0.55 -0.69
CA GLU B 70 -29.09 -0.55 -0.31
C GLU B 70 -28.35 -0.97 -1.56
N ALA B 71 -28.01 -0.03 -2.42
CA ALA B 71 -27.38 -0.42 -3.68
C ALA B 71 -26.24 0.40 -4.29
N SER B 72 -25.67 -0.18 -5.33
CA SER B 72 -24.60 0.42 -6.10
C SER B 72 -24.88 0.00 -7.54
N GLY B 73 -24.25 0.68 -8.49
CA GLY B 73 -24.47 0.34 -9.88
C GLY B 73 -23.54 1.10 -10.79
N THR B 74 -23.83 1.05 -12.09
CA THR B 74 -23.02 1.72 -13.07
C THR B 74 -23.85 2.78 -13.80
N VAL B 75 -23.26 3.96 -13.97
CA VAL B 75 -23.95 5.04 -14.67
C VAL B 75 -24.09 4.64 -16.14
N GLU B 76 -25.33 4.65 -16.61
CA GLU B 76 -25.62 4.28 -17.99
C GLU B 76 -25.86 5.53 -18.84
N LYS B 77 -26.46 6.55 -18.23
CA LYS B 77 -26.77 7.79 -18.92
C LYS B 77 -26.92 8.92 -17.90
N VAL B 78 -26.56 10.14 -18.28
CA VAL B 78 -26.67 11.28 -17.37
C VAL B 78 -27.51 12.42 -17.95
N GLY B 79 -28.20 13.13 -17.06
CA GLY B 79 -29.04 14.24 -17.48
C GLY B 79 -28.23 15.38 -18.07
N SER B 80 -28.91 16.25 -18.81
CA SER B 80 -28.24 17.38 -19.47
C SER B 80 -27.46 18.31 -18.54
N SER B 81 -27.77 18.27 -17.24
CA SER B 81 -27.07 19.15 -16.29
C SER B 81 -26.05 18.46 -15.40
N VAL B 82 -25.95 17.14 -15.47
CA VAL B 82 -24.99 16.41 -14.64
C VAL B 82 -23.57 16.62 -15.12
N LYS B 83 -22.65 16.88 -14.21
CA LYS B 83 -21.27 17.13 -14.60
C LYS B 83 -20.21 16.34 -13.81
N HIS B 84 -20.57 15.80 -12.66
CA HIS B 84 -19.60 15.05 -11.87
C HIS B 84 -19.66 13.54 -12.12
N LEU B 85 -20.59 13.13 -13.00
CA LEU B 85 -20.74 11.72 -13.35
C LEU B 85 -20.87 11.57 -14.86
N LYS B 86 -20.31 10.48 -15.39
CA LYS B 86 -20.37 10.21 -16.82
C LYS B 86 -20.66 8.72 -17.01
N PRO B 87 -21.12 8.33 -18.23
CA PRO B 87 -21.42 6.92 -18.47
C PRO B 87 -20.24 6.04 -18.11
N GLY B 88 -20.52 4.93 -17.42
CA GLY B 88 -19.47 4.01 -17.04
C GLY B 88 -18.98 4.15 -15.60
N ASP B 89 -19.29 5.27 -14.95
CA ASP B 89 -18.85 5.45 -13.57
C ASP B 89 -19.54 4.47 -12.65
N ARG B 90 -18.76 3.86 -11.75
CA ARG B 90 -19.30 2.93 -10.77
C ARG B 90 -19.71 3.84 -9.60
N VAL B 91 -20.92 3.67 -9.09
CA VAL B 91 -21.39 4.53 -8.01
C VAL B 91 -22.21 3.85 -6.91
N ALA B 92 -22.17 4.47 -5.73
CA ALA B 92 -22.93 4.02 -4.58
C ALA B 92 -24.16 4.95 -4.58
N ILE B 93 -25.33 4.40 -4.28
CA ILE B 93 -26.56 5.19 -4.29
C ILE B 93 -27.12 5.46 -2.90
N GLU B 94 -27.25 6.74 -2.53
CA GLU B 94 -27.84 7.10 -1.25
C GLU B 94 -29.34 7.20 -1.56
N PRO B 95 -30.14 6.27 -1.02
CA PRO B 95 -31.60 6.23 -1.24
C PRO B 95 -32.44 7.46 -0.88
N GLY B 96 -32.00 8.23 0.12
CA GLY B 96 -32.76 9.40 0.53
C GLY B 96 -32.36 10.67 -0.17
N ALA B 97 -33.24 11.19 -1.02
CA ALA B 97 -32.98 12.41 -1.76
C ALA B 97 -34.14 13.41 -1.57
N PRO B 98 -33.84 14.58 -0.99
CA PRO B 98 -34.83 15.64 -0.74
C PRO B 98 -35.48 16.15 -2.01
N ARG B 99 -36.77 16.42 -1.95
CA ARG B 99 -37.48 16.93 -3.11
C ARG B 99 -37.47 18.46 -3.12
N GLU B 100 -37.21 19.07 -1.97
CA GLU B 100 -37.15 20.52 -1.89
C GLU B 100 -36.14 21.00 -0.84
N ASN B 101 -35.53 22.15 -1.10
CA ASN B 101 -34.54 22.71 -0.20
C ASN B 101 -35.20 23.49 0.94
N ASP B 102 -35.82 22.76 1.86
CA ASP B 102 -36.49 23.37 3.02
C ASP B 102 -35.47 23.66 4.11
N GLU B 103 -35.95 24.17 5.24
N GLU B 103 -35.93 24.18 5.24
CA GLU B 103 -35.08 24.52 6.36
CA GLU B 103 -35.03 24.51 6.34
C GLU B 103 -34.24 23.34 6.89
C GLU B 103 -34.21 23.34 6.84
N PHE B 104 -34.74 22.13 6.74
CA PHE B 104 -34.02 20.95 7.20
C PHE B 104 -32.77 20.69 6.35
N CYS B 105 -32.90 20.86 5.04
CA CYS B 105 -31.77 20.66 4.13
C CYS B 105 -30.76 21.77 4.34
N LYS B 106 -31.24 23.01 4.44
CA LYS B 106 -30.37 24.15 4.63
C LYS B 106 -29.56 24.08 5.92
N MET B 107 -30.18 23.57 6.99
N MET B 107 -30.19 23.57 6.98
CA MET B 107 -29.48 23.47 8.27
CA MET B 107 -29.52 23.45 8.27
C MET B 107 -28.54 22.27 8.30
C MET B 107 -28.59 22.24 8.33
N GLY B 108 -28.59 21.43 7.28
CA GLY B 108 -27.72 20.27 7.22
C GLY B 108 -28.28 18.94 7.74
N ARG B 109 -29.60 18.87 7.94
CA ARG B 109 -30.21 17.63 8.41
C ARG B 109 -31.30 17.20 7.43
N TYR B 110 -30.93 17.05 6.17
CA TYR B 110 -31.87 16.69 5.12
C TYR B 110 -32.66 15.39 5.34
N ASN B 111 -32.13 14.50 6.19
CA ASN B 111 -32.84 13.25 6.45
C ASN B 111 -34.18 13.51 7.12
N LEU B 112 -34.31 14.69 7.74
CA LEU B 112 -35.54 15.08 8.42
C LEU B 112 -36.54 15.80 7.53
N SER B 113 -36.13 16.11 6.30
CA SER B 113 -37.03 16.78 5.36
C SER B 113 -38.30 15.96 5.21
N PRO B 114 -39.47 16.56 5.53
CA PRO B 114 -40.78 15.90 5.45
C PRO B 114 -41.15 15.29 4.12
N SER B 115 -40.76 15.94 3.03
CA SER B 115 -41.10 15.45 1.69
C SER B 115 -39.96 14.71 0.98
N ILE B 116 -39.05 14.12 1.74
CA ILE B 116 -37.93 13.42 1.13
C ILE B 116 -38.33 12.16 0.38
N PHE B 117 -37.66 11.92 -0.75
CA PHE B 117 -37.90 10.70 -1.53
C PHE B 117 -36.98 9.64 -0.93
N PHE B 118 -37.50 8.43 -0.73
CA PHE B 118 -36.66 7.35 -0.18
C PHE B 118 -37.03 5.99 -0.77
N CYS B 119 -36.07 5.38 -1.44
CA CYS B 119 -36.24 4.07 -2.08
C CYS B 119 -36.91 2.99 -1.20
N ALA B 120 -37.93 2.35 -1.76
CA ALA B 120 -38.62 1.24 -1.10
C ALA B 120 -39.41 1.54 0.19
N THR B 121 -39.72 2.80 0.43
CA THR B 121 -40.56 3.15 1.57
C THR B 121 -41.74 3.78 0.84
N PRO B 122 -42.91 3.11 0.89
CA PRO B 122 -44.11 3.63 0.23
C PRO B 122 -44.33 5.12 0.42
N PRO B 123 -44.73 5.83 -0.65
CA PRO B 123 -44.97 5.27 -1.99
C PRO B 123 -43.82 5.38 -2.99
N ASP B 124 -42.57 5.45 -2.51
CA ASP B 124 -41.44 5.56 -3.43
C ASP B 124 -40.82 4.22 -3.85
N ASP B 125 -40.77 3.97 -5.16
CA ASP B 125 -40.20 2.71 -5.66
C ASP B 125 -38.71 2.57 -5.38
N GLY B 126 -38.32 1.36 -5.00
CA GLY B 126 -36.93 1.06 -4.69
C GLY B 126 -36.09 0.78 -5.92
N ASN B 127 -34.90 0.19 -5.72
CA ASN B 127 -34.02 -0.10 -6.84
C ASN B 127 -33.59 -1.55 -7.06
N LEU B 128 -34.45 -2.49 -6.69
CA LEU B 128 -34.15 -3.92 -6.92
C LEU B 128 -34.68 -4.21 -8.33
N CYS B 129 -33.94 -3.75 -9.33
CA CYS B 129 -34.35 -3.91 -10.72
C CYS B 129 -33.11 -3.76 -11.62
N ARG B 130 -33.32 -3.68 -12.93
CA ARG B 130 -32.22 -3.56 -13.89
C ARG B 130 -31.75 -2.12 -14.06
N PHE B 131 -32.69 -1.23 -14.33
CA PHE B 131 -32.38 0.18 -14.54
C PHE B 131 -33.15 1.08 -13.58
N TYR B 132 -32.44 2.03 -12.99
CA TYR B 132 -33.02 2.92 -12.00
C TYR B 132 -32.47 4.35 -12.16
N LYS B 133 -33.34 5.35 -12.05
CA LYS B 133 -32.84 6.73 -12.16
C LYS B 133 -32.86 7.35 -10.76
N HIS B 134 -31.91 8.23 -10.50
CA HIS B 134 -31.79 8.85 -9.18
C HIS B 134 -31.16 10.24 -9.30
N ASN B 135 -31.35 11.06 -8.28
CA ASN B 135 -30.78 12.40 -8.28
C ASN B 135 -29.25 12.27 -8.28
N ALA B 136 -28.61 12.91 -9.26
CA ALA B 136 -27.16 12.83 -9.41
C ALA B 136 -26.33 13.24 -8.20
N ALA B 137 -26.84 14.16 -7.39
CA ALA B 137 -26.10 14.60 -6.22
C ALA B 137 -26.04 13.49 -5.17
N PHE B 138 -26.91 12.51 -5.29
CA PHE B 138 -26.91 11.42 -4.33
C PHE B 138 -26.40 10.09 -4.86
N CYS B 139 -25.57 10.18 -5.89
CA CYS B 139 -24.91 9.02 -6.49
C CYS B 139 -23.43 9.36 -6.36
N TYR B 140 -22.70 8.54 -5.62
CA TYR B 140 -21.28 8.81 -5.38
C TYR B 140 -20.35 7.83 -6.09
N LYS B 141 -19.38 8.39 -6.80
CA LYS B 141 -18.42 7.58 -7.54
C LYS B 141 -17.59 6.71 -6.59
N LEU B 142 -17.43 5.45 -6.97
CA LEU B 142 -16.66 4.53 -6.15
C LEU B 142 -15.22 4.47 -6.64
N PRO B 143 -14.25 4.45 -5.70
CA PRO B 143 -12.85 4.38 -6.12
C PRO B 143 -12.66 2.98 -6.71
N ASP B 144 -11.62 2.80 -7.52
CA ASP B 144 -11.35 1.51 -8.14
C ASP B 144 -11.13 0.35 -7.15
N ASN B 145 -10.56 0.65 -5.98
CA ASN B 145 -10.30 -0.40 -4.99
C ASN B 145 -11.48 -0.69 -4.06
N VAL B 146 -12.66 -0.19 -4.41
CA VAL B 146 -13.86 -0.45 -3.61
C VAL B 146 -14.84 -1.20 -4.51
N THR B 147 -15.32 -2.36 -4.05
CA THR B 147 -16.22 -3.18 -4.86
C THR B 147 -17.68 -2.74 -4.83
N PHE B 148 -18.44 -3.22 -5.81
CA PHE B 148 -19.86 -2.89 -5.88
C PHE B 148 -20.57 -3.27 -4.59
N GLU B 149 -20.29 -4.45 -4.06
CA GLU B 149 -20.94 -4.88 -2.84
C GLU B 149 -20.58 -3.99 -1.66
N GLU B 150 -19.35 -3.51 -1.61
CA GLU B 150 -18.96 -2.60 -0.54
C GLU B 150 -19.79 -1.33 -0.72
N GLY B 151 -19.97 -0.93 -1.97
CA GLY B 151 -20.75 0.26 -2.26
C GLY B 151 -22.16 0.11 -1.73
N ALA B 152 -22.73 -1.07 -1.95
CA ALA B 152 -24.09 -1.36 -1.49
C ALA B 152 -24.18 -1.45 0.03
N LEU B 153 -23.07 -1.84 0.66
CA LEU B 153 -23.03 -1.96 2.11
C LEU B 153 -22.92 -0.61 2.81
N ILE B 154 -22.65 0.44 2.04
CA ILE B 154 -22.53 1.78 2.62
C ILE B 154 -23.86 2.19 3.27
N GLU B 155 -24.97 1.75 2.70
CA GLU B 155 -26.29 2.09 3.23
C GLU B 155 -26.42 1.57 4.68
N PRO B 156 -26.28 0.25 4.89
CA PRO B 156 -26.41 -0.21 6.28
C PRO B 156 -25.28 0.32 7.17
N LEU B 157 -24.11 0.53 6.59
CA LEU B 157 -22.98 1.06 7.36
C LEU B 157 -23.30 2.47 7.86
N SER B 158 -23.97 3.25 7.00
CA SER B 158 -24.34 4.63 7.33
C SER B 158 -25.31 4.71 8.51
N VAL B 159 -26.12 3.68 8.72
CA VAL B 159 -27.05 3.66 9.84
C VAL B 159 -26.20 3.65 11.12
N GLY B 160 -25.10 2.88 11.07
CA GLY B 160 -24.20 2.80 12.20
C GLY B 160 -23.41 4.09 12.40
N ILE B 161 -23.00 4.70 11.30
CA ILE B 161 -22.24 5.95 11.37
C ILE B 161 -23.10 7.06 11.98
N HIS B 162 -24.33 7.19 11.50
CA HIS B 162 -25.26 8.20 12.01
C HIS B 162 -25.56 7.95 13.47
N ALA B 163 -25.75 6.69 13.84
CA ALA B 163 -26.05 6.33 15.23
C ALA B 163 -24.89 6.68 16.16
N CYS B 164 -23.67 6.30 15.78
CA CYS B 164 -22.48 6.60 16.59
C CYS B 164 -22.23 8.11 16.68
N ARG B 165 -22.53 8.82 15.60
CA ARG B 165 -22.36 10.27 15.61
C ARG B 165 -23.33 10.91 16.60
N ARG B 166 -24.61 10.57 16.47
CA ARG B 166 -25.61 11.11 17.36
C ARG B 166 -25.33 10.75 18.82
N GLY B 167 -24.70 9.60 19.02
CA GLY B 167 -24.36 9.16 20.37
C GLY B 167 -23.11 9.82 20.91
N GLY B 168 -22.33 10.42 20.01
CA GLY B 168 -21.10 11.07 20.43
C GLY B 168 -19.94 10.13 20.69
N VAL B 169 -19.97 8.95 20.07
CA VAL B 169 -18.89 7.98 20.26
C VAL B 169 -17.58 8.60 19.82
N THR B 170 -16.56 8.50 20.68
CA THR B 170 -15.27 9.06 20.33
C THR B 170 -14.12 8.30 21.03
N LEU B 171 -12.89 8.77 20.79
CA LEU B 171 -11.69 8.14 21.34
C LEU B 171 -11.73 7.70 22.82
N GLY B 172 -11.43 6.42 23.04
CA GLY B 172 -11.39 5.90 24.40
C GLY B 172 -12.70 5.44 25.04
N HIS B 173 -13.83 5.72 24.38
CA HIS B 173 -15.11 5.33 24.93
C HIS B 173 -15.36 3.85 25.14
N LYS B 174 -16.23 3.57 26.11
CA LYS B 174 -16.67 2.23 26.43
C LYS B 174 -18.10 2.29 25.89
N VAL B 175 -18.39 1.48 24.89
CA VAL B 175 -19.70 1.47 24.24
C VAL B 175 -20.46 0.16 24.37
N LEU B 176 -21.75 0.27 24.69
CA LEU B 176 -22.62 -0.90 24.79
C LEU B 176 -23.51 -0.92 23.55
N VAL B 177 -23.59 -2.07 22.90
CA VAL B 177 -24.45 -2.24 21.73
C VAL B 177 -25.43 -3.35 22.04
N CYS B 178 -26.72 -3.01 22.12
CA CYS B 178 -27.75 -4.00 22.41
C CYS B 178 -28.28 -4.59 21.11
N GLY B 179 -27.98 -5.87 20.88
CA GLY B 179 -28.43 -6.53 19.67
C GLY B 179 -27.28 -6.83 18.73
N ALA B 180 -27.11 -8.10 18.37
CA ALA B 180 -26.03 -8.51 17.49
C ALA B 180 -26.52 -8.80 16.07
N GLY B 181 -27.63 -8.17 15.70
CA GLY B 181 -28.16 -8.35 14.36
C GLY B 181 -27.30 -7.51 13.43
N PRO B 182 -27.62 -7.44 12.13
CA PRO B 182 -26.80 -6.62 11.22
C PRO B 182 -26.62 -5.16 11.62
N ILE B 183 -27.63 -4.56 12.25
CA ILE B 183 -27.50 -3.16 12.67
C ILE B 183 -26.48 -3.05 13.78
N GLY B 184 -26.53 -3.97 14.74
CA GLY B 184 -25.58 -3.96 15.84
C GLY B 184 -24.17 -4.21 15.36
N MET B 185 -24.03 -5.05 14.34
CA MET B 185 -22.71 -5.35 13.79
C MET B 185 -22.06 -4.15 13.13
N VAL B 186 -22.80 -3.42 12.29
CA VAL B 186 -22.22 -2.24 11.65
C VAL B 186 -21.95 -1.19 12.72
N THR B 187 -22.82 -1.10 13.71
CA THR B 187 -22.63 -0.14 14.79
C THR B 187 -21.31 -0.47 15.50
N LEU B 188 -21.07 -1.77 15.69
CA LEU B 188 -19.83 -2.25 16.32
C LEU B 188 -18.62 -1.82 15.49
N LEU B 189 -18.64 -2.14 14.20
CA LEU B 189 -17.53 -1.79 13.31
C LEU B 189 -17.25 -0.29 13.34
N VAL B 190 -18.30 0.52 13.29
CA VAL B 190 -18.13 1.97 13.30
C VAL B 190 -17.59 2.49 14.63
N ALA B 191 -18.12 1.98 15.75
CA ALA B 191 -17.66 2.43 17.06
C ALA B 191 -16.17 2.20 17.21
N LYS B 192 -15.69 1.05 16.76
CA LYS B 192 -14.26 0.72 16.85
C LYS B 192 -13.44 1.64 15.93
N ALA B 193 -13.94 1.86 14.72
CA ALA B 193 -13.25 2.73 13.78
C ALA B 193 -13.14 4.15 14.33
N MET B 194 -14.09 4.52 15.19
CA MET B 194 -14.10 5.86 15.77
C MET B 194 -13.21 6.00 17.00
N GLY B 195 -12.58 4.91 17.42
CA GLY B 195 -11.69 4.97 18.56
C GLY B 195 -12.22 4.45 19.89
N ALA B 196 -13.34 3.75 19.88
CA ALA B 196 -13.86 3.23 21.15
C ALA B 196 -12.88 2.20 21.66
N ALA B 197 -12.55 2.29 22.95
CA ALA B 197 -11.61 1.37 23.59
C ALA B 197 -12.17 -0.03 23.69
N GLN B 198 -13.43 -0.12 24.08
CA GLN B 198 -14.08 -1.40 24.23
C GLN B 198 -15.54 -1.33 23.83
N VAL B 199 -15.98 -2.30 23.05
CA VAL B 199 -17.37 -2.38 22.65
C VAL B 199 -17.92 -3.71 23.17
N VAL B 200 -19.00 -3.63 23.93
CA VAL B 200 -19.63 -4.82 24.47
C VAL B 200 -20.98 -4.99 23.78
N VAL B 201 -21.20 -6.18 23.22
CA VAL B 201 -22.43 -6.49 22.51
C VAL B 201 -23.27 -7.54 23.23
N THR B 202 -24.57 -7.28 23.34
CA THR B 202 -25.48 -8.20 24.00
C THR B 202 -26.46 -8.76 22.97
N ASP B 203 -26.98 -9.95 23.24
CA ASP B 203 -27.93 -10.58 22.33
C ASP B 203 -28.48 -11.88 22.93
N LEU B 204 -29.61 -12.33 22.40
CA LEU B 204 -30.24 -13.55 22.87
C LEU B 204 -29.56 -14.77 22.27
N SER B 205 -29.04 -14.61 21.06
CA SER B 205 -28.37 -15.69 20.34
C SER B 205 -26.87 -15.79 20.58
N ALA B 206 -26.43 -16.95 21.04
CA ALA B 206 -25.02 -17.19 21.30
C ALA B 206 -24.27 -17.23 19.98
N THR B 207 -24.95 -17.71 18.94
CA THR B 207 -24.36 -17.79 17.61
C THR B 207 -24.04 -16.41 17.05
N ARG B 208 -24.96 -15.47 17.21
CA ARG B 208 -24.75 -14.12 16.72
C ARG B 208 -23.63 -13.43 17.48
N LEU B 209 -23.50 -13.75 18.76
CA LEU B 209 -22.45 -13.15 19.57
C LEU B 209 -21.09 -13.66 19.14
N SER B 210 -21.03 -14.94 18.79
CA SER B 210 -19.77 -15.54 18.34
C SER B 210 -19.32 -14.80 17.08
N LYS B 211 -20.28 -14.51 16.20
CA LYS B 211 -19.99 -13.80 14.96
C LYS B 211 -19.54 -12.38 15.31
N ALA B 212 -20.17 -11.79 16.33
CA ALA B 212 -19.81 -10.44 16.77
C ALA B 212 -18.34 -10.42 17.20
N LYS B 213 -17.94 -11.46 17.90
CA LYS B 213 -16.56 -11.58 18.35
C LYS B 213 -15.66 -11.56 17.12
N GLU B 214 -16.00 -12.38 16.15
CA GLU B 214 -15.24 -12.48 14.91
C GLU B 214 -14.96 -11.16 14.21
N ILE B 215 -15.88 -10.20 14.30
CA ILE B 215 -15.64 -8.93 13.62
C ILE B 215 -15.11 -7.81 14.49
N GLY B 216 -14.85 -8.08 15.77
CA GLY B 216 -14.31 -7.02 16.61
C GLY B 216 -14.91 -6.76 17.98
N ALA B 217 -15.99 -7.44 18.34
CA ALA B 217 -16.58 -7.21 19.65
C ALA B 217 -15.55 -7.54 20.72
N ASP B 218 -15.28 -6.59 21.62
CA ASP B 218 -14.32 -6.80 22.68
C ASP B 218 -14.89 -7.72 23.75
N LEU B 219 -16.19 -7.61 23.97
CA LEU B 219 -16.88 -8.41 24.98
C LEU B 219 -18.29 -8.69 24.48
N VAL B 220 -18.83 -9.83 24.91
CA VAL B 220 -20.19 -10.22 24.53
C VAL B 220 -20.91 -10.75 25.75
N LEU B 221 -22.22 -10.55 25.78
CA LEU B 221 -23.03 -11.01 26.89
C LEU B 221 -24.33 -11.57 26.35
N GLN B 222 -24.55 -12.86 26.55
CA GLN B 222 -25.79 -13.46 26.07
C GLN B 222 -26.86 -13.19 27.12
N ILE B 223 -28.02 -12.73 26.66
CA ILE B 223 -29.13 -12.42 27.55
C ILE B 223 -30.23 -13.46 27.50
N SER B 224 -30.73 -13.82 28.67
CA SER B 224 -31.81 -14.80 28.76
C SER B 224 -33.04 -14.16 29.38
N LYS B 225 -33.16 -14.26 30.70
CA LYS B 225 -34.32 -13.68 31.37
C LYS B 225 -33.96 -12.73 32.50
N GLU B 226 -32.75 -12.17 32.47
CA GLU B 226 -32.34 -11.22 33.50
C GLU B 226 -33.22 -9.99 33.37
N SER B 227 -33.25 -9.17 34.43
CA SER B 227 -34.06 -7.96 34.41
C SER B 227 -33.19 -6.83 33.86
N PRO B 228 -33.80 -5.71 33.47
CA PRO B 228 -33.04 -4.58 32.93
C PRO B 228 -31.94 -4.14 33.89
N GLN B 229 -32.26 -4.10 35.18
CA GLN B 229 -31.30 -3.71 36.20
C GLN B 229 -30.17 -4.74 36.24
N GLU B 230 -30.53 -6.01 36.10
CA GLU B 230 -29.55 -7.09 36.12
C GLU B 230 -28.66 -6.97 34.89
N ILE B 231 -29.27 -6.72 33.74
CA ILE B 231 -28.50 -6.58 32.50
C ILE B 231 -27.49 -5.46 32.67
N ALA B 232 -27.97 -4.31 33.16
CA ALA B 232 -27.10 -3.16 33.37
C ALA B 232 -25.95 -3.51 34.31
N ARG B 233 -26.24 -4.26 35.36
CA ARG B 233 -25.22 -4.68 36.32
C ARG B 233 -24.18 -5.58 35.66
N LYS B 234 -24.63 -6.55 34.88
CA LYS B 234 -23.72 -7.46 34.19
C LYS B 234 -22.80 -6.71 33.24
N VAL B 235 -23.37 -5.79 32.46
CA VAL B 235 -22.58 -5.02 31.51
C VAL B 235 -21.49 -4.25 32.24
N GLU B 236 -21.87 -3.55 33.30
CA GLU B 236 -20.93 -2.78 34.10
C GLU B 236 -19.90 -3.71 34.73
N GLY B 237 -20.37 -4.88 35.15
CA GLY B 237 -19.48 -5.85 35.75
C GLY B 237 -18.37 -6.20 34.80
N GLN B 238 -18.72 -6.42 33.53
CA GLN B 238 -17.72 -6.78 32.54
C GLN B 238 -16.80 -5.64 32.11
N LEU B 239 -17.34 -4.43 32.02
CA LEU B 239 -16.53 -3.29 31.60
C LEU B 239 -15.69 -2.73 32.73
N GLY B 240 -16.14 -2.92 33.96
CA GLY B 240 -15.42 -2.40 35.09
C GLY B 240 -15.85 -0.95 35.31
N CYS B 241 -16.84 -0.54 34.54
CA CYS B 241 -17.39 0.81 34.61
C CYS B 241 -18.66 0.89 33.77
N LYS B 242 -19.25 2.08 33.71
CA LYS B 242 -20.47 2.27 32.93
C LYS B 242 -20.08 2.87 31.58
N PRO B 243 -20.65 2.34 30.49
CA PRO B 243 -20.34 2.84 29.15
C PRO B 243 -20.86 4.27 28.93
N GLU B 244 -20.05 5.12 28.31
CA GLU B 244 -20.45 6.50 28.04
C GLU B 244 -21.56 6.57 26.99
N VAL B 245 -21.64 5.55 26.14
CA VAL B 245 -22.65 5.49 25.10
C VAL B 245 -23.26 4.11 24.95
N THR B 246 -24.57 4.09 24.76
CA THR B 246 -25.30 2.84 24.54
C THR B 246 -26.10 3.02 23.25
N ILE B 247 -25.96 2.07 22.34
CA ILE B 247 -26.68 2.12 21.07
C ILE B 247 -27.63 0.91 21.05
N GLU B 248 -28.91 1.18 21.31
CA GLU B 248 -29.94 0.15 21.36
C GLU B 248 -30.43 -0.19 19.96
N CYS B 249 -30.22 -1.43 19.53
CA CYS B 249 -30.60 -1.85 18.19
C CYS B 249 -31.73 -2.87 18.09
N THR B 250 -32.42 -3.17 19.17
CA THR B 250 -33.50 -4.16 19.11
C THR B 250 -34.89 -3.56 19.10
N GLY B 251 -35.03 -2.41 19.77
CA GLY B 251 -36.32 -1.75 19.83
C GLY B 251 -37.19 -2.29 20.95
N ALA B 252 -36.69 -3.30 21.66
CA ALA B 252 -37.44 -3.92 22.76
C ALA B 252 -37.43 -3.04 24.02
N GLU B 253 -38.60 -2.96 24.66
CA GLU B 253 -38.74 -2.15 25.87
C GLU B 253 -37.73 -2.50 26.96
N ALA B 254 -37.63 -3.79 27.27
CA ALA B 254 -36.71 -4.25 28.30
C ALA B 254 -35.29 -3.80 28.01
N SER B 255 -34.87 -3.94 26.75
CA SER B 255 -33.52 -3.56 26.35
C SER B 255 -33.30 -2.05 26.49
N ILE B 256 -34.30 -1.26 26.09
CA ILE B 256 -34.19 0.18 26.20
C ILE B 256 -34.05 0.57 27.67
N GLN B 257 -34.76 -0.13 28.54
CA GLN B 257 -34.68 0.14 29.96
C GLN B 257 -33.30 -0.16 30.50
N ALA B 258 -32.71 -1.25 30.03
CA ALA B 258 -31.37 -1.63 30.46
C ALA B 258 -30.38 -0.53 30.07
N GLY B 259 -30.57 0.02 28.87
CA GLY B 259 -29.69 1.07 28.39
C GLY B 259 -29.68 2.29 29.29
N ILE B 260 -30.86 2.68 29.79
CA ILE B 260 -30.98 3.84 30.67
C ILE B 260 -30.22 3.58 31.98
N TYR B 261 -30.40 2.39 32.54
CA TYR B 261 -29.74 2.00 33.78
C TYR B 261 -28.22 1.84 33.63
N ALA B 262 -27.79 1.32 32.48
CA ALA B 262 -26.38 1.05 32.23
C ALA B 262 -25.52 2.26 31.85
N THR B 263 -26.07 3.15 31.03
CA THR B 263 -25.32 4.31 30.56
C THR B 263 -24.78 5.23 31.65
N ARG B 264 -23.51 5.63 31.48
CA ARG B 264 -22.84 6.52 32.42
C ARG B 264 -23.56 7.86 32.48
N SER B 265 -23.56 8.48 33.67
CA SER B 265 -24.19 9.78 33.84
C SER B 265 -23.62 10.76 32.84
N GLY B 266 -24.48 11.59 32.24
CA GLY B 266 -24.02 12.55 31.27
C GLY B 266 -23.79 11.87 29.94
N GLY B 267 -24.07 10.57 29.89
CA GLY B 267 -23.89 9.81 28.67
C GLY B 267 -25.06 9.91 27.72
N THR B 268 -25.06 9.06 26.69
CA THR B 268 -26.12 9.06 25.70
C THR B 268 -26.62 7.67 25.28
N LEU B 269 -27.94 7.54 25.22
CA LEU B 269 -28.60 6.32 24.80
C LEU B 269 -29.23 6.60 23.43
N VAL B 270 -28.73 5.92 22.40
CA VAL B 270 -29.22 6.10 21.05
C VAL B 270 -30.20 4.96 20.71
N LEU B 271 -31.38 5.34 20.23
CA LEU B 271 -32.41 4.36 19.88
C LEU B 271 -32.45 4.16 18.38
N VAL B 272 -31.94 3.01 17.94
CA VAL B 272 -31.90 2.70 16.52
C VAL B 272 -32.96 1.67 16.15
N GLY B 273 -33.32 0.82 17.09
CA GLY B 273 -34.33 -0.19 16.81
C GLY B 273 -35.71 0.41 16.74
N LEU B 274 -36.59 -0.22 15.98
CA LEU B 274 -37.97 0.25 15.88
C LEU B 274 -38.84 -0.79 16.57
N GLY B 275 -39.59 -0.35 17.57
CA GLY B 275 -40.45 -1.26 18.30
C GLY B 275 -41.89 -0.80 18.29
N SER B 276 -42.50 -0.80 19.47
CA SER B 276 -43.88 -0.40 19.64
C SER B 276 -44.05 1.11 19.60
N GLU B 277 -45.28 1.55 19.36
CA GLU B 277 -45.59 2.97 19.33
C GLU B 277 -45.28 3.60 20.68
N MET B 278 -45.57 2.84 21.73
CA MET B 278 -45.34 3.30 23.10
C MET B 278 -44.34 2.41 23.83
N THR B 279 -43.59 3.01 24.75
CA THR B 279 -42.60 2.30 25.54
C THR B 279 -42.64 2.85 26.95
N THR B 280 -42.64 1.96 27.94
CA THR B 280 -42.64 2.40 29.33
C THR B 280 -41.19 2.38 29.77
N VAL B 281 -40.65 3.54 30.13
CA VAL B 281 -39.26 3.65 30.54
C VAL B 281 -39.07 4.52 31.78
N PRO B 282 -37.93 4.34 32.48
CA PRO B 282 -37.64 5.12 33.68
C PRO B 282 -36.99 6.46 33.34
N LEU B 283 -37.78 7.36 32.78
CA LEU B 283 -37.27 8.68 32.41
C LEU B 283 -36.66 9.39 33.60
N LEU B 284 -37.30 9.27 34.76
CA LEU B 284 -36.80 9.91 35.97
C LEU B 284 -35.33 9.53 36.19
N HIS B 285 -35.04 8.23 36.13
CA HIS B 285 -33.69 7.74 36.33
C HIS B 285 -32.74 8.44 35.34
N ALA B 286 -33.13 8.46 34.07
CA ALA B 286 -32.33 9.09 33.02
C ALA B 286 -32.12 10.58 33.23
N ALA B 287 -33.15 11.29 33.67
CA ALA B 287 -33.06 12.74 33.90
C ALA B 287 -32.14 13.10 35.05
N ILE B 288 -32.27 12.38 36.14
CA ILE B 288 -31.44 12.62 37.32
C ILE B 288 -29.94 12.51 37.03
N ARG B 289 -29.57 11.63 36.10
CA ARG B 289 -28.15 11.46 35.77
C ARG B 289 -27.82 12.04 34.40
N GLU B 290 -28.75 12.82 33.85
CA GLU B 290 -28.59 13.43 32.55
C GLU B 290 -28.10 12.47 31.45
N VAL B 291 -28.78 11.33 31.36
CA VAL B 291 -28.48 10.35 30.33
C VAL B 291 -29.43 10.74 29.20
N ASP B 292 -28.88 11.28 28.11
CA ASP B 292 -29.72 11.70 26.99
C ASP B 292 -30.26 10.54 26.18
N ILE B 293 -31.47 10.72 25.67
CA ILE B 293 -32.13 9.70 24.86
C ILE B 293 -32.34 10.28 23.48
N LYS B 294 -31.52 9.83 22.53
CA LYS B 294 -31.59 10.31 21.17
C LYS B 294 -31.99 9.23 20.20
N GLY B 295 -33.00 9.53 19.39
CA GLY B 295 -33.44 8.57 18.40
C GLY B 295 -32.74 8.90 17.10
N VAL B 296 -32.84 8.01 16.14
CA VAL B 296 -32.20 8.25 14.85
C VAL B 296 -33.16 7.87 13.73
N PHE B 297 -33.09 8.62 12.64
CA PHE B 297 -33.93 8.33 11.49
C PHE B 297 -33.04 8.25 10.26
N ARG B 298 -32.53 7.05 10.02
CA ARG B 298 -31.67 6.77 8.89
C ARG B 298 -30.31 7.47 8.96
N TYR B 299 -30.10 8.52 8.15
CA TYR B 299 -28.79 9.16 8.14
C TYR B 299 -28.70 10.40 7.26
N CYS B 300 -27.60 11.14 7.43
CA CYS B 300 -27.31 12.32 6.63
C CYS B 300 -25.79 12.56 6.60
N ASN B 301 -25.27 12.88 5.42
CA ASN B 301 -23.85 13.15 5.24
C ASN B 301 -22.91 12.01 5.67
N THR B 302 -23.17 10.80 5.17
CA THR B 302 -22.35 9.64 5.52
C THR B 302 -21.69 8.93 4.33
N TRP B 303 -22.20 9.14 3.13
CA TRP B 303 -21.64 8.45 1.97
C TRP B 303 -20.17 8.79 1.69
N PRO B 304 -19.83 10.08 1.56
CA PRO B 304 -18.44 10.43 1.28
C PRO B 304 -17.50 9.87 2.36
N VAL B 305 -17.90 10.02 3.61
CA VAL B 305 -17.11 9.51 4.74
C VAL B 305 -16.99 7.98 4.68
N ALA B 306 -18.08 7.31 4.32
CA ALA B 306 -18.07 5.86 4.23
C ALA B 306 -17.10 5.42 3.13
N ILE B 307 -17.17 6.10 1.98
CA ILE B 307 -16.30 5.77 0.87
C ILE B 307 -14.82 5.96 1.22
N SER B 308 -14.50 7.03 1.94
CA SER B 308 -13.11 7.27 2.31
C SER B 308 -12.58 6.19 3.25
N MET B 309 -13.45 5.67 4.11
N MET B 309 -13.44 5.67 4.12
CA MET B 309 -13.07 4.63 5.04
CA MET B 309 -13.05 4.62 5.05
C MET B 309 -12.83 3.29 4.34
C MET B 309 -12.81 3.30 4.32
N LEU B 310 -13.65 3.00 3.34
CA LEU B 310 -13.51 1.77 2.57
C LEU B 310 -12.31 1.87 1.64
N ALA B 311 -12.13 3.03 1.03
CA ALA B 311 -11.03 3.27 0.11
C ALA B 311 -9.65 3.22 0.78
N SER B 312 -9.63 3.48 2.08
CA SER B 312 -8.39 3.47 2.84
C SER B 312 -8.26 2.20 3.67
N LYS B 313 -9.20 1.28 3.46
CA LYS B 313 -9.20 0.01 4.17
C LYS B 313 -9.20 0.23 5.68
N SER B 314 -9.89 1.27 6.13
CA SER B 314 -9.95 1.56 7.56
C SER B 314 -11.01 0.70 8.24
N VAL B 315 -11.96 0.23 7.47
CA VAL B 315 -13.02 -0.62 7.99
C VAL B 315 -13.27 -1.74 6.98
N ASN B 316 -13.69 -2.90 7.46
CA ASN B 316 -13.96 -4.02 6.57
C ASN B 316 -15.36 -4.58 6.78
N VAL B 317 -16.24 -4.31 5.81
CA VAL B 317 -17.62 -4.76 5.89
C VAL B 317 -17.88 -6.03 5.08
N LYS B 318 -16.87 -6.51 4.35
CA LYS B 318 -17.04 -7.71 3.55
C LYS B 318 -17.53 -8.94 4.34
N PRO B 319 -17.04 -9.12 5.57
CA PRO B 319 -17.48 -10.28 6.35
C PRO B 319 -18.99 -10.29 6.66
N LEU B 320 -19.67 -9.19 6.37
CA LEU B 320 -21.11 -9.11 6.64
C LEU B 320 -21.97 -9.87 5.62
N VAL B 321 -21.49 -9.96 4.38
CA VAL B 321 -22.23 -10.66 3.33
C VAL B 321 -22.17 -12.18 3.52
N THR B 322 -23.30 -12.79 3.83
CA THR B 322 -23.35 -14.23 4.05
C THR B 322 -23.96 -15.02 2.89
N HIS B 323 -24.65 -14.32 1.99
N HIS B 323 -24.61 -14.32 1.97
CA HIS B 323 -25.29 -14.96 0.84
CA HIS B 323 -25.21 -14.97 0.81
C HIS B 323 -25.46 -13.96 -0.31
C HIS B 323 -25.45 -13.97 -0.30
N ARG B 324 -25.45 -14.47 -1.54
CA ARG B 324 -25.67 -13.63 -2.71
C ARG B 324 -26.45 -14.42 -3.75
N PHE B 325 -27.48 -13.79 -4.31
CA PHE B 325 -28.33 -14.40 -5.33
C PHE B 325 -28.52 -13.44 -6.48
N PRO B 326 -28.82 -13.97 -7.67
CA PRO B 326 -29.04 -13.07 -8.81
C PRO B 326 -30.45 -12.53 -8.58
N LEU B 327 -30.76 -11.38 -9.18
CA LEU B 327 -32.08 -10.78 -9.03
C LEU B 327 -33.22 -11.80 -9.20
N GLU B 328 -33.12 -12.63 -10.24
CA GLU B 328 -34.14 -13.62 -10.56
C GLU B 328 -34.48 -14.58 -9.43
N LYS B 329 -33.59 -14.73 -8.46
CA LYS B 329 -33.85 -15.62 -7.33
C LYS B 329 -34.22 -14.84 -6.07
N ALA B 330 -34.86 -13.69 -6.28
CA ALA B 330 -35.27 -12.82 -5.18
C ALA B 330 -36.16 -13.52 -4.15
N LEU B 331 -37.14 -14.30 -4.61
CA LEU B 331 -38.02 -15.00 -3.66
C LEU B 331 -37.20 -15.89 -2.74
N GLU B 332 -36.28 -16.64 -3.32
CA GLU B 332 -35.43 -17.53 -2.54
C GLU B 332 -34.59 -16.70 -1.55
N ALA B 333 -34.17 -15.52 -1.97
CA ALA B 333 -33.38 -14.65 -1.10
C ALA B 333 -34.20 -14.20 0.11
N PHE B 334 -35.45 -13.83 -0.13
CA PHE B 334 -36.32 -13.38 0.96
C PHE B 334 -36.71 -14.51 1.90
N GLU B 335 -36.81 -15.72 1.36
CA GLU B 335 -37.13 -16.89 2.18
C GLU B 335 -35.92 -17.16 3.06
N THR B 336 -34.73 -16.97 2.50
CA THR B 336 -33.50 -17.20 3.22
C THR B 336 -33.38 -16.20 4.37
N PHE B 337 -33.79 -14.96 4.13
CA PHE B 337 -33.73 -13.93 5.16
C PHE B 337 -34.58 -14.34 6.35
N LYS B 338 -35.75 -14.91 6.08
CA LYS B 338 -36.65 -15.34 7.15
C LYS B 338 -36.07 -16.46 7.99
N LYS B 339 -35.17 -17.25 7.39
CA LYS B 339 -34.55 -18.35 8.12
C LYS B 339 -33.79 -17.84 9.33
N GLY B 340 -33.60 -16.53 9.40
CA GLY B 340 -32.89 -15.93 10.52
C GLY B 340 -31.42 -16.27 10.57
N LEU B 341 -30.98 -17.08 9.62
CA LEU B 341 -29.58 -17.46 9.57
C LEU B 341 -28.88 -16.52 8.59
N GLY B 342 -27.69 -16.07 8.97
CA GLY B 342 -26.96 -15.17 8.10
C GLY B 342 -27.01 -13.73 8.57
N LEU B 343 -26.30 -12.86 7.86
CA LEU B 343 -26.24 -11.45 8.20
C LEU B 343 -26.78 -10.59 7.06
N LYS B 344 -25.96 -10.36 6.03
CA LYS B 344 -26.39 -9.56 4.90
C LYS B 344 -26.51 -10.37 3.62
N ILE B 345 -27.67 -10.29 2.98
CA ILE B 345 -27.93 -10.99 1.73
C ILE B 345 -27.89 -10.01 0.57
N MET B 346 -27.10 -10.32 -0.45
CA MET B 346 -26.94 -9.47 -1.63
C MET B 346 -27.61 -10.02 -2.89
N LEU B 347 -28.27 -9.13 -3.62
CA LEU B 347 -28.93 -9.51 -4.87
C LEU B 347 -28.13 -8.91 -6.01
N LYS B 348 -27.85 -9.72 -7.03
CA LYS B 348 -27.06 -9.29 -8.18
C LYS B 348 -27.97 -9.05 -9.39
N CYS B 349 -28.13 -7.78 -9.74
CA CYS B 349 -29.01 -7.36 -10.82
C CYS B 349 -28.42 -7.24 -12.21
N ASP B 350 -27.10 -7.27 -12.32
CA ASP B 350 -26.44 -7.12 -13.62
C ASP B 350 -25.95 -8.47 -14.16
N PRO B 351 -26.65 -9.02 -15.16
CA PRO B 351 -26.28 -10.31 -15.76
C PRO B 351 -24.85 -10.37 -16.31
N SER B 352 -24.32 -9.23 -16.76
CA SER B 352 -22.96 -9.25 -17.32
C SER B 352 -21.86 -9.29 -16.25
N ASP B 353 -22.24 -9.18 -14.98
CA ASP B 353 -21.26 -9.20 -13.90
C ASP B 353 -21.88 -9.52 -12.55
N GLN B 354 -21.79 -10.79 -12.17
CA GLN B 354 -22.34 -11.29 -10.90
C GLN B 354 -21.29 -11.35 -9.79
N ASN B 355 -20.12 -10.76 -10.02
CA ASN B 355 -19.05 -10.77 -9.03
C ASN B 355 -19.25 -9.72 -7.94
N PRO B 356 -18.55 -9.88 -6.81
CA PRO B 356 -18.65 -8.93 -5.69
C PRO B 356 -18.41 -7.49 -6.15
N ALA C 1 24.64 -20.08 42.92
CA ALA C 1 25.46 -20.33 41.71
C ALA C 1 25.18 -19.27 40.64
N ALA C 2 26.01 -19.24 39.60
CA ALA C 2 25.84 -18.27 38.53
C ALA C 2 24.64 -18.61 37.66
N ALA C 3 24.14 -17.60 36.95
CA ALA C 3 23.00 -17.78 36.06
C ALA C 3 23.39 -18.80 34.99
N ALA C 4 22.38 -19.47 34.43
CA ALA C 4 22.63 -20.45 33.39
C ALA C 4 23.17 -19.76 32.14
N LYS C 5 24.09 -20.41 31.46
CA LYS C 5 24.68 -19.87 30.24
C LYS C 5 23.82 -20.25 29.05
N PRO C 6 23.89 -19.49 27.95
CA PRO C 6 23.06 -19.86 26.81
C PRO C 6 23.64 -21.14 26.19
N ASN C 7 22.88 -21.81 25.35
CA ASN C 7 23.36 -23.03 24.72
C ASN C 7 23.50 -22.80 23.22
N ASN C 8 24.22 -23.69 22.56
CA ASN C 8 24.38 -23.60 21.12
C ASN C 8 24.18 -24.98 20.52
N LEU C 9 23.00 -25.55 20.73
CA LEU C 9 22.65 -26.86 20.20
C LEU C 9 22.82 -26.77 18.69
N SER C 10 23.47 -27.76 18.10
CA SER C 10 23.71 -27.75 16.66
C SER C 10 23.43 -29.09 15.99
N LEU C 11 22.96 -29.05 14.75
CA LEU C 11 22.69 -30.28 14.00
C LEU C 11 23.99 -30.62 13.29
N VAL C 12 24.59 -31.74 13.69
CA VAL C 12 25.86 -32.16 13.13
C VAL C 12 25.85 -33.49 12.37
N VAL C 13 26.58 -33.53 11.26
CA VAL C 13 26.70 -34.75 10.48
C VAL C 13 28.12 -35.27 10.75
N HIS C 14 28.21 -36.49 11.31
CA HIS C 14 29.51 -37.08 11.63
C HIS C 14 29.97 -38.06 10.57
N GLY C 15 29.03 -38.53 9.78
CA GLY C 15 29.34 -39.48 8.72
C GLY C 15 28.05 -39.92 8.07
N PRO C 16 28.13 -40.76 7.04
CA PRO C 16 26.91 -41.23 6.37
C PRO C 16 25.89 -41.72 7.38
N GLY C 17 24.65 -41.26 7.23
CA GLY C 17 23.59 -41.66 8.14
C GLY C 17 23.82 -41.36 9.61
N ASP C 18 24.82 -40.53 9.92
CA ASP C 18 25.10 -40.20 11.32
C ASP C 18 24.81 -38.73 11.63
N LEU C 19 23.56 -38.46 12.01
CA LEU C 19 23.11 -37.11 12.33
C LEU C 19 22.91 -36.96 13.84
N ARG C 20 23.46 -35.90 14.43
CA ARG C 20 23.32 -35.69 15.87
C ARG C 20 23.06 -34.25 16.28
N LEU C 21 22.36 -34.11 17.39
CA LEU C 21 22.09 -32.80 17.96
C LEU C 21 23.05 -32.74 19.15
N GLU C 22 23.96 -31.78 19.13
CA GLU C 22 24.94 -31.65 20.21
C GLU C 22 25.26 -30.19 20.46
N ASN C 23 25.73 -29.90 21.68
CA ASN C 23 26.06 -28.53 22.04
C ASN C 23 27.44 -28.08 21.59
N TYR C 24 27.50 -26.86 21.05
CA TYR C 24 28.75 -26.28 20.58
C TYR C 24 29.06 -25.02 21.40
N PRO C 25 30.32 -24.56 21.38
CA PRO C 25 30.66 -23.37 22.12
C PRO C 25 29.94 -22.20 21.45
N ILE C 26 29.83 -21.08 22.15
CA ILE C 26 29.18 -19.92 21.57
C ILE C 26 30.27 -19.10 20.90
N PRO C 27 30.10 -18.81 19.59
CA PRO C 27 31.08 -18.03 18.83
C PRO C 27 31.28 -16.61 19.36
N GLU C 28 32.49 -16.09 19.15
CA GLU C 28 32.81 -14.73 19.57
C GLU C 28 33.13 -13.98 18.27
N PRO C 29 32.36 -12.95 17.94
CA PRO C 29 32.59 -12.19 16.72
C PRO C 29 33.87 -11.37 16.66
N GLY C 30 34.56 -11.47 15.52
CA GLY C 30 35.76 -10.69 15.32
C GLY C 30 35.34 -9.28 14.97
N PRO C 31 36.30 -8.36 14.74
CA PRO C 31 36.04 -6.95 14.40
C PRO C 31 35.02 -6.69 13.29
N ASN C 32 35.03 -7.50 12.24
CA ASN C 32 34.09 -7.30 11.13
C ASN C 32 33.05 -8.39 11.02
N GLU C 33 32.73 -9.02 12.14
CA GLU C 33 31.74 -10.09 12.16
C GLU C 33 30.60 -9.75 13.12
N VAL C 34 29.50 -10.48 13.00
CA VAL C 34 28.37 -10.28 13.88
C VAL C 34 27.94 -11.64 14.42
N LEU C 35 27.45 -11.67 15.65
CA LEU C 35 26.95 -12.90 16.23
C LEU C 35 25.44 -12.90 16.01
N LEU C 36 24.93 -13.94 15.37
CA LEU C 36 23.50 -14.03 15.11
C LEU C 36 22.79 -15.08 15.97
N ARG C 37 21.59 -14.74 16.42
CA ARG C 37 20.74 -15.67 17.16
C ARG C 37 19.92 -16.21 16.02
N MET C 38 20.24 -17.44 15.60
CA MET C 38 19.56 -18.06 14.48
C MET C 38 18.05 -18.16 14.67
N HIS C 39 17.30 -17.88 13.60
CA HIS C 39 15.85 -17.93 13.65
C HIS C 39 15.26 -18.97 12.70
N SER C 40 15.39 -18.72 11.39
CA SER C 40 14.86 -19.65 10.40
C SER C 40 15.94 -20.16 9.45
N VAL C 41 15.93 -21.47 9.23
CA VAL C 41 16.90 -22.10 8.34
C VAL C 41 16.24 -23.17 7.50
N GLY C 42 16.20 -22.97 6.19
CA GLY C 42 15.62 -23.96 5.30
C GLY C 42 16.67 -25.00 4.93
N ILE C 43 16.24 -26.20 4.57
CA ILE C 43 17.18 -27.23 4.16
C ILE C 43 16.93 -27.62 2.71
N CYS C 44 17.95 -28.16 2.04
CA CYS C 44 17.82 -28.59 0.66
C CYS C 44 18.64 -29.85 0.45
N GLY C 45 18.61 -30.35 -0.78
CA GLY C 45 19.33 -31.57 -1.12
C GLY C 45 20.78 -31.64 -0.72
N SER C 46 21.47 -30.51 -0.64
CA SER C 46 22.87 -30.53 -0.26
C SER C 46 23.05 -30.98 1.19
N ASP C 47 22.25 -30.44 2.11
CA ASP C 47 22.37 -30.83 3.51
C ASP C 47 22.03 -32.32 3.62
N VAL C 48 20.93 -32.70 2.98
CA VAL C 48 20.43 -34.07 2.98
C VAL C 48 21.45 -35.04 2.37
N HIS C 49 22.13 -34.61 1.32
CA HIS C 49 23.10 -35.46 0.65
C HIS C 49 24.34 -35.68 1.53
N TYR C 50 24.80 -34.65 2.23
CA TYR C 50 25.96 -34.79 3.10
C TYR C 50 25.64 -35.76 4.21
N TRP C 51 24.38 -35.75 4.64
CA TRP C 51 23.92 -36.64 5.69
C TRP C 51 23.91 -38.07 5.18
N GLU C 52 23.31 -38.28 4.02
CA GLU C 52 23.21 -39.62 3.43
C GLU C 52 24.52 -40.23 2.97
N TYR C 53 25.35 -39.45 2.28
CA TYR C 53 26.60 -39.99 1.76
C TYR C 53 27.89 -39.39 2.32
N GLY C 54 27.77 -38.35 3.15
CA GLY C 54 28.95 -37.75 3.73
C GLY C 54 29.79 -37.01 2.70
N ARG C 55 29.21 -36.73 1.54
CA ARG C 55 29.93 -36.02 0.48
C ARG C 55 29.05 -35.63 -0.69
N ILE C 56 29.60 -34.81 -1.57
CA ILE C 56 28.95 -34.34 -2.79
C ILE C 56 30.13 -34.05 -3.71
N GLY C 57 30.33 -34.92 -4.71
CA GLY C 57 31.44 -34.73 -5.61
C GLY C 57 32.71 -34.82 -4.78
N ASN C 58 33.64 -33.89 -4.99
CA ASN C 58 34.88 -33.88 -4.23
C ASN C 58 34.75 -33.18 -2.88
N PHE C 59 33.55 -32.65 -2.60
CA PHE C 59 33.28 -32.00 -1.32
C PHE C 59 32.93 -33.11 -0.34
N ILE C 60 33.84 -33.44 0.58
CA ILE C 60 33.54 -34.51 1.52
C ILE C 60 33.81 -34.16 2.97
N VAL C 61 32.92 -34.63 3.84
CA VAL C 61 33.03 -34.40 5.27
C VAL C 61 34.15 -35.26 5.86
N LYS C 62 35.21 -34.63 6.34
CA LYS C 62 36.34 -35.35 6.91
C LYS C 62 36.32 -35.28 8.43
N LYS C 63 35.45 -34.43 8.96
CA LYS C 63 35.27 -34.26 10.40
C LYS C 63 33.85 -33.74 10.60
N PRO C 64 33.25 -33.97 11.77
CA PRO C 64 31.88 -33.51 12.03
C PRO C 64 31.62 -32.10 11.52
N MET C 65 30.55 -31.95 10.74
CA MET C 65 30.19 -30.65 10.18
C MET C 65 28.78 -30.22 10.52
N VAL C 66 28.63 -28.99 10.98
CA VAL C 66 27.30 -28.47 11.29
C VAL C 66 26.64 -28.21 9.93
N LEU C 67 25.35 -28.53 9.83
CA LEU C 67 24.61 -28.34 8.59
C LEU C 67 23.89 -26.99 8.55
N GLY C 68 23.17 -26.74 7.45
CA GLY C 68 22.42 -25.49 7.32
C GLY C 68 23.13 -24.34 6.60
N HIS C 69 22.46 -23.73 5.63
CA HIS C 69 23.05 -22.61 4.90
C HIS C 69 22.03 -21.65 4.26
N GLU C 70 20.74 -21.87 4.48
CA GLU C 70 19.69 -21.00 3.95
C GLU C 70 19.04 -20.37 5.18
N ALA C 71 19.60 -19.27 5.68
CA ALA C 71 19.05 -18.74 6.92
C ALA C 71 18.94 -17.23 7.14
N SER C 72 18.29 -16.91 8.26
CA SER C 72 18.08 -15.55 8.73
C SER C 72 18.12 -15.63 10.24
N GLY C 73 18.35 -14.49 10.89
CA GLY C 73 18.41 -14.48 12.34
C GLY C 73 18.38 -13.07 12.88
N THR C 74 18.71 -12.92 14.15
CA THR C 74 18.71 -11.61 14.78
C THR C 74 20.12 -11.32 15.28
N VAL C 75 20.59 -10.11 15.03
CA VAL C 75 21.93 -9.72 15.47
C VAL C 75 21.93 -9.66 16.99
N GLU C 76 22.85 -10.40 17.59
CA GLU C 76 22.96 -10.45 19.04
C GLU C 76 24.11 -9.57 19.52
N LYS C 77 25.19 -9.54 18.74
CA LYS C 77 26.38 -8.76 19.09
C LYS C 77 27.14 -8.42 17.81
N VAL C 78 27.82 -7.27 17.80
CA VAL C 78 28.60 -6.86 16.64
C VAL C 78 30.06 -6.62 16.98
N GLY C 79 30.94 -6.86 16.00
CA GLY C 79 32.35 -6.66 16.21
C GLY C 79 32.71 -5.19 16.33
N SER C 80 33.92 -4.92 16.83
CA SER C 80 34.37 -3.55 17.02
C SER C 80 34.38 -2.68 15.76
N SER C 81 34.32 -3.29 14.59
CA SER C 81 34.34 -2.52 13.35
C SER C 81 33.02 -2.44 12.57
N VAL C 82 31.98 -3.09 13.07
CA VAL C 82 30.70 -3.08 12.38
C VAL C 82 29.92 -1.80 12.60
N LYS C 83 29.47 -1.18 11.50
CA LYS C 83 28.74 0.07 11.57
C LYS C 83 27.32 0.02 10.98
N HIS C 84 27.09 -0.89 10.04
CA HIS C 84 25.77 -0.97 9.41
C HIS C 84 24.78 -1.92 10.09
N LEU C 85 25.21 -2.60 11.14
CA LEU C 85 24.35 -3.52 11.87
C LEU C 85 24.49 -3.30 13.38
N LYS C 86 23.40 -3.55 14.11
CA LYS C 86 23.42 -3.38 15.56
C LYS C 86 22.54 -4.45 16.22
N PRO C 87 22.73 -4.67 17.53
CA PRO C 87 21.92 -5.68 18.23
C PRO C 87 20.44 -5.47 17.97
N GLY C 88 19.74 -6.54 17.67
CA GLY C 88 18.31 -6.45 17.42
C GLY C 88 17.92 -6.45 15.95
N ASP C 89 18.86 -6.14 15.07
CA ASP C 89 18.56 -6.12 13.64
C ASP C 89 18.23 -7.49 13.11
N ARG C 90 17.13 -7.59 12.37
CA ARG C 90 16.74 -8.85 11.77
C ARG C 90 17.50 -8.89 10.44
N VAL C 91 18.23 -9.97 10.19
CA VAL C 91 19.04 -10.06 8.98
C VAL C 91 18.94 -11.37 8.21
N ALA C 92 19.22 -11.28 6.91
CA ALA C 92 19.27 -12.44 6.02
C ALA C 92 20.77 -12.73 5.90
N ILE C 93 21.13 -14.01 5.90
CA ILE C 93 22.54 -14.39 5.83
C ILE C 93 22.97 -15.02 4.51
N GLU C 94 23.92 -14.39 3.83
CA GLU C 94 24.45 -14.95 2.58
C GLU C 94 25.61 -15.86 3.03
N PRO C 95 25.46 -17.19 2.86
CA PRO C 95 26.45 -18.19 3.25
C PRO C 95 27.86 -18.13 2.66
N GLY C 96 27.99 -17.58 1.45
CA GLY C 96 29.30 -17.52 0.83
C GLY C 96 30.01 -16.20 1.09
N ALA C 97 31.08 -16.26 1.87
CA ALA C 97 31.87 -15.09 2.23
C ALA C 97 33.34 -15.33 1.90
N PRO C 98 33.91 -14.50 1.00
CA PRO C 98 35.31 -14.61 0.58
C PRO C 98 36.29 -14.36 1.72
N ARG C 99 37.34 -15.16 1.79
CA ARG C 99 38.35 -14.98 2.83
C ARG C 99 39.41 -13.98 2.39
N GLU C 100 39.51 -13.71 1.09
CA GLU C 100 40.49 -12.76 0.58
C GLU C 100 40.01 -12.03 -0.67
N ASN C 101 40.46 -10.79 -0.81
CA ASN C 101 40.06 -9.97 -1.95
C ASN C 101 40.90 -10.29 -3.19
N ASP C 102 40.69 -11.49 -3.75
CA ASP C 102 41.42 -11.90 -4.93
C ASP C 102 40.82 -11.29 -6.19
N GLU C 103 41.36 -11.66 -7.36
N GLU C 103 41.37 -11.64 -7.36
CA GLU C 103 40.89 -11.12 -8.63
CA GLU C 103 40.87 -11.07 -8.61
C GLU C 103 39.43 -11.43 -8.94
C GLU C 103 39.40 -11.39 -8.90
N PHE C 104 38.91 -12.53 -8.40
CA PHE C 104 37.52 -12.89 -8.64
C PHE C 104 36.59 -11.93 -7.90
N CYS C 105 36.99 -11.51 -6.69
CA CYS C 105 36.20 -10.57 -5.90
C CYS C 105 36.28 -9.17 -6.50
N LYS C 106 37.48 -8.78 -6.92
CA LYS C 106 37.66 -7.46 -7.52
C LYS C 106 36.88 -7.28 -8.81
N MET C 107 36.77 -8.35 -9.60
N MET C 107 36.77 -8.37 -9.59
CA MET C 107 36.03 -8.27 -10.87
CA MET C 107 36.06 -8.34 -10.85
C MET C 107 34.53 -8.41 -10.67
C MET C 107 34.55 -8.50 -10.68
N GLY C 108 34.10 -8.64 -9.44
CA GLY C 108 32.67 -8.77 -9.17
C GLY C 108 32.06 -10.16 -9.22
N ARG C 109 32.89 -11.20 -9.28
CA ARG C 109 32.39 -12.57 -9.31
C ARG C 109 32.99 -13.34 -8.13
N TYR C 110 32.73 -12.84 -6.92
CA TYR C 110 33.28 -13.45 -5.72
C TYR C 110 32.86 -14.90 -5.47
N ASN C 111 31.75 -15.32 -6.08
CA ASN C 111 31.29 -16.69 -5.90
C ASN C 111 32.32 -17.68 -6.42
N LEU C 112 33.20 -17.21 -7.31
CA LEU C 112 34.24 -18.04 -7.90
C LEU C 112 35.55 -18.02 -7.12
N SER C 113 35.65 -17.18 -6.09
CA SER C 113 36.87 -17.13 -5.29
C SER C 113 37.17 -18.55 -4.78
N PRO C 114 38.36 -19.08 -5.09
CA PRO C 114 38.78 -20.42 -4.67
C PRO C 114 38.77 -20.70 -3.18
N SER C 115 39.09 -19.70 -2.37
CA SER C 115 39.14 -19.89 -0.93
C SER C 115 37.94 -19.33 -0.18
N ILE C 116 36.80 -19.28 -0.84
CA ILE C 116 35.61 -18.74 -0.20
C ILE C 116 35.07 -19.63 0.91
N PHE C 117 34.58 -19.01 1.98
CA PHE C 117 33.99 -19.74 3.09
C PHE C 117 32.52 -19.94 2.70
N PHE C 118 32.00 -21.15 2.91
CA PHE C 118 30.59 -21.41 2.58
C PHE C 118 29.94 -22.37 3.58
N CYS C 119 28.90 -21.88 4.26
CA CYS C 119 28.16 -22.65 5.25
C CYS C 119 27.73 -24.05 4.80
N ALA C 120 28.06 -25.05 5.63
CA ALA C 120 27.68 -26.44 5.41
C ALA C 120 28.27 -27.19 4.21
N THR C 121 29.35 -26.66 3.63
CA THR C 121 30.03 -27.36 2.55
C THR C 121 31.38 -27.61 3.20
N PRO C 122 31.69 -28.88 3.51
CA PRO C 122 32.96 -29.24 4.15
C PRO C 122 34.16 -28.50 3.59
N PRO C 123 35.06 -28.02 4.46
CA PRO C 123 35.02 -28.16 5.92
C PRO C 123 34.40 -26.99 6.69
N ASP C 124 33.54 -26.19 6.06
CA ASP C 124 32.95 -25.05 6.77
C ASP C 124 31.62 -25.38 7.45
N ASP C 125 31.56 -25.16 8.77
CA ASP C 125 30.34 -25.42 9.53
C ASP C 125 29.19 -24.50 9.13
N GLY C 126 28.00 -25.08 9.05
CA GLY C 126 26.80 -24.33 8.68
C GLY C 126 26.17 -23.58 9.83
N ASN C 127 24.91 -23.18 9.67
CA ASN C 127 24.24 -22.42 10.71
C ASN C 127 22.93 -22.97 11.28
N LEU C 128 22.78 -24.29 11.29
CA LEU C 128 21.59 -24.91 11.88
C LEU C 128 21.93 -25.08 13.36
N CYS C 129 21.83 -23.97 14.10
CA CYS C 129 22.17 -23.97 15.51
C CYS C 129 21.55 -22.74 16.19
N ARG C 130 21.94 -22.47 17.43
CA ARG C 130 21.40 -21.33 18.17
C ARG C 130 22.13 -20.03 17.89
N PHE C 131 23.45 -20.06 17.98
CA PHE C 131 24.27 -18.88 17.75
C PHE C 131 25.32 -19.12 16.69
N TYR C 132 25.39 -18.20 15.74
CA TYR C 132 26.30 -18.29 14.61
C TYR C 132 26.94 -16.95 14.29
N LYS C 133 28.24 -16.93 14.02
CA LYS C 133 28.89 -15.68 13.67
C LYS C 133 29.20 -15.71 12.18
N HIS C 134 29.12 -14.54 11.54
CA HIS C 134 29.33 -14.45 10.11
C HIS C 134 29.93 -13.10 9.75
N ASN C 135 30.55 -13.01 8.58
CA ASN C 135 31.13 -11.75 8.14
C ASN C 135 30.00 -10.74 8.03
N ALA C 136 30.16 -9.59 8.66
CA ALA C 136 29.14 -8.54 8.68
C ALA C 136 28.72 -8.01 7.31
N ALA C 137 29.63 -8.03 6.35
CA ALA C 137 29.30 -7.54 5.02
C ALA C 137 28.30 -8.46 4.34
N PHE C 138 28.23 -9.70 4.81
CA PHE C 138 27.32 -10.66 4.22
C PHE C 138 26.08 -11.00 5.02
N CYS C 139 25.69 -10.05 5.87
CA CYS C 139 24.47 -10.16 6.67
C CYS C 139 23.67 -8.92 6.27
N TYR C 140 22.50 -9.12 5.68
CA TYR C 140 21.69 -8.00 5.22
C TYR C 140 20.42 -7.76 6.04
N LYS C 141 20.21 -6.50 6.43
CA LYS C 141 19.06 -6.15 7.23
C LYS C 141 17.74 -6.38 6.48
N LEU C 142 16.78 -6.97 7.17
CA LEU C 142 15.48 -7.25 6.57
C LEU C 142 14.50 -6.13 6.86
N PRO C 143 13.69 -5.75 5.87
CA PRO C 143 12.70 -4.68 6.10
C PRO C 143 11.66 -5.25 7.07
N ASP C 144 10.95 -4.38 7.78
CA ASP C 144 9.93 -4.82 8.73
C ASP C 144 8.83 -5.68 8.08
N ASN C 145 8.50 -5.39 6.82
CA ASN C 145 7.46 -6.14 6.13
C ASN C 145 7.92 -7.42 5.45
N VAL C 146 9.12 -7.90 5.80
CA VAL C 146 9.63 -9.14 5.23
C VAL C 146 9.91 -10.09 6.42
N THR C 147 9.36 -11.29 6.35
CA THR C 147 9.52 -12.25 7.46
C THR C 147 10.85 -12.98 7.50
N PHE C 148 11.14 -13.58 8.65
CA PHE C 148 12.36 -14.34 8.82
C PHE C 148 12.44 -15.47 7.80
N GLU C 149 11.33 -16.15 7.60
CA GLU C 149 11.32 -17.26 6.65
C GLU C 149 11.58 -16.76 5.22
N GLU C 150 11.07 -15.58 4.91
CA GLU C 150 11.31 -15.01 3.59
C GLU C 150 12.82 -14.71 3.48
N GLY C 151 13.40 -14.24 4.59
CA GLY C 151 14.81 -13.93 4.59
C GLY C 151 15.62 -15.18 4.32
N ALA C 152 15.19 -16.29 4.91
CA ALA C 152 15.85 -17.57 4.73
C ALA C 152 15.66 -18.11 3.31
N LEU C 153 14.51 -17.80 2.72
CA LEU C 153 14.22 -18.24 1.37
C LEU C 153 15.01 -17.46 0.32
N ILE C 154 15.72 -16.42 0.75
CA ILE C 154 16.52 -15.64 -0.19
C ILE C 154 17.65 -16.48 -0.78
N GLU C 155 18.16 -17.43 0.01
CA GLU C 155 19.24 -18.30 -0.44
C GLU C 155 18.79 -19.13 -1.65
N PRO C 156 17.69 -19.89 -1.52
CA PRO C 156 17.26 -20.68 -2.68
C PRO C 156 16.80 -19.79 -3.83
N LEU C 157 16.15 -18.67 -3.50
CA LEU C 157 15.69 -17.74 -4.52
C LEU C 157 16.88 -17.22 -5.34
N SER C 158 18.00 -16.97 -4.66
CA SER C 158 19.20 -16.45 -5.31
C SER C 158 19.79 -17.39 -6.36
N VAL C 159 19.60 -18.70 -6.17
CA VAL C 159 20.09 -19.67 -7.14
C VAL C 159 19.34 -19.42 -8.44
N GLY C 160 18.05 -19.12 -8.31
CA GLY C 160 17.22 -18.86 -9.47
C GLY C 160 17.52 -17.51 -10.11
N ILE C 161 17.85 -16.52 -9.29
CA ILE C 161 18.17 -15.19 -9.80
C ILE C 161 19.48 -15.27 -10.59
N HIS C 162 20.49 -15.91 -10.00
CA HIS C 162 21.78 -16.07 -10.66
C HIS C 162 21.62 -16.87 -11.94
N ALA C 163 20.81 -17.93 -11.90
CA ALA C 163 20.59 -18.75 -13.07
C ALA C 163 19.93 -17.96 -14.21
N CYS C 164 18.90 -17.19 -13.87
CA CYS C 164 18.19 -16.40 -14.89
C CYS C 164 19.09 -15.28 -15.44
N ARG C 165 19.94 -14.72 -14.58
CA ARG C 165 20.86 -13.67 -15.01
C ARG C 165 21.84 -14.23 -16.03
N ARG C 166 22.47 -15.36 -15.66
CA ARG C 166 23.45 -15.99 -16.55
C ARG C 166 22.79 -16.45 -17.85
N GLY C 167 21.50 -16.75 -17.80
CA GLY C 167 20.79 -17.19 -18.98
C GLY C 167 20.37 -16.03 -19.86
N GLY C 168 20.34 -14.83 -19.27
CA GLY C 168 19.95 -13.65 -20.02
C GLY C 168 18.44 -13.49 -20.13
N VAL C 169 17.71 -14.10 -19.22
CA VAL C 169 16.25 -14.01 -19.22
C VAL C 169 15.83 -12.55 -19.13
N THR C 170 14.95 -12.13 -20.03
CA THR C 170 14.49 -10.74 -20.02
C THR C 170 13.09 -10.58 -20.63
N LEU C 171 12.63 -9.34 -20.72
CA LEU C 171 11.31 -9.02 -21.25
C LEU C 171 10.83 -9.78 -22.50
N GLY C 172 9.69 -10.44 -22.37
CA GLY C 172 9.11 -11.16 -23.51
C GLY C 172 9.61 -12.56 -23.83
N HIS C 173 10.64 -13.03 -23.12
CA HIS C 173 11.20 -14.34 -23.39
C HIS C 173 10.27 -15.52 -23.13
N LYS C 174 10.55 -16.60 -23.87
CA LYS C 174 9.85 -17.85 -23.72
C LYS C 174 10.94 -18.68 -23.05
N VAL C 175 10.67 -19.18 -21.85
CA VAL C 175 11.65 -19.94 -21.09
C VAL C 175 11.24 -21.38 -20.76
N LEU C 176 12.17 -22.30 -20.96
CA LEU C 176 11.94 -23.70 -20.63
C LEU C 176 12.65 -23.95 -19.30
N VAL C 177 11.94 -24.58 -18.36
CA VAL C 177 12.53 -24.93 -17.07
C VAL C 177 12.40 -26.43 -16.89
N CYS C 178 13.52 -27.15 -16.99
CA CYS C 178 13.52 -28.60 -16.84
C CYS C 178 13.61 -28.99 -15.37
N GLY C 179 12.50 -29.50 -14.82
CA GLY C 179 12.48 -29.90 -13.43
C GLY C 179 11.57 -29.00 -12.61
N ALA C 180 10.65 -29.61 -11.86
CA ALA C 180 9.71 -28.86 -11.04
C ALA C 180 10.01 -28.99 -9.56
N GLY C 181 11.26 -29.24 -9.22
CA GLY C 181 11.64 -29.35 -7.82
C GLY C 181 11.77 -27.93 -7.28
N PRO C 182 12.24 -27.74 -6.04
CA PRO C 182 12.38 -26.39 -5.50
C PRO C 182 13.25 -25.44 -6.34
N ILE C 183 14.30 -25.98 -6.96
CA ILE C 183 15.17 -25.13 -7.79
C ILE C 183 14.41 -24.65 -9.03
N GLY C 184 13.67 -25.57 -9.65
CA GLY C 184 12.90 -25.20 -10.83
C GLY C 184 11.81 -24.20 -10.49
N MET C 185 11.25 -24.32 -9.28
CA MET C 185 10.19 -23.42 -8.85
C MET C 185 10.68 -21.98 -8.68
N VAL C 186 11.78 -21.79 -7.93
CA VAL C 186 12.30 -20.43 -7.74
C VAL C 186 12.73 -19.87 -9.10
N THR C 187 13.27 -20.74 -9.96
CA THR C 187 13.69 -20.27 -11.29
C THR C 187 12.46 -19.74 -12.03
N LEU C 188 11.34 -20.45 -11.87
CA LEU C 188 10.07 -20.06 -12.49
C LEU C 188 9.62 -18.69 -11.97
N LEU C 189 9.58 -18.54 -10.65
CA LEU C 189 9.17 -17.26 -10.04
C LEU C 189 10.05 -16.11 -10.51
N VAL C 190 11.36 -16.37 -10.60
CA VAL C 190 12.29 -15.34 -11.04
C VAL C 190 12.12 -15.00 -12.52
N ALA C 191 11.97 -16.02 -13.36
CA ALA C 191 11.80 -15.80 -14.80
C ALA C 191 10.59 -14.90 -15.04
N LYS C 192 9.50 -15.17 -14.33
CA LYS C 192 8.27 -14.38 -14.46
C LYS C 192 8.50 -12.95 -13.95
N ALA C 193 9.14 -12.82 -12.79
CA ALA C 193 9.41 -11.50 -12.23
C ALA C 193 10.29 -10.67 -13.17
N MET C 194 11.07 -11.36 -14.01
CA MET C 194 11.97 -10.68 -14.94
C MET C 194 11.31 -10.30 -16.27
N GLY C 195 10.05 -10.68 -16.45
CA GLY C 195 9.36 -10.33 -17.67
C GLY C 195 9.18 -11.41 -18.72
N ALA C 196 9.46 -12.67 -18.38
CA ALA C 196 9.28 -13.74 -19.36
C ALA C 196 7.79 -13.84 -19.68
N ALA C 197 7.47 -13.86 -20.98
CA ALA C 197 6.08 -13.96 -21.43
C ALA C 197 5.48 -15.31 -21.10
N GLN C 198 6.28 -16.35 -21.26
CA GLN C 198 5.82 -17.71 -20.98
C GLN C 198 6.94 -18.58 -20.44
N VAL C 199 6.60 -19.33 -19.40
CA VAL C 199 7.54 -20.26 -18.80
C VAL C 199 6.88 -21.64 -18.86
N VAL C 200 7.56 -22.58 -19.52
CA VAL C 200 7.05 -23.94 -19.61
C VAL C 200 7.93 -24.80 -18.71
N VAL C 201 7.30 -25.58 -17.84
CA VAL C 201 8.02 -26.45 -16.90
C VAL C 201 7.76 -27.92 -17.18
N THR C 202 8.82 -28.71 -17.18
CA THR C 202 8.70 -30.15 -17.42
C THR C 202 9.10 -30.90 -16.16
N ASP C 203 8.62 -32.14 -16.04
CA ASP C 203 8.93 -32.96 -14.89
C ASP C 203 8.32 -34.35 -15.02
N LEU C 204 8.86 -35.29 -14.23
CA LEU C 204 8.37 -36.67 -14.24
C LEU C 204 7.10 -36.79 -13.38
N SER C 205 6.96 -35.90 -12.41
CA SER C 205 5.81 -35.92 -11.50
C SER C 205 4.65 -34.99 -11.86
N ALA C 206 3.47 -35.59 -12.02
CA ALA C 206 2.27 -34.84 -12.35
C ALA C 206 1.91 -33.95 -11.18
N THR C 207 2.19 -34.43 -9.97
CA THR C 207 1.91 -33.68 -8.75
C THR C 207 2.73 -32.40 -8.67
N ARG C 208 4.03 -32.49 -8.97
CA ARG C 208 4.88 -31.31 -8.91
C ARG C 208 4.54 -30.30 -10.00
N LEU C 209 4.03 -30.78 -11.13
CA LEU C 209 3.66 -29.89 -12.21
C LEU C 209 2.41 -29.10 -11.82
N SER C 210 1.55 -29.78 -11.09
CA SER C 210 0.31 -29.16 -10.63
C SER C 210 0.64 -28.01 -9.67
N LYS C 211 1.64 -28.23 -8.82
CA LYS C 211 2.07 -27.21 -7.88
C LYS C 211 2.73 -26.09 -8.68
N ALA C 212 3.46 -26.44 -9.73
CA ALA C 212 4.13 -25.45 -10.56
C ALA C 212 3.10 -24.53 -11.18
N LYS C 213 1.99 -25.12 -11.64
CA LYS C 213 0.93 -24.33 -12.24
C LYS C 213 0.40 -23.36 -11.20
N GLU C 214 0.32 -23.83 -9.95
CA GLU C 214 -0.17 -23.03 -8.85
C GLU C 214 0.64 -21.77 -8.60
N ILE C 215 1.95 -21.83 -8.78
CA ILE C 215 2.76 -20.66 -8.52
C ILE C 215 3.11 -19.81 -9.74
N GLY C 216 2.54 -20.13 -10.90
CA GLY C 216 2.82 -19.31 -12.06
C GLY C 216 3.22 -19.93 -13.39
N ALA C 217 3.52 -21.22 -13.42
CA ALA C 217 3.92 -21.85 -14.68
C ALA C 217 2.82 -21.62 -15.71
N ASP C 218 3.20 -21.10 -16.87
CA ASP C 218 2.24 -20.82 -17.93
C ASP C 218 1.84 -22.12 -18.62
N LEU C 219 2.78 -23.03 -18.73
CA LEU C 219 2.55 -24.32 -19.36
C LEU C 219 3.38 -25.37 -18.64
N VAL C 220 2.90 -26.61 -18.65
CA VAL C 220 3.60 -27.71 -18.02
C VAL C 220 3.59 -28.92 -18.93
N LEU C 221 4.60 -29.76 -18.77
CA LEU C 221 4.72 -30.95 -19.59
C LEU C 221 5.29 -32.09 -18.75
N GLN C 222 4.51 -33.14 -18.56
CA GLN C 222 5.00 -34.28 -17.79
C GLN C 222 5.77 -35.16 -18.75
N ILE C 223 6.97 -35.56 -18.34
CA ILE C 223 7.81 -36.40 -19.16
C ILE C 223 7.78 -37.84 -18.68
N SER C 224 7.77 -38.78 -19.62
CA SER C 224 7.76 -40.20 -19.28
C SER C 224 8.99 -40.86 -19.90
N LYS C 225 8.86 -41.35 -21.13
CA LYS C 225 9.98 -42.01 -21.78
C LYS C 225 10.36 -41.42 -23.14
N GLU C 226 9.82 -40.24 -23.45
CA GLU C 226 10.13 -39.60 -24.72
C GLU C 226 11.63 -39.36 -24.85
N SER C 227 12.11 -39.25 -26.08
CA SER C 227 13.53 -39.01 -26.32
C SER C 227 13.81 -37.52 -26.21
N PRO C 228 15.09 -37.13 -26.12
CA PRO C 228 15.45 -35.71 -26.02
C PRO C 228 14.87 -34.90 -27.18
N GLN C 229 14.98 -35.45 -28.39
CA GLN C 229 14.47 -34.77 -29.56
C GLN C 229 12.95 -34.62 -29.46
N GLU C 230 12.30 -35.65 -28.94
CA GLU C 230 10.84 -35.63 -28.77
C GLU C 230 10.44 -34.60 -27.74
N ILE C 231 11.17 -34.55 -26.63
CA ILE C 231 10.88 -33.57 -25.59
C ILE C 231 10.98 -32.18 -26.21
N ALA C 232 12.09 -31.95 -26.92
CA ALA C 232 12.33 -30.67 -27.58
C ALA C 232 11.18 -30.32 -28.52
N ARG C 233 10.67 -31.31 -29.25
CA ARG C 233 9.57 -31.09 -30.17
C ARG C 233 8.29 -30.73 -29.43
N LYS C 234 7.99 -31.50 -28.37
CA LYS C 234 6.79 -31.25 -27.58
C LYS C 234 6.81 -29.84 -27.01
N VAL C 235 7.94 -29.45 -26.42
CA VAL C 235 8.09 -28.12 -25.84
C VAL C 235 7.82 -27.06 -26.91
N GLU C 236 8.41 -27.23 -28.08
CA GLU C 236 8.21 -26.28 -29.17
C GLU C 236 6.75 -26.29 -29.61
N GLY C 237 6.12 -27.45 -29.51
CA GLY C 237 4.72 -27.56 -29.90
C GLY C 237 3.86 -26.68 -29.02
N GLN C 238 4.10 -26.76 -27.71
CA GLN C 238 3.34 -25.98 -26.77
C GLN C 238 3.57 -24.47 -26.87
N LEU C 239 4.81 -24.06 -27.08
CA LEU C 239 5.14 -22.65 -27.16
C LEU C 239 4.85 -22.04 -28.51
N GLY C 240 4.87 -22.87 -29.55
CA GLY C 240 4.64 -22.36 -30.88
C GLY C 240 5.95 -21.82 -31.41
N CYS C 241 7.02 -22.05 -30.66
CA CYS C 241 8.35 -21.59 -31.03
C CYS C 241 9.36 -22.22 -30.08
N LYS C 242 10.63 -21.88 -30.27
CA LYS C 242 11.71 -22.41 -29.44
C LYS C 242 12.03 -21.38 -28.37
N PRO C 243 12.17 -21.80 -27.11
CA PRO C 243 12.49 -20.84 -26.05
C PRO C 243 13.88 -20.25 -26.19
N GLU C 244 14.01 -18.94 -25.94
CA GLU C 244 15.29 -18.26 -26.04
C GLU C 244 16.23 -18.70 -24.93
N VAL C 245 15.65 -19.17 -23.81
CA VAL C 245 16.45 -19.63 -22.69
C VAL C 245 15.89 -20.91 -22.08
N THR C 246 16.80 -21.82 -21.72
CA THR C 246 16.43 -23.07 -21.07
C THR C 246 17.26 -23.18 -19.81
N ILE C 247 16.60 -23.42 -18.68
CA ILE C 247 17.30 -23.57 -17.41
C ILE C 247 17.11 -25.01 -16.92
N GLU C 248 18.17 -25.81 -17.07
CA GLU C 248 18.14 -27.22 -16.68
C GLU C 248 18.41 -27.37 -15.18
N CYS C 249 17.44 -27.91 -14.47
CA CYS C 249 17.56 -28.06 -13.02
C CYS C 249 17.66 -29.50 -12.48
N THR C 250 17.67 -30.49 -13.37
CA THR C 250 17.74 -31.88 -12.89
C THR C 250 19.14 -32.46 -12.92
N GLY C 251 19.96 -32.00 -13.86
CA GLY C 251 21.31 -32.50 -13.96
C GLY C 251 21.40 -33.80 -14.75
N ALA C 252 20.25 -34.31 -15.20
CA ALA C 252 20.19 -35.55 -15.97
C ALA C 252 20.63 -35.35 -17.42
N GLU C 253 21.43 -36.30 -17.91
CA GLU C 253 21.94 -36.23 -19.28
C GLU C 253 20.87 -36.03 -20.34
N ALA C 254 19.82 -36.84 -20.29
CA ALA C 254 18.73 -36.75 -21.27
C ALA C 254 18.13 -35.35 -21.29
N SER C 255 17.85 -34.80 -20.12
CA SER C 255 17.26 -33.48 -20.01
C SER C 255 18.19 -32.42 -20.60
N ILE C 256 19.47 -32.51 -20.28
CA ILE C 256 20.46 -31.57 -20.80
C ILE C 256 20.47 -31.64 -22.33
N GLN C 257 20.37 -32.86 -22.86
CA GLN C 257 20.36 -33.04 -24.31
C GLN C 257 19.12 -32.40 -24.92
N ALA C 258 17.99 -32.51 -24.23
CA ALA C 258 16.75 -31.94 -24.72
C ALA C 258 16.85 -30.40 -24.75
N GLY C 259 17.52 -29.83 -23.76
CA GLY C 259 17.68 -28.38 -23.71
C GLY C 259 18.44 -27.83 -24.91
N ILE C 260 19.45 -28.56 -25.36
CA ILE C 260 20.26 -28.15 -26.51
C ILE C 260 19.39 -28.15 -27.77
N TYR C 261 18.64 -29.23 -27.93
CA TYR C 261 17.76 -29.38 -29.09
C TYR C 261 16.60 -28.37 -29.08
N ALA C 262 16.12 -28.03 -27.89
CA ALA C 262 14.98 -27.11 -27.76
C ALA C 262 15.31 -25.63 -27.83
N THR C 263 16.42 -25.22 -27.25
CA THR C 263 16.79 -23.82 -27.23
C THR C 263 16.97 -23.16 -28.58
N ARG C 264 16.37 -21.98 -28.72
CA ARG C 264 16.43 -21.20 -29.95
C ARG C 264 17.87 -20.82 -30.27
N SER C 265 18.18 -20.78 -31.56
CA SER C 265 19.53 -20.42 -32.00
C SER C 265 19.94 -19.09 -31.40
N GLY C 266 21.20 -19.02 -30.95
CA GLY C 266 21.68 -17.80 -30.35
C GLY C 266 21.22 -17.71 -28.91
N GLY C 267 20.49 -18.73 -28.47
CA GLY C 267 19.98 -18.75 -27.11
C GLY C 267 20.98 -19.28 -26.10
N THR C 268 20.51 -19.50 -24.87
CA THR C 268 21.36 -20.00 -23.78
C THR C 268 20.74 -21.12 -22.94
N LEU C 269 21.53 -22.16 -22.71
CA LEU C 269 21.14 -23.29 -21.88
C LEU C 269 21.95 -23.16 -20.60
N VAL C 270 21.25 -22.94 -19.49
CA VAL C 270 21.91 -22.80 -18.19
C VAL C 270 21.80 -24.12 -17.43
N LEU C 271 22.94 -24.60 -16.93
CA LEU C 271 22.97 -25.87 -16.20
C LEU C 271 23.03 -25.59 -14.70
N VAL C 272 21.91 -25.84 -14.02
CA VAL C 272 21.83 -25.62 -12.58
C VAL C 272 21.91 -26.92 -11.81
N GLY C 273 21.40 -27.99 -12.41
CA GLY C 273 21.44 -29.28 -11.74
C GLY C 273 22.83 -29.86 -11.63
N LEU C 274 23.05 -30.70 -10.63
CA LEU C 274 24.34 -31.33 -10.44
C LEU C 274 24.16 -32.81 -10.74
N GLY C 275 24.87 -33.29 -11.75
CA GLY C 275 24.74 -34.69 -12.13
C GLY C 275 26.05 -35.44 -12.10
N SER C 276 26.25 -36.29 -13.10
CA SER C 276 27.47 -37.08 -13.22
C SER C 276 28.68 -36.22 -13.50
N GLU C 277 29.86 -36.79 -13.28
CA GLU C 277 31.09 -36.07 -13.52
C GLU C 277 31.21 -35.83 -15.02
N MET C 278 30.73 -36.78 -15.80
CA MET C 278 30.77 -36.70 -17.26
C MET C 278 29.37 -36.73 -17.85
N THR C 279 29.22 -36.10 -19.02
CA THR C 279 27.93 -36.04 -19.71
C THR C 279 28.16 -36.10 -21.22
N THR C 280 27.42 -36.95 -21.90
CA THR C 280 27.54 -37.06 -23.35
C THR C 280 26.47 -36.15 -23.94
N VAL C 281 26.88 -35.17 -24.73
CA VAL C 281 25.95 -34.22 -25.30
C VAL C 281 26.27 -33.85 -26.75
N PRO C 282 25.28 -33.36 -27.50
CA PRO C 282 25.48 -32.96 -28.89
C PRO C 282 26.06 -31.56 -29.02
N LEU C 283 27.33 -31.41 -28.66
CA LEU C 283 27.99 -30.11 -28.75
C LEU C 283 27.92 -29.53 -30.14
N LEU C 284 28.10 -30.40 -31.14
CA LEU C 284 28.06 -29.96 -32.53
C LEU C 284 26.75 -29.21 -32.81
N HIS C 285 25.64 -29.80 -32.38
CA HIS C 285 24.33 -29.20 -32.59
C HIS C 285 24.29 -27.80 -31.97
N ALA C 286 24.72 -27.70 -30.72
CA ALA C 286 24.73 -26.43 -30.02
C ALA C 286 25.63 -25.38 -30.67
N ALA C 287 26.82 -25.78 -31.11
CA ALA C 287 27.77 -24.86 -31.74
C ALA C 287 27.27 -24.29 -33.06
N ILE C 288 26.68 -25.14 -33.89
CA ILE C 288 26.17 -24.70 -35.18
C ILE C 288 25.05 -23.65 -35.06
N ARG C 289 24.28 -23.70 -33.98
CA ARG C 289 23.21 -22.72 -33.80
C ARG C 289 23.55 -21.74 -32.70
N GLU C 290 24.83 -21.72 -32.34
CA GLU C 290 25.34 -20.84 -31.28
C GLU C 290 24.43 -20.80 -30.05
N VAL C 291 24.10 -21.98 -29.54
CA VAL C 291 23.32 -22.09 -28.33
C VAL C 291 24.42 -22.21 -27.27
N ASP C 292 24.54 -21.21 -26.42
CA ASP C 292 25.58 -21.25 -25.39
C ASP C 292 25.21 -22.15 -24.22
N ILE C 293 26.23 -22.77 -23.63
CA ILE C 293 26.04 -23.66 -22.50
C ILE C 293 26.78 -23.03 -21.32
N LYS C 294 26.00 -22.52 -20.38
CA LYS C 294 26.57 -21.87 -19.21
C LYS C 294 26.18 -22.55 -17.92
N GLY C 295 27.18 -22.86 -17.11
CA GLY C 295 26.93 -23.49 -15.84
C GLY C 295 26.81 -22.39 -14.80
N VAL C 296 26.40 -22.75 -13.59
CA VAL C 296 26.26 -21.79 -12.53
C VAL C 296 26.76 -22.39 -11.23
N PHE C 297 27.43 -21.56 -10.43
CA PHE C 297 27.93 -22.02 -9.14
C PHE C 297 27.42 -21.10 -8.06
N ARG C 298 26.25 -21.44 -7.53
CA ARG C 298 25.62 -20.68 -6.46
C ARG C 298 25.15 -19.30 -6.90
N TYR C 299 25.83 -18.24 -6.46
CA TYR C 299 25.38 -16.88 -6.79
C TYR C 299 26.32 -15.78 -6.33
N CYS C 300 26.09 -14.58 -6.85
CA CYS C 300 26.85 -13.39 -6.45
C CYS C 300 25.98 -12.17 -6.67
N ASN C 301 26.01 -11.25 -5.70
CA ASN C 301 25.23 -10.01 -5.77
C ASN C 301 23.73 -10.21 -5.97
N THR C 302 23.09 -11.01 -5.12
CA THR C 302 21.65 -11.25 -5.24
C THR C 302 20.83 -10.93 -3.99
N TRP C 303 21.48 -10.81 -2.84
CA TRP C 303 20.74 -10.54 -1.62
C TRP C 303 19.99 -9.21 -1.62
N PRO C 304 20.70 -8.09 -1.88
CA PRO C 304 20.01 -6.80 -1.89
C PRO C 304 18.84 -6.79 -2.87
N VAL C 305 19.06 -7.34 -4.06
CA VAL C 305 18.01 -7.40 -5.07
C VAL C 305 16.85 -8.30 -4.62
N ALA C 306 17.15 -9.41 -3.98
CA ALA C 306 16.12 -10.33 -3.50
C ALA C 306 15.30 -9.62 -2.42
N ILE C 307 15.99 -8.86 -1.56
CA ILE C 307 15.31 -8.15 -0.49
C ILE C 307 14.38 -7.08 -1.07
N SER C 308 14.83 -6.37 -2.10
CA SER C 308 14.00 -5.33 -2.71
C SER C 308 12.75 -5.94 -3.32
N MET C 309 12.89 -7.12 -3.92
N MET C 309 12.89 -7.12 -3.92
CA MET C 309 11.76 -7.78 -4.55
CA MET C 309 11.77 -7.79 -4.56
C MET C 309 10.73 -8.25 -3.53
C MET C 309 10.73 -8.26 -3.53
N LEU C 310 11.21 -8.72 -2.38
CA LEU C 310 10.32 -9.19 -1.32
C LEU C 310 9.64 -8.02 -0.62
N ALA C 311 10.41 -6.98 -0.34
CA ALA C 311 9.89 -5.80 0.35
C ALA C 311 8.83 -5.06 -0.45
N SER C 312 8.91 -5.16 -1.77
CA SER C 312 7.95 -4.49 -2.65
C SER C 312 6.83 -5.43 -3.07
N LYS C 313 6.89 -6.67 -2.57
CA LYS C 313 5.87 -7.66 -2.88
C LYS C 313 5.86 -7.97 -4.37
N SER C 314 7.02 -7.84 -5.02
CA SER C 314 7.13 -8.10 -6.45
C SER C 314 7.17 -9.59 -6.74
N VAL C 315 7.43 -10.37 -5.71
CA VAL C 315 7.50 -11.83 -5.84
C VAL C 315 7.02 -12.43 -4.53
N ASN C 316 6.44 -13.63 -4.60
CA ASN C 316 5.93 -14.29 -3.40
C ASN C 316 6.49 -15.70 -3.27
N VAL C 317 7.37 -15.90 -2.29
CA VAL C 317 8.00 -17.19 -2.07
C VAL C 317 7.38 -17.99 -0.93
N LYS C 318 6.44 -17.39 -0.21
CA LYS C 318 5.80 -18.07 0.91
C LYS C 318 5.17 -19.43 0.54
N PRO C 319 4.53 -19.54 -0.64
CA PRO C 319 3.92 -20.81 -1.05
C PRO C 319 4.91 -21.98 -1.13
N LEU C 320 6.21 -21.67 -1.13
CA LEU C 320 7.23 -22.71 -1.22
C LEU C 320 7.41 -23.50 0.09
N VAL C 321 7.15 -22.84 1.22
CA VAL C 321 7.31 -23.50 2.51
C VAL C 321 6.14 -24.47 2.75
N THR C 322 6.45 -25.77 2.82
CA THR C 322 5.44 -26.79 3.03
C THR C 322 5.45 -27.43 4.42
N HIS C 323 6.58 -27.31 5.11
N HIS C 323 6.57 -27.29 5.12
CA HIS C 323 6.71 -27.88 6.45
CA HIS C 323 6.68 -27.85 6.46
C HIS C 323 7.65 -27.02 7.30
C HIS C 323 7.65 -27.03 7.30
N ARG C 324 7.42 -27.01 8.61
CA ARG C 324 8.29 -26.27 9.53
C ARG C 324 8.37 -27.01 10.85
N PHE C 325 9.60 -27.22 11.33
CA PHE C 325 9.85 -27.92 12.58
C PHE C 325 10.82 -27.11 13.44
N PRO C 326 10.81 -27.36 14.75
CA PRO C 326 11.75 -26.62 15.61
C PRO C 326 13.07 -27.35 15.42
N LEU C 327 14.18 -26.68 15.67
CA LEU C 327 15.50 -27.28 15.52
C LEU C 327 15.60 -28.69 16.10
N GLU C 328 15.10 -28.86 17.33
CA GLU C 328 15.15 -30.14 18.04
C GLU C 328 14.54 -31.31 17.27
N LYS C 329 13.68 -31.01 16.29
CA LYS C 329 13.09 -32.07 15.50
C LYS C 329 13.72 -32.15 14.11
N ALA C 330 15.02 -31.85 14.07
CA ALA C 330 15.78 -31.88 12.82
C ALA C 330 15.75 -33.26 12.15
N LEU C 331 15.96 -34.32 12.91
CA LEU C 331 15.94 -35.66 12.33
C LEU C 331 14.64 -35.92 11.62
N GLU C 332 13.53 -35.56 12.26
CA GLU C 332 12.23 -35.75 11.65
C GLU C 332 12.10 -34.93 10.37
N ALA C 333 12.67 -33.72 10.37
CA ALA C 333 12.63 -32.86 9.20
C ALA C 333 13.39 -33.50 8.04
N PHE C 334 14.56 -34.05 8.32
CA PHE C 334 15.38 -34.69 7.29
C PHE C 334 14.73 -35.97 6.78
N GLU C 335 13.95 -36.63 7.63
CA GLU C 335 13.26 -37.85 7.21
C GLU C 335 12.10 -37.44 6.32
N THR C 336 11.46 -36.33 6.66
CA THR C 336 10.33 -35.83 5.87
C THR C 336 10.83 -35.43 4.49
N PHE C 337 12.02 -34.85 4.43
CA PHE C 337 12.60 -34.42 3.15
C PHE C 337 12.75 -35.61 2.23
N LYS C 338 13.17 -36.74 2.79
CA LYS C 338 13.35 -37.95 1.99
C LYS C 338 12.05 -38.50 1.43
N LYS C 339 10.93 -38.21 2.10
CA LYS C 339 9.64 -38.69 1.62
C LYS C 339 9.33 -38.11 0.24
N GLY C 340 10.11 -37.12 -0.17
CA GLY C 340 9.93 -36.51 -1.48
C GLY C 340 8.66 -35.70 -1.64
N LEU C 341 7.95 -35.44 -0.55
CA LEU C 341 6.73 -34.67 -0.62
C LEU C 341 7.00 -33.26 -0.13
N GLY C 342 6.41 -32.28 -0.81
CA GLY C 342 6.61 -30.89 -0.41
C GLY C 342 7.79 -30.25 -1.12
N LEU C 343 7.96 -28.95 -0.89
CA LEU C 343 9.04 -28.20 -1.50
C LEU C 343 10.11 -27.81 -0.49
N LYS C 344 9.85 -26.74 0.26
CA LYS C 344 10.81 -26.26 1.24
C LYS C 344 10.41 -26.54 2.68
N ILE C 345 11.36 -27.08 3.44
CA ILE C 345 11.16 -27.41 4.84
C ILE C 345 11.99 -26.43 5.68
N MET C 346 11.34 -25.74 6.60
CA MET C 346 11.98 -24.74 7.46
C MET C 346 12.21 -25.23 8.88
N LEU C 347 13.41 -24.97 9.40
CA LEU C 347 13.75 -25.33 10.77
C LEU C 347 13.75 -24.05 11.60
N LYS C 348 13.11 -24.11 12.78
CA LYS C 348 13.02 -22.95 13.66
C LYS C 348 13.96 -23.10 14.85
N CYS C 349 15.00 -22.29 14.88
CA CYS C 349 16.04 -22.35 15.91
C CYS C 349 15.88 -21.46 17.12
N ASP C 350 14.98 -20.49 17.07
CA ASP C 350 14.79 -19.56 18.18
C ASP C 350 13.56 -19.93 19.00
N PRO C 351 13.77 -20.54 20.19
CA PRO C 351 12.68 -20.94 21.08
C PRO C 351 11.73 -19.81 21.46
N SER C 352 12.24 -18.57 21.49
CA SER C 352 11.40 -17.44 21.87
C SER C 352 10.46 -16.99 20.75
N ASP C 353 10.65 -17.53 19.55
CA ASP C 353 9.79 -17.16 18.43
C ASP C 353 9.82 -18.19 17.29
N GLN C 354 8.81 -19.03 17.25
CA GLN C 354 8.68 -20.09 16.24
C GLN C 354 7.77 -19.69 15.08
N ASN C 355 7.45 -18.41 14.98
CA ASN C 355 6.58 -17.93 13.92
C ASN C 355 7.35 -17.70 12.61
N PRO C 356 6.63 -17.56 11.48
CA PRO C 356 7.24 -17.33 10.16
C PRO C 356 8.14 -16.10 10.18
N ALA D 1 -22.62 0.57 -65.49
CA ALA D 1 -21.30 1.12 -65.05
C ALA D 1 -20.62 0.17 -64.08
N ALA D 2 -19.29 0.28 -63.98
CA ALA D 2 -18.53 -0.59 -63.10
C ALA D 2 -18.83 -0.27 -61.64
N ALA D 3 -18.54 -1.22 -60.77
CA ALA D 3 -18.77 -1.05 -59.35
C ALA D 3 -17.90 0.08 -58.81
N ALA D 4 -18.29 0.63 -57.67
CA ALA D 4 -17.54 1.72 -57.06
C ALA D 4 -16.19 1.23 -56.55
N LYS D 5 -15.15 2.00 -56.84
CA LYS D 5 -13.79 1.68 -56.40
C LYS D 5 -13.61 2.06 -54.94
N PRO D 6 -12.63 1.43 -54.26
CA PRO D 6 -12.42 1.77 -52.86
C PRO D 6 -11.74 3.15 -52.78
N ASN D 7 -11.77 3.76 -51.61
CA ASN D 7 -11.14 5.07 -51.46
C ASN D 7 -9.96 4.96 -50.53
N ASN D 8 -9.17 6.02 -50.47
CA ASN D 8 -8.02 6.06 -49.59
C ASN D 8 -7.95 7.44 -48.95
N LEU D 9 -9.02 7.79 -48.22
CA LEU D 9 -9.10 9.07 -47.53
C LEU D 9 -7.89 9.12 -46.59
N SER D 10 -7.18 10.25 -46.60
CA SER D 10 -5.99 10.38 -45.77
C SER D 10 -5.93 11.71 -45.02
N LEU D 11 -5.26 11.70 -43.87
CA LEU D 11 -5.11 12.92 -43.09
C LEU D 11 -3.75 13.50 -43.49
N VAL D 12 -3.79 14.67 -44.13
CA VAL D 12 -2.58 15.31 -44.62
C VAL D 12 -2.27 16.66 -44.00
N VAL D 13 -1.01 16.88 -43.63
CA VAL D 13 -0.59 18.16 -43.10
C VAL D 13 0.03 18.89 -44.28
N HIS D 14 -0.48 20.08 -44.58
CA HIS D 14 0.03 20.86 -45.70
C HIS D 14 1.00 21.95 -45.26
N GLY D 15 0.90 22.34 -44.00
CA GLY D 15 1.77 23.37 -43.46
C GLY D 15 1.29 23.70 -42.08
N PRO D 16 1.99 24.60 -41.36
CA PRO D 16 1.57 24.96 -40.00
C PRO D 16 0.08 25.28 -39.98
N GLY D 17 -0.67 24.61 -39.11
CA GLY D 17 -2.09 24.84 -38.99
C GLY D 17 -2.94 24.49 -40.20
N ASP D 18 -2.38 23.73 -41.15
CA ASP D 18 -3.14 23.35 -42.34
C ASP D 18 -3.27 21.83 -42.45
N LEU D 19 -4.34 21.29 -41.88
CA LEU D 19 -4.63 19.86 -41.87
C LEU D 19 -5.83 19.57 -42.77
N ARG D 20 -5.74 18.53 -43.59
CA ARG D 20 -6.84 18.20 -44.50
C ARG D 20 -7.10 16.72 -44.69
N LEU D 21 -8.36 16.39 -44.99
CA LEU D 21 -8.76 15.02 -45.26
C LEU D 21 -8.96 14.98 -46.77
N GLU D 22 -8.11 14.24 -47.47
CA GLU D 22 -8.20 14.15 -48.92
C GLU D 22 -7.94 12.72 -49.40
N ASN D 23 -8.42 12.42 -50.61
CA ASN D 23 -8.26 11.09 -51.15
C ASN D 23 -6.92 10.88 -51.86
N TYR D 24 -6.29 9.74 -51.57
CA TYR D 24 -5.01 9.37 -52.19
C TYR D 24 -5.23 8.13 -53.05
N PRO D 25 -4.29 7.86 -53.98
CA PRO D 25 -4.43 6.67 -54.82
C PRO D 25 -4.26 5.47 -53.91
N ILE D 26 -4.66 4.28 -54.37
CA ILE D 26 -4.49 3.10 -53.56
C ILE D 26 -3.15 2.47 -53.89
N PRO D 27 -2.27 2.32 -52.88
CA PRO D 27 -0.94 1.75 -53.06
C PRO D 27 -0.94 0.34 -53.64
N GLU D 28 0.09 0.03 -54.44
CA GLU D 28 0.25 -1.29 -55.03
C GLU D 28 1.53 -1.85 -54.41
N PRO D 29 1.40 -2.91 -53.60
CA PRO D 29 2.55 -3.52 -52.93
C PRO D 29 3.61 -4.16 -53.84
N GLY D 30 4.87 -3.86 -53.56
CA GLY D 30 5.95 -4.43 -54.32
C GLY D 30 6.10 -5.90 -53.96
N PRO D 31 7.09 -6.62 -54.54
CA PRO D 31 7.30 -8.04 -54.26
C PRO D 31 7.48 -8.38 -52.76
N ASN D 32 8.08 -7.46 -52.00
CA ASN D 32 8.29 -7.71 -50.58
C ASN D 32 7.47 -6.83 -49.66
N GLU D 33 6.35 -6.32 -50.17
CA GLU D 33 5.49 -5.48 -49.37
C GLU D 33 4.10 -6.08 -49.25
N VAL D 34 3.30 -5.50 -48.39
CA VAL D 34 1.93 -5.94 -48.21
C VAL D 34 1.06 -4.69 -48.17
N LEU D 35 -0.16 -4.82 -48.65
CA LEU D 35 -1.11 -3.71 -48.64
C LEU D 35 -1.99 -3.94 -47.42
N LEU D 36 -2.10 -2.94 -46.55
CA LEU D 36 -2.93 -3.07 -45.36
C LEU D 36 -4.15 -2.15 -45.35
N ARG D 37 -5.27 -2.71 -44.91
CA ARG D 37 -6.49 -1.95 -44.75
C ARG D 37 -6.33 -1.45 -43.32
N MET D 38 -5.98 -0.19 -43.17
CA MET D 38 -5.75 0.39 -41.85
C MET D 38 -6.94 0.26 -40.91
N HIS D 39 -6.64 -0.02 -39.64
CA HIS D 39 -7.69 -0.18 -38.64
C HIS D 39 -7.57 0.82 -37.49
N SER D 40 -6.52 0.70 -36.69
CA SER D 40 -6.33 1.61 -35.56
C SER D 40 -5.01 2.37 -35.61
N VAL D 41 -5.08 3.68 -35.38
CA VAL D 41 -3.88 4.51 -35.42
C VAL D 41 -3.86 5.52 -34.28
N GLY D 42 -2.93 5.35 -33.35
CA GLY D 42 -2.81 6.30 -32.25
C GLY D 42 -1.97 7.48 -32.74
N ILE D 43 -2.13 8.63 -32.11
CA ILE D 43 -1.35 9.81 -32.49
C ILE D 43 -0.58 10.32 -31.28
N CYS D 44 0.50 11.06 -31.52
CA CYS D 44 1.28 11.58 -30.41
C CYS D 44 1.80 12.98 -30.72
N GLY D 45 2.59 13.53 -29.80
CA GLY D 45 3.12 14.86 -29.95
C GLY D 45 3.81 15.13 -31.28
N SER D 46 4.48 14.13 -31.83
CA SER D 46 5.18 14.33 -33.10
C SER D 46 4.19 14.69 -34.21
N ASP D 47 3.07 13.96 -34.28
CA ASP D 47 2.06 14.25 -35.30
C ASP D 47 1.51 15.66 -35.08
N VAL D 48 1.15 15.94 -33.84
CA VAL D 48 0.60 17.24 -33.47
C VAL D 48 1.60 18.36 -33.73
N HIS D 49 2.88 18.10 -33.49
CA HIS D 49 3.91 19.11 -33.70
C HIS D 49 4.08 19.44 -35.18
N TYR D 50 4.07 18.42 -36.05
CA TYR D 50 4.20 18.64 -37.48
C TYR D 50 3.00 19.44 -37.98
N TRP D 51 1.87 19.25 -37.33
CA TRP D 51 0.65 19.96 -37.70
C TRP D 51 0.73 21.42 -37.29
N GLU D 52 1.23 21.67 -36.09
CA GLU D 52 1.35 23.03 -35.57
C GLU D 52 2.50 23.85 -36.16
N TYR D 53 3.69 23.28 -36.21
CA TYR D 53 4.84 24.01 -36.71
C TYR D 53 5.40 23.52 -38.04
N GLY D 54 4.80 22.47 -38.59
CA GLY D 54 5.27 21.94 -39.86
C GLY D 54 6.70 21.46 -39.81
N ARG D 55 7.20 21.15 -38.63
CA ARG D 55 8.57 20.68 -38.47
C ARG D 55 8.92 20.30 -37.04
N ILE D 56 9.97 19.52 -36.90
CA ILE D 56 10.49 19.09 -35.61
C ILE D 56 12.00 19.03 -35.81
N GLY D 57 12.70 20.06 -35.37
CA GLY D 57 14.14 20.09 -35.56
C GLY D 57 14.40 20.24 -37.05
N ASN D 58 15.30 19.42 -37.57
CA ASN D 58 15.63 19.46 -39.00
C ASN D 58 14.62 18.72 -39.85
N PHE D 59 13.72 17.99 -39.20
CA PHE D 59 12.68 17.26 -39.92
C PHE D 59 11.58 18.27 -40.24
N ILE D 60 11.62 18.82 -41.45
CA ILE D 60 10.64 19.82 -41.84
C ILE D 60 9.80 19.34 -43.02
N VAL D 61 8.49 19.61 -42.94
CA VAL D 61 7.55 19.22 -43.98
C VAL D 61 7.70 20.19 -45.15
N LYS D 62 8.24 19.68 -46.26
CA LYS D 62 8.45 20.51 -47.44
C LYS D 62 7.35 20.33 -48.49
N LYS D 63 6.57 19.26 -48.34
CA LYS D 63 5.47 18.98 -49.25
C LYS D 63 4.42 18.24 -48.41
N PRO D 64 3.15 18.26 -48.86
CA PRO D 64 2.08 17.59 -48.11
C PRO D 64 2.50 16.21 -47.61
N MET D 65 2.30 15.97 -46.31
CA MET D 65 2.68 14.70 -45.72
C MET D 65 1.53 14.03 -44.97
N VAL D 66 1.32 12.75 -45.23
CA VAL D 66 0.29 11.99 -44.53
C VAL D 66 0.82 11.74 -43.11
N LEU D 67 -0.01 11.99 -42.10
CA LEU D 67 0.40 11.78 -40.71
C LEU D 67 0.10 10.36 -40.23
N GLY D 68 0.48 10.05 -38.99
CA GLY D 68 0.22 8.73 -38.44
C GLY D 68 1.39 7.75 -38.50
N HIS D 69 1.68 7.10 -37.38
CA HIS D 69 2.76 6.12 -37.33
C HIS D 69 2.63 5.06 -36.24
N GLU D 70 1.55 5.09 -35.47
CA GLU D 70 1.34 4.11 -34.40
C GLU D 70 0.12 3.31 -34.82
N ALA D 71 0.31 2.29 -35.65
CA ALA D 71 -0.85 1.57 -36.15
C ALA D 71 -0.85 0.06 -36.30
N SER D 72 -2.05 -0.43 -36.64
CA SER D 72 -2.31 -1.84 -36.89
C SER D 72 -3.38 -1.86 -37.98
N GLY D 73 -3.54 -3.02 -38.61
CA GLY D 73 -4.53 -3.14 -39.66
C GLY D 73 -4.66 -4.59 -40.12
N THR D 74 -5.34 -4.78 -41.25
CA THR D 74 -5.55 -6.12 -41.80
C THR D 74 -4.87 -6.21 -43.16
N VAL D 75 -4.19 -7.32 -43.42
CA VAL D 75 -3.52 -7.49 -44.71
C VAL D 75 -4.58 -7.60 -45.79
N GLU D 76 -4.51 -6.70 -46.77
CA GLU D 76 -5.45 -6.69 -47.87
C GLU D 76 -4.89 -7.51 -49.03
N LYS D 77 -3.63 -7.27 -49.36
CA LYS D 77 -2.96 -7.96 -50.45
C LYS D 77 -1.47 -8.12 -50.13
N VAL D 78 -0.83 -9.12 -50.70
CA VAL D 78 0.59 -9.34 -50.44
C VAL D 78 1.42 -9.41 -51.72
N GLY D 79 2.69 -9.02 -51.61
CA GLY D 79 3.59 -9.05 -52.75
C GLY D 79 3.94 -10.48 -53.14
N SER D 80 4.45 -10.67 -54.34
CA SER D 80 4.81 -12.00 -54.83
C SER D 80 5.87 -12.74 -54.00
N SER D 81 6.69 -12.00 -53.25
CA SER D 81 7.73 -12.65 -52.46
C SER D 81 7.39 -12.83 -50.99
N VAL D 82 6.22 -12.39 -50.58
CA VAL D 82 5.82 -12.52 -49.18
C VAL D 82 5.32 -13.92 -48.87
N LYS D 83 5.85 -14.53 -47.81
CA LYS D 83 5.45 -15.88 -47.43
C LYS D 83 4.89 -16.01 -46.02
N HIS D 84 5.24 -15.09 -45.13
CA HIS D 84 4.77 -15.17 -43.76
C HIS D 84 3.46 -14.42 -43.46
N LEU D 85 2.89 -13.81 -44.49
CA LEU D 85 1.65 -13.06 -44.32
C LEU D 85 0.70 -13.32 -45.49
N LYS D 86 -0.60 -13.36 -45.21
CA LYS D 86 -1.61 -13.61 -46.23
C LYS D 86 -2.81 -12.68 -46.02
N PRO D 87 -3.66 -12.55 -47.05
CA PRO D 87 -4.84 -11.69 -46.93
C PRO D 87 -5.67 -12.07 -45.70
N GLY D 88 -6.06 -11.07 -44.91
CA GLY D 88 -6.85 -11.34 -43.73
C GLY D 88 -6.09 -11.32 -42.42
N ASP D 89 -4.75 -11.43 -42.48
CA ASP D 89 -3.97 -11.40 -41.25
C ASP D 89 -4.06 -10.04 -40.56
N ARG D 90 -4.25 -10.06 -39.25
CA ARG D 90 -4.31 -8.84 -38.47
C ARG D 90 -2.84 -8.60 -38.09
N VAL D 91 -2.35 -7.38 -38.29
CA VAL D 91 -0.96 -7.10 -37.98
C VAL D 91 -0.67 -5.74 -37.36
N ALA D 92 0.46 -5.66 -36.66
CA ALA D 92 0.91 -4.42 -36.05
C ALA D 92 2.00 -3.94 -37.01
N ILE D 93 2.07 -2.63 -37.26
CA ILE D 93 3.04 -2.09 -38.18
C ILE D 93 4.18 -1.33 -37.49
N GLU D 94 5.41 -1.74 -37.76
CA GLU D 94 6.57 -1.05 -37.19
C GLU D 94 6.92 -0.01 -38.25
N PRO D 95 6.73 1.28 -37.93
CA PRO D 95 7.00 2.40 -38.84
C PRO D 95 8.40 2.60 -39.42
N GLY D 96 9.43 2.10 -38.73
CA GLY D 96 10.79 2.28 -39.23
C GLY D 96 11.30 1.08 -40.00
N ALA D 97 11.41 1.23 -41.31
CA ALA D 97 11.88 0.16 -42.19
C ALA D 97 13.10 0.61 -42.99
N PRO D 98 14.25 -0.02 -42.75
CA PRO D 98 15.53 0.28 -43.44
C PRO D 98 15.43 0.15 -44.95
N ARG D 99 15.98 1.13 -45.67
CA ARG D 99 15.96 1.07 -47.12
C ARG D 99 17.16 0.27 -47.65
N GLU D 100 18.23 0.18 -46.87
CA GLU D 100 19.40 -0.58 -47.29
C GLU D 100 20.06 -1.30 -46.12
N ASN D 101 20.68 -2.43 -46.42
CA ASN D 101 21.32 -3.24 -45.38
C ASN D 101 22.74 -2.74 -45.09
N ASP D 102 22.82 -1.53 -44.51
CA ASP D 102 24.11 -0.94 -44.15
C ASP D 102 24.68 -1.59 -42.90
N GLU D 103 25.82 -1.11 -42.43
N GLU D 103 25.82 -1.11 -42.43
CA GLU D 103 26.44 -1.70 -41.24
CA GLU D 103 26.44 -1.69 -41.24
C GLU D 103 25.59 -1.59 -39.97
C GLU D 103 25.58 -1.59 -39.99
N PHE D 104 24.75 -0.55 -39.89
CA PHE D 104 23.90 -0.38 -38.72
C PHE D 104 22.86 -1.50 -38.63
N CYS D 105 22.32 -1.91 -39.78
CA CYS D 105 21.35 -3.00 -39.84
C CYS D 105 22.05 -4.33 -39.53
N LYS D 106 23.21 -4.53 -40.15
CA LYS D 106 23.96 -5.77 -39.95
C LYS D 106 24.38 -5.96 -38.50
N MET D 107 24.75 -4.88 -37.81
N MET D 107 24.74 -4.86 -37.83
CA MET D 107 25.17 -4.97 -36.42
CA MET D 107 25.16 -4.91 -36.44
C MET D 107 23.96 -5.15 -35.49
C MET D 107 23.97 -5.02 -35.49
N GLY D 108 22.76 -4.95 -36.04
CA GLY D 108 21.57 -5.08 -35.22
C GLY D 108 20.93 -3.81 -34.69
N ARG D 109 21.41 -2.65 -35.12
CA ARG D 109 20.83 -1.39 -34.66
C ARG D 109 20.25 -0.64 -35.85
N TYR D 110 19.36 -1.29 -36.58
CA TYR D 110 18.76 -0.68 -37.76
C TYR D 110 18.09 0.68 -37.52
N ASN D 111 17.71 0.96 -36.28
CA ASN D 111 17.08 2.25 -35.99
C ASN D 111 18.02 3.41 -36.29
N LEU D 112 19.32 3.13 -36.33
CA LEU D 112 20.32 4.15 -36.60
C LEU D 112 20.69 4.27 -38.07
N SER D 113 20.09 3.43 -38.91
CA SER D 113 20.36 3.49 -40.35
C SER D 113 19.99 4.88 -40.86
N PRO D 114 20.95 5.60 -41.46
CA PRO D 114 20.71 6.95 -41.99
C PRO D 114 19.61 7.08 -43.02
N SER D 115 19.45 6.08 -43.87
CA SER D 115 18.45 6.14 -44.94
C SER D 115 17.14 5.44 -44.61
N ILE D 116 16.88 5.23 -43.33
CA ILE D 116 15.66 4.54 -42.91
C ILE D 116 14.37 5.27 -43.28
N PHE D 117 13.36 4.49 -43.66
CA PHE D 117 12.05 5.03 -43.99
C PHE D 117 11.29 5.04 -42.66
N PHE D 118 10.58 6.11 -42.37
CA PHE D 118 9.82 6.18 -41.13
C PHE D 118 8.51 6.97 -41.31
N CYS D 119 7.39 6.30 -41.10
CA CYS D 119 6.06 6.89 -41.25
C CYS D 119 5.86 8.25 -40.59
N ALA D 120 5.35 9.21 -41.37
CA ALA D 120 5.02 10.55 -40.89
C ALA D 120 6.16 11.44 -40.41
N THR D 121 7.38 11.09 -40.77
CA THR D 121 8.53 11.93 -40.44
C THR D 121 8.96 12.35 -41.85
N PRO D 122 8.75 13.63 -42.19
CA PRO D 122 9.10 14.15 -43.51
C PRO D 122 10.46 13.66 -43.98
N PRO D 123 10.56 13.28 -45.27
CA PRO D 123 9.49 13.30 -46.28
C PRO D 123 8.69 11.99 -46.44
N ASP D 124 8.65 11.14 -45.42
CA ASP D 124 7.92 9.88 -45.55
C ASP D 124 6.45 9.94 -45.09
N ASP D 125 5.53 9.58 -45.97
CA ASP D 125 4.11 9.58 -45.65
C ASP D 125 3.71 8.54 -44.62
N GLY D 126 2.87 8.94 -43.68
CA GLY D 126 2.40 8.06 -42.62
C GLY D 126 1.24 7.17 -43.00
N ASN D 127 0.62 6.55 -42.00
CA ASN D 127 -0.49 5.64 -42.26
C ASN D 127 -1.89 5.98 -41.70
N LEU D 128 -2.17 7.26 -41.48
CA LEU D 128 -3.50 7.67 -41.02
C LEU D 128 -4.34 7.77 -42.29
N CYS D 129 -4.84 6.63 -42.77
CA CYS D 129 -5.61 6.59 -44.00
C CYS D 129 -6.30 5.24 -44.12
N ARG D 130 -6.88 4.95 -45.28
CA ARG D 130 -7.59 3.69 -45.52
C ARG D 130 -6.67 2.54 -45.88
N PHE D 131 -5.86 2.72 -46.92
CA PHE D 131 -4.94 1.69 -47.36
C PHE D 131 -3.51 2.20 -47.37
N TYR D 132 -2.61 1.35 -46.89
CA TYR D 132 -1.20 1.69 -46.75
C TYR D 132 -0.32 0.47 -47.05
N LYS D 133 0.77 0.67 -47.79
CA LYS D 133 1.65 -0.47 -48.06
C LYS D 133 2.91 -0.33 -47.22
N HIS D 134 3.50 -1.45 -46.83
CA HIS D 134 4.68 -1.43 -45.97
C HIS D 134 5.55 -2.66 -46.20
N ASN D 135 6.85 -2.54 -45.89
CA ASN D 135 7.76 -3.67 -46.05
C ASN D 135 7.22 -4.81 -45.18
N ALA D 136 7.03 -5.99 -45.80
CA ALA D 136 6.47 -7.14 -45.11
C ALA D 136 7.22 -7.62 -43.86
N ALA D 137 8.54 -7.44 -43.84
CA ALA D 137 9.30 -7.87 -42.68
C ALA D 137 8.98 -7.03 -41.45
N PHE D 138 8.41 -5.85 -41.66
CA PHE D 138 8.08 -5.00 -40.53
C PHE D 138 6.60 -4.92 -40.20
N CYS D 139 5.87 -5.97 -40.58
CA CYS D 139 4.45 -6.11 -40.29
C CYS D 139 4.39 -7.41 -39.51
N TYR D 140 3.91 -7.34 -38.26
CA TYR D 140 3.86 -8.53 -37.42
C TYR D 140 2.44 -9.01 -37.15
N LYS D 141 2.25 -10.32 -37.27
CA LYS D 141 0.93 -10.91 -37.06
C LYS D 141 0.50 -10.80 -35.60
N LEU D 142 -0.74 -10.41 -35.38
CA LEU D 142 -1.28 -10.27 -34.02
C LEU D 142 -2.02 -11.52 -33.59
N PRO D 143 -1.75 -12.01 -32.36
CA PRO D 143 -2.45 -13.21 -31.90
C PRO D 143 -3.93 -12.81 -31.79
N ASP D 144 -4.83 -13.80 -31.75
CA ASP D 144 -6.25 -13.51 -31.64
C ASP D 144 -6.66 -12.78 -30.36
N ASN D 145 -5.96 -13.07 -29.25
CA ASN D 145 -6.30 -12.43 -27.99
C ASN D 145 -5.64 -11.05 -27.78
N VAL D 146 -5.20 -10.44 -28.88
CA VAL D 146 -4.60 -9.10 -28.81
C VAL D 146 -5.40 -8.21 -29.77
N THR D 147 -5.95 -7.13 -29.24
CA THR D 147 -6.76 -6.22 -30.05
C THR D 147 -5.98 -5.32 -31.01
N PHE D 148 -6.69 -4.78 -32.00
CA PHE D 148 -6.09 -3.88 -32.97
C PHE D 148 -5.50 -2.67 -32.25
N GLU D 149 -6.19 -2.18 -31.22
CA GLU D 149 -5.69 -1.03 -30.50
C GLU D 149 -4.45 -1.38 -29.70
N GLU D 150 -4.38 -2.60 -29.20
CA GLU D 150 -3.19 -3.02 -28.47
C GLU D 150 -2.03 -3.06 -29.46
N GLY D 151 -2.32 -3.57 -30.66
CA GLY D 151 -1.30 -3.64 -31.69
C GLY D 151 -0.76 -2.26 -32.03
N ALA D 152 -1.64 -1.27 -32.08
CA ALA D 152 -1.25 0.11 -32.38
C ALA D 152 -0.45 0.72 -31.23
N LEU D 153 -0.74 0.28 -30.01
CA LEU D 153 -0.05 0.81 -28.84
C LEU D 153 1.37 0.23 -28.70
N ILE D 154 1.72 -0.72 -29.55
CA ILE D 154 3.04 -1.33 -29.52
C ILE D 154 4.11 -0.28 -29.87
N GLU D 155 3.78 0.64 -30.76
CA GLU D 155 4.72 1.68 -31.17
C GLU D 155 5.13 2.53 -29.96
N PRO D 156 4.17 3.15 -29.26
CA PRO D 156 4.57 3.96 -28.10
C PRO D 156 5.19 3.11 -26.99
N LEU D 157 4.66 1.90 -26.80
CA LEU D 157 5.20 1.00 -25.79
C LEU D 157 6.66 0.65 -26.10
N SER D 158 6.97 0.51 -27.39
CA SER D 158 8.33 0.17 -27.82
C SER D 158 9.31 1.28 -27.49
N VAL D 159 8.82 2.51 -27.37
CA VAL D 159 9.71 3.61 -27.01
C VAL D 159 10.16 3.34 -25.57
N GLY D 160 9.25 2.79 -24.76
CA GLY D 160 9.57 2.47 -23.39
C GLY D 160 10.49 1.26 -23.27
N ILE D 161 10.22 0.24 -24.09
CA ILE D 161 11.04 -0.97 -24.08
C ILE D 161 12.49 -0.63 -24.43
N HIS D 162 12.68 0.13 -25.50
CA HIS D 162 14.01 0.52 -25.95
C HIS D 162 14.71 1.36 -24.88
N ALA D 163 13.97 2.26 -24.23
CA ALA D 163 14.55 3.12 -23.20
C ALA D 163 15.04 2.33 -21.99
N CYS D 164 14.20 1.41 -21.51
CA CYS D 164 14.56 0.59 -20.36
C CYS D 164 15.73 -0.34 -20.70
N ARG D 165 15.78 -0.79 -21.95
CA ARG D 165 16.87 -1.65 -22.38
C ARG D 165 18.19 -0.89 -22.37
N ARG D 166 18.21 0.28 -23.01
CA ARG D 166 19.43 1.07 -23.06
C ARG D 166 19.83 1.48 -21.65
N GLY D 167 18.84 1.62 -20.77
CA GLY D 167 19.12 2.00 -19.40
C GLY D 167 19.57 0.82 -18.55
N GLY D 168 19.34 -0.40 -19.03
CA GLY D 168 19.74 -1.58 -18.29
C GLY D 168 18.82 -1.92 -17.12
N VAL D 169 17.57 -1.50 -17.21
CA VAL D 169 16.60 -1.77 -16.15
C VAL D 169 16.44 -3.28 -15.95
N THR D 170 16.53 -3.74 -14.70
CA THR D 170 16.37 -5.15 -14.45
C THR D 170 15.87 -5.47 -13.03
N LEU D 171 15.73 -6.74 -12.73
CA LEU D 171 15.23 -7.24 -11.44
C LEU D 171 15.71 -6.50 -10.18
N GLY D 172 14.76 -6.01 -9.40
CA GLY D 172 15.10 -5.32 -8.16
C GLY D 172 15.46 -3.86 -8.21
N HIS D 173 15.64 -3.33 -9.41
CA HIS D 173 16.01 -1.93 -9.58
C HIS D 173 15.01 -0.92 -9.03
N LYS D 174 15.55 0.23 -8.64
CA LYS D 174 14.77 1.37 -8.18
C LYS D 174 14.95 2.29 -9.39
N VAL D 175 13.84 2.61 -10.07
CA VAL D 175 13.88 3.45 -11.27
C VAL D 175 13.13 4.77 -11.15
N LEU D 176 13.77 5.85 -11.61
CA LEU D 176 13.15 7.16 -11.59
C LEU D 176 12.72 7.52 -13.01
N VAL D 177 11.46 7.93 -13.16
CA VAL D 177 10.92 8.33 -14.45
C VAL D 177 10.51 9.80 -14.35
N CYS D 178 11.19 10.66 -15.10
CA CYS D 178 10.90 12.08 -15.09
C CYS D 178 9.89 12.38 -16.19
N GLY D 179 8.68 12.75 -15.77
CA GLY D 179 7.63 13.04 -16.73
C GLY D 179 6.55 11.97 -16.66
N ALA D 180 5.29 12.39 -16.52
CA ALA D 180 4.17 11.47 -16.45
C ALA D 180 3.27 11.53 -17.67
N GLY D 181 3.82 12.01 -18.78
CA GLY D 181 3.05 12.07 -20.00
C GLY D 181 3.00 10.65 -20.56
N PRO D 182 2.41 10.44 -21.75
CA PRO D 182 2.37 9.07 -22.27
C PRO D 182 3.71 8.33 -22.37
N ILE D 183 4.79 9.06 -22.64
CA ILE D 183 6.10 8.42 -22.74
C ILE D 183 6.50 7.87 -21.37
N GLY D 184 6.33 8.71 -20.35
CA GLY D 184 6.65 8.30 -18.99
C GLY D 184 5.80 7.12 -18.54
N MET D 185 4.55 7.10 -18.96
CA MET D 185 3.63 6.03 -18.58
C MET D 185 4.07 4.68 -19.16
N VAL D 186 4.27 4.58 -20.47
CA VAL D 186 4.71 3.31 -21.06
C VAL D 186 6.05 2.89 -20.43
N THR D 187 6.93 3.86 -20.19
CA THR D 187 8.21 3.57 -19.57
C THR D 187 7.97 2.93 -18.21
N LEU D 188 7.03 3.49 -17.46
CA LEU D 188 6.66 2.96 -16.14
C LEU D 188 6.15 1.52 -16.27
N LEU D 189 5.26 1.29 -17.22
CA LEU D 189 4.69 -0.04 -17.43
C LEU D 189 5.78 -1.04 -17.76
N VAL D 190 6.72 -0.63 -18.59
CA VAL D 190 7.83 -1.50 -19.00
C VAL D 190 8.77 -1.81 -17.84
N ALA D 191 9.18 -0.78 -17.11
CA ALA D 191 10.09 -0.96 -15.98
C ALA D 191 9.54 -1.99 -15.01
N LYS D 192 8.25 -1.88 -14.71
CA LYS D 192 7.61 -2.82 -13.79
C LYS D 192 7.64 -4.24 -14.37
N ALA D 193 7.34 -4.37 -15.65
CA ALA D 193 7.33 -5.68 -16.28
C ALA D 193 8.72 -6.31 -16.32
N MET D 194 9.77 -5.49 -16.27
CA MET D 194 11.13 -6.01 -16.29
C MET D 194 11.65 -6.41 -14.92
N GLY D 195 10.85 -6.16 -13.89
CA GLY D 195 11.26 -6.54 -12.55
C GLY D 195 11.68 -5.43 -11.60
N ALA D 196 11.45 -4.17 -11.98
CA ALA D 196 11.83 -3.07 -11.11
C ALA D 196 11.03 -3.15 -9.81
N ALA D 197 11.73 -3.04 -8.69
CA ALA D 197 11.12 -3.11 -7.37
C ALA D 197 10.26 -1.89 -7.08
N GLN D 198 10.82 -0.72 -7.38
CA GLN D 198 10.15 0.55 -7.14
C GLN D 198 10.34 1.47 -8.32
N VAL D 199 9.27 2.14 -8.71
CA VAL D 199 9.35 3.12 -9.79
C VAL D 199 8.74 4.40 -9.25
N VAL D 200 9.54 5.45 -9.23
CA VAL D 200 9.08 6.75 -8.76
C VAL D 200 8.92 7.59 -10.02
N VAL D 201 7.79 8.31 -10.11
CA VAL D 201 7.51 9.17 -11.24
C VAL D 201 7.29 10.61 -10.79
N THR D 202 7.93 11.54 -11.48
CA THR D 202 7.79 12.95 -11.15
C THR D 202 7.07 13.67 -12.28
N ASP D 203 6.36 14.74 -11.94
CA ASP D 203 5.65 15.53 -12.93
C ASP D 203 5.14 16.82 -12.30
N LEU D 204 4.78 17.78 -13.15
CA LEU D 204 4.26 19.07 -12.70
C LEU D 204 2.77 18.96 -12.36
N SER D 205 2.10 17.98 -12.95
CA SER D 205 0.67 17.79 -12.74
C SER D 205 0.28 16.69 -11.76
N ALA D 206 -0.47 17.07 -10.74
CA ALA D 206 -0.92 16.10 -9.74
C ALA D 206 -1.89 15.10 -10.37
N THR D 207 -2.64 15.57 -11.37
CA THR D 207 -3.61 14.74 -12.07
C THR D 207 -2.91 13.62 -12.83
N ARG D 208 -1.83 13.97 -13.52
CA ARG D 208 -1.10 12.97 -14.29
C ARG D 208 -0.43 11.95 -13.35
N LEU D 209 0.06 12.43 -12.21
CA LEU D 209 0.71 11.56 -11.23
C LEU D 209 -0.30 10.57 -10.66
N SER D 210 -1.52 11.06 -10.44
CA SER D 210 -2.58 10.22 -9.90
C SER D 210 -2.86 9.10 -10.90
N LYS D 211 -2.80 9.44 -12.18
CA LYS D 211 -3.02 8.48 -13.25
C LYS D 211 -1.88 7.45 -13.22
N ALA D 212 -0.66 7.92 -13.01
CA ALA D 212 0.51 7.05 -12.93
C ALA D 212 0.34 6.06 -11.79
N LYS D 213 -0.21 6.54 -10.68
CA LYS D 213 -0.44 5.69 -9.53
C LYS D 213 -1.37 4.55 -9.94
N GLU D 214 -2.43 4.91 -10.66
CA GLU D 214 -3.43 3.94 -11.13
C GLU D 214 -2.89 2.83 -12.02
N ILE D 215 -1.82 3.11 -12.75
CA ILE D 215 -1.28 2.08 -13.63
C ILE D 215 -0.05 1.38 -13.08
N GLY D 216 0.35 1.71 -11.84
CA GLY D 216 1.49 1.03 -11.25
C GLY D 216 2.60 1.80 -10.57
N ALA D 217 2.63 3.13 -10.72
CA ALA D 217 3.69 3.90 -10.09
C ALA D 217 3.73 3.62 -8.58
N ASP D 218 4.90 3.22 -8.08
CA ASP D 218 5.04 2.93 -6.66
C ASP D 218 5.10 4.20 -5.84
N LEU D 219 5.70 5.23 -6.40
CA LEU D 219 5.82 6.52 -5.72
C LEU D 219 5.71 7.63 -6.76
N VAL D 220 5.12 8.75 -6.36
CA VAL D 220 4.98 9.89 -7.23
C VAL D 220 5.47 11.13 -6.51
N LEU D 221 6.01 12.07 -7.28
CA LEU D 221 6.51 13.31 -6.70
C LEU D 221 6.13 14.48 -7.58
N GLN D 222 5.31 15.38 -7.05
CA GLN D 222 4.91 16.56 -7.81
C GLN D 222 6.02 17.60 -7.72
N ILE D 223 6.48 18.07 -8.87
CA ILE D 223 7.55 19.05 -8.94
C ILE D 223 7.05 20.45 -9.27
N SER D 224 7.63 21.44 -8.59
CA SER D 224 7.27 22.83 -8.79
C SER D 224 8.50 23.66 -9.19
N LYS D 225 8.97 24.51 -8.29
CA LYS D 225 10.12 25.35 -8.56
C LYS D 225 11.41 24.85 -7.91
N GLU D 226 11.43 23.61 -7.46
CA GLU D 226 12.62 23.06 -6.81
C GLU D 226 13.83 23.06 -7.76
N SER D 227 15.03 23.08 -7.20
CA SER D 227 16.24 23.05 -8.01
C SER D 227 16.54 21.58 -8.29
N PRO D 228 17.41 21.29 -9.28
CA PRO D 228 17.76 19.91 -9.61
C PRO D 228 18.28 19.13 -8.39
N GLN D 229 19.12 19.78 -7.60
CA GLN D 229 19.67 19.15 -6.40
C GLN D 229 18.54 18.79 -5.44
N GLU D 230 17.56 19.69 -5.31
CA GLU D 230 16.43 19.44 -4.43
C GLU D 230 15.57 18.30 -4.95
N ILE D 231 15.42 18.22 -6.27
CA ILE D 231 14.64 17.14 -6.87
C ILE D 231 15.32 15.83 -6.49
N ALA D 232 16.62 15.75 -6.79
CA ALA D 232 17.40 14.56 -6.50
C ALA D 232 17.30 14.16 -5.03
N ARG D 233 17.34 15.15 -4.14
CA ARG D 233 17.23 14.88 -2.71
C ARG D 233 15.87 14.32 -2.33
N LYS D 234 14.81 14.90 -2.88
CA LYS D 234 13.47 14.44 -2.58
C LYS D 234 13.29 13.01 -3.09
N VAL D 235 13.71 12.76 -4.34
CA VAL D 235 13.59 11.44 -4.91
C VAL D 235 14.30 10.42 -4.01
N GLU D 236 15.54 10.73 -3.64
CA GLU D 236 16.31 9.83 -2.78
C GLU D 236 15.60 9.69 -1.44
N GLY D 237 15.04 10.79 -0.97
CA GLY D 237 14.32 10.77 0.29
C GLY D 237 13.18 9.76 0.25
N GLN D 238 12.48 9.68 -0.89
CA GLN D 238 11.37 8.74 -1.01
C GLN D 238 11.80 7.28 -1.11
N LEU D 239 12.88 7.03 -1.85
CA LEU D 239 13.38 5.66 -2.06
C LEU D 239 14.25 5.14 -0.92
N GLY D 240 14.86 6.05 -0.18
CA GLY D 240 15.74 5.62 0.89
C GLY D 240 17.08 5.25 0.27
N CYS D 241 17.25 5.61 -1.00
CA CYS D 241 18.48 5.34 -1.73
C CYS D 241 18.42 6.00 -3.11
N LYS D 242 19.49 5.88 -3.88
CA LYS D 242 19.55 6.45 -5.23
C LYS D 242 19.11 5.42 -6.25
N PRO D 243 18.30 5.83 -7.24
CA PRO D 243 17.84 4.89 -8.27
C PRO D 243 18.97 4.51 -9.21
N GLU D 244 19.08 3.23 -9.55
CA GLU D 244 20.14 2.77 -10.45
C GLU D 244 19.95 3.25 -11.89
N VAL D 245 18.71 3.61 -12.24
CA VAL D 245 18.41 4.07 -13.58
C VAL D 245 17.40 5.21 -13.59
N THR D 246 17.68 6.25 -14.38
CA THR D 246 16.77 7.37 -14.51
C THR D 246 16.44 7.53 -16.00
N ILE D 247 15.15 7.59 -16.31
CA ILE D 247 14.68 7.77 -17.67
C ILE D 247 13.99 9.12 -17.74
N GLU D 248 14.66 10.08 -18.37
CA GLU D 248 14.16 11.45 -18.50
C GLU D 248 13.25 11.52 -19.72
N CYS D 249 11.98 11.84 -19.48
CA CYS D 249 11.00 11.90 -20.57
C CYS D 249 10.43 13.27 -20.88
N THR D 250 11.00 14.33 -20.33
CA THR D 250 10.46 15.67 -20.58
C THR D 250 11.33 16.51 -21.52
N GLY D 251 12.63 16.24 -21.53
CA GLY D 251 13.53 16.99 -22.37
C GLY D 251 13.94 18.31 -21.76
N ALA D 252 13.42 18.62 -20.57
CA ALA D 252 13.73 19.87 -19.88
C ALA D 252 15.12 19.82 -19.22
N GLU D 253 15.90 20.87 -19.43
CA GLU D 253 17.26 20.96 -18.88
C GLU D 253 17.33 20.69 -17.38
N ALA D 254 16.46 21.35 -16.61
CA ALA D 254 16.45 21.17 -15.17
C ALA D 254 16.24 19.71 -14.77
N SER D 255 15.34 19.05 -15.47
CA SER D 255 15.03 17.65 -15.20
C SER D 255 16.24 16.77 -15.53
N ILE D 256 16.90 17.07 -16.64
CA ILE D 256 18.08 16.30 -17.03
C ILE D 256 19.16 16.45 -15.97
N GLN D 257 19.32 17.65 -15.42
CA GLN D 257 20.33 17.88 -14.39
C GLN D 257 19.97 17.10 -13.12
N ALA D 258 18.70 17.08 -12.76
CA ALA D 258 18.27 16.34 -11.58
C ALA D 258 18.60 14.86 -11.78
N GLY D 259 18.41 14.38 -13.01
CA GLY D 259 18.68 12.98 -13.31
C GLY D 259 20.13 12.60 -13.04
N ILE D 260 21.05 13.52 -13.34
CA ILE D 260 22.46 13.26 -13.11
C ILE D 260 22.71 13.18 -11.61
N TYR D 261 22.20 14.17 -10.88
CA TYR D 261 22.36 14.22 -9.43
C TYR D 261 21.69 13.06 -8.70
N ALA D 262 20.55 12.62 -9.20
CA ALA D 262 19.80 11.55 -8.56
C ALA D 262 20.31 10.13 -8.80
N THR D 263 20.75 9.85 -10.01
CA THR D 263 21.21 8.50 -10.34
C THR D 263 22.38 7.95 -9.55
N ARG D 264 22.25 6.70 -9.13
CA ARG D 264 23.30 6.03 -8.37
C ARG D 264 24.56 5.89 -9.21
N SER D 265 25.71 5.96 -8.54
CA SER D 265 27.00 5.84 -9.19
C SER D 265 27.05 4.53 -9.97
N GLY D 266 27.59 4.60 -11.18
CA GLY D 266 27.66 3.42 -12.02
C GLY D 266 26.34 3.18 -12.71
N GLY D 267 25.36 4.04 -12.43
CA GLY D 267 24.04 3.89 -13.04
C GLY D 267 23.90 4.52 -14.41
N THR D 268 22.67 4.57 -14.92
CA THR D 268 22.43 5.13 -16.24
C THR D 268 21.27 6.13 -16.33
N LEU D 269 21.52 7.23 -17.04
CA LEU D 269 20.53 8.27 -17.27
C LEU D 269 20.19 8.21 -18.76
N VAL D 270 18.97 7.79 -19.07
CA VAL D 270 18.50 7.69 -20.45
C VAL D 270 17.71 8.95 -20.83
N LEU D 271 18.05 9.53 -21.97
CA LEU D 271 17.37 10.74 -22.45
C LEU D 271 16.40 10.39 -23.58
N VAL D 272 15.12 10.42 -23.26
CA VAL D 272 14.09 10.09 -24.25
C VAL D 272 13.36 11.34 -24.74
N GLY D 273 13.29 12.37 -23.89
CA GLY D 273 12.61 13.59 -24.27
C GLY D 273 13.41 14.43 -25.25
N LEU D 274 12.72 15.22 -26.06
CA LEU D 274 13.42 16.06 -27.01
C LEU D 274 13.31 17.51 -26.56
N GLY D 275 14.45 18.15 -26.36
CA GLY D 275 14.46 19.54 -25.92
C GLY D 275 15.23 20.43 -26.88
N SER D 276 15.95 21.39 -26.33
CA SER D 276 16.74 22.32 -27.14
C SER D 276 17.96 21.63 -27.73
N GLU D 277 18.60 22.31 -28.70
CA GLU D 277 19.80 21.77 -29.33
C GLU D 277 20.92 21.69 -28.33
N MET D 278 20.99 22.68 -27.45
CA MET D 278 22.03 22.74 -26.43
C MET D 278 21.44 22.64 -25.03
N THR D 279 22.17 21.95 -24.15
CA THR D 279 21.75 21.77 -22.76
C THR D 279 22.97 21.92 -21.88
N THR D 280 22.84 22.69 -20.81
CA THR D 280 23.94 22.88 -19.88
C THR D 280 23.72 21.85 -18.77
N VAL D 281 24.73 21.01 -18.55
CA VAL D 281 24.63 19.96 -17.56
C VAL D 281 25.92 19.74 -16.77
N PRO D 282 25.80 19.15 -15.57
CA PRO D 282 26.97 18.88 -14.72
C PRO D 282 27.69 17.58 -15.12
N LEU D 283 28.32 17.60 -16.29
CA LEU D 283 29.04 16.43 -16.79
C LEU D 283 30.09 15.96 -15.81
N LEU D 284 30.76 16.91 -15.16
CA LEU D 284 31.78 16.57 -14.19
C LEU D 284 31.20 15.69 -13.09
N HIS D 285 30.00 16.03 -12.63
CA HIS D 285 29.36 15.25 -11.58
C HIS D 285 29.13 13.82 -12.05
N ALA D 286 28.57 13.69 -13.25
CA ALA D 286 28.29 12.38 -13.84
C ALA D 286 29.55 11.53 -14.05
N ALA D 287 30.63 12.17 -14.50
CA ALA D 287 31.89 11.48 -14.75
C ALA D 287 32.51 10.91 -13.49
N ILE D 288 32.61 11.73 -12.46
CA ILE D 288 33.18 11.30 -11.20
C ILE D 288 32.46 10.11 -10.57
N ARG D 289 31.16 10.00 -10.84
CA ARG D 289 30.38 8.88 -10.29
C ARG D 289 30.00 7.87 -11.37
N GLU D 290 30.62 8.01 -12.53
CA GLU D 290 30.37 7.14 -13.67
C GLU D 290 28.88 6.90 -13.96
N VAL D 291 28.14 8.00 -14.02
CA VAL D 291 26.73 7.96 -14.34
C VAL D 291 26.69 8.16 -15.85
N ASP D 292 26.37 7.10 -16.59
CA ASP D 292 26.32 7.17 -18.04
C ASP D 292 25.10 7.93 -18.54
N ILE D 293 25.28 8.66 -19.63
CA ILE D 293 24.20 9.43 -20.23
C ILE D 293 23.97 8.84 -21.61
N LYS D 294 22.87 8.11 -21.74
CA LYS D 294 22.55 7.46 -23.01
C LYS D 294 21.28 8.01 -23.64
N GLY D 295 21.38 8.35 -24.91
CA GLY D 295 20.23 8.87 -25.63
C GLY D 295 19.50 7.71 -26.28
N VAL D 296 18.33 8.01 -26.82
CA VAL D 296 17.53 6.99 -27.48
C VAL D 296 16.90 7.58 -28.73
N PHE D 297 16.93 6.82 -29.81
CA PHE D 297 16.31 7.28 -31.04
C PHE D 297 15.32 6.22 -31.51
N ARG D 298 14.10 6.33 -31.02
CA ARG D 298 13.03 5.42 -31.37
C ARG D 298 13.22 4.01 -30.82
N TYR D 299 13.57 3.04 -31.67
CA TYR D 299 13.70 1.67 -31.17
C TYR D 299 14.11 0.65 -32.24
N CYS D 300 14.47 -0.54 -31.79
CA CYS D 300 14.83 -1.65 -32.68
C CYS D 300 14.58 -2.97 -31.95
N ASN D 301 14.03 -3.93 -32.69
CA ASN D 301 13.74 -5.26 -32.16
C ASN D 301 12.83 -5.27 -30.91
N THR D 302 11.69 -4.59 -31.00
CA THR D 302 10.75 -4.53 -29.87
C THR D 302 9.37 -5.13 -30.15
N TRP D 303 8.99 -5.17 -31.42
CA TRP D 303 7.67 -5.68 -31.79
C TRP D 303 7.36 -7.11 -31.35
N PRO D 304 8.20 -8.09 -31.73
CA PRO D 304 7.90 -9.47 -31.32
C PRO D 304 7.79 -9.58 -29.80
N VAL D 305 8.65 -8.86 -29.09
CA VAL D 305 8.64 -8.88 -27.63
C VAL D 305 7.37 -8.20 -27.08
N ALA D 306 7.00 -7.06 -27.64
CA ALA D 306 5.81 -6.35 -27.20
C ALA D 306 4.59 -7.26 -27.42
N ILE D 307 4.55 -7.92 -28.57
CA ILE D 307 3.45 -8.82 -28.89
C ILE D 307 3.36 -9.99 -27.93
N SER D 308 4.51 -10.53 -27.53
CA SER D 308 4.52 -11.65 -26.58
C SER D 308 3.99 -11.21 -25.21
N MET D 309 4.38 -10.00 -24.80
N MET D 309 4.38 -10.00 -24.80
CA MET D 309 3.95 -9.46 -23.52
CA MET D 309 3.95 -9.46 -23.52
C MET D 309 2.44 -9.20 -23.49
C MET D 309 2.44 -9.20 -23.49
N LEU D 310 1.90 -8.77 -24.62
CA LEU D 310 0.48 -8.49 -24.73
C LEU D 310 -0.35 -9.77 -24.76
N ALA D 311 0.10 -10.75 -25.54
CA ALA D 311 -0.61 -12.01 -25.67
C ALA D 311 -0.62 -12.84 -24.39
N SER D 312 0.35 -12.61 -23.51
CA SER D 312 0.42 -13.34 -22.26
C SER D 312 -0.13 -12.51 -21.12
N LYS D 313 -0.74 -11.38 -21.45
CA LYS D 313 -1.32 -10.50 -20.45
C LYS D 313 -0.28 -10.12 -19.40
N SER D 314 0.97 -9.93 -19.85
CA SER D 314 2.06 -9.56 -18.95
C SER D 314 2.04 -8.06 -18.68
N VAL D 315 1.41 -7.30 -19.58
CA VAL D 315 1.31 -5.86 -19.42
C VAL D 315 -0.07 -5.42 -19.90
N ASN D 316 -0.61 -4.37 -19.31
CA ASN D 316 -1.92 -3.89 -19.69
C ASN D 316 -1.85 -2.44 -20.14
N VAL D 317 -1.87 -2.23 -21.45
CA VAL D 317 -1.78 -0.89 -22.01
C VAL D 317 -3.14 -0.25 -22.30
N LYS D 318 -4.20 -1.04 -22.23
CA LYS D 318 -5.55 -0.53 -22.51
C LYS D 318 -5.92 0.74 -21.73
N PRO D 319 -5.51 0.85 -20.46
CA PRO D 319 -5.85 2.06 -19.70
C PRO D 319 -5.26 3.34 -20.29
N LEU D 320 -4.30 3.21 -21.21
CA LEU D 320 -3.68 4.38 -21.81
C LEU D 320 -4.60 5.10 -22.82
N VAL D 321 -5.53 4.35 -23.40
CA VAL D 321 -6.44 4.93 -24.38
C VAL D 321 -7.57 5.71 -23.68
N THR D 322 -7.59 7.02 -23.89
CA THR D 322 -8.59 7.85 -23.26
C THR D 322 -9.69 8.35 -24.21
N HIS D 323 -9.41 8.31 -25.51
N HIS D 323 -9.43 8.28 -25.51
CA HIS D 323 -10.38 8.76 -26.52
CA HIS D 323 -10.40 8.72 -26.52
C HIS D 323 -10.19 8.01 -27.84
C HIS D 323 -10.19 7.99 -27.84
N ARG D 324 -11.27 7.87 -28.62
CA ARG D 324 -11.20 7.22 -29.91
C ARG D 324 -12.21 7.85 -30.85
N PHE D 325 -11.73 8.26 -32.03
CA PHE D 325 -12.54 8.90 -33.06
C PHE D 325 -12.37 8.19 -34.39
N PRO D 326 -13.37 8.30 -35.27
CA PRO D 326 -13.22 7.64 -36.57
C PRO D 326 -12.28 8.56 -37.36
N LEU D 327 -11.60 8.04 -38.37
CA LEU D 327 -10.69 8.82 -39.18
C LEU D 327 -11.27 10.17 -39.61
N GLU D 328 -12.55 10.17 -39.98
CA GLU D 328 -13.22 11.39 -40.44
C GLU D 328 -13.26 12.52 -39.42
N LYS D 329 -13.05 12.20 -38.15
CA LYS D 329 -13.06 13.23 -37.12
C LYS D 329 -11.64 13.54 -36.63
N ALA D 330 -10.68 13.41 -37.55
CA ALA D 330 -9.27 13.66 -37.26
C ALA D 330 -9.00 15.06 -36.70
N LEU D 331 -9.62 16.07 -37.30
CA LEU D 331 -9.40 17.42 -36.80
C LEU D 331 -9.83 17.55 -35.35
N GLU D 332 -10.99 16.98 -35.03
CA GLU D 332 -11.48 17.04 -33.67
C GLU D 332 -10.55 16.28 -32.72
N ALA D 333 -9.97 15.18 -33.22
CA ALA D 333 -9.06 14.38 -32.40
C ALA D 333 -7.80 15.18 -32.09
N PHE D 334 -7.31 15.94 -33.08
CA PHE D 334 -6.12 16.75 -32.88
C PHE D 334 -6.40 17.92 -31.95
N GLU D 335 -7.59 18.52 -32.05
CA GLU D 335 -7.94 19.64 -31.18
C GLU D 335 -8.05 19.10 -29.76
N THR D 336 -8.53 17.86 -29.64
CA THR D 336 -8.68 17.22 -28.35
C THR D 336 -7.32 16.95 -27.73
N PHE D 337 -6.36 16.50 -28.54
CA PHE D 337 -5.02 16.23 -28.07
C PHE D 337 -4.43 17.50 -27.47
N LYS D 338 -4.58 18.59 -28.22
CA LYS D 338 -4.05 19.88 -27.81
C LYS D 338 -4.63 20.40 -26.49
N LYS D 339 -5.79 19.90 -26.10
CA LYS D 339 -6.40 20.33 -24.85
C LYS D 339 -5.64 19.75 -23.66
N GLY D 340 -4.53 19.07 -23.95
CA GLY D 340 -3.69 18.51 -22.89
C GLY D 340 -4.33 17.53 -21.93
N LEU D 341 -5.54 17.08 -22.22
CA LEU D 341 -6.21 16.12 -21.35
C LEU D 341 -6.18 14.74 -21.97
N GLY D 342 -6.22 13.70 -21.12
CA GLY D 342 -6.19 12.35 -21.64
C GLY D 342 -4.77 11.87 -21.84
N LEU D 343 -4.62 10.70 -22.45
CA LEU D 343 -3.30 10.12 -22.67
C LEU D 343 -3.09 9.73 -24.12
N LYS D 344 -3.76 8.65 -24.55
CA LYS D 344 -3.63 8.21 -25.92
C LYS D 344 -4.96 8.27 -26.68
N ILE D 345 -4.96 8.98 -27.80
CA ILE D 345 -6.14 9.14 -28.63
C ILE D 345 -6.01 8.22 -29.85
N MET D 346 -7.02 7.36 -30.05
CA MET D 346 -7.04 6.41 -31.16
C MET D 346 -7.94 6.81 -32.32
N LEU D 347 -7.43 6.65 -33.53
CA LEU D 347 -8.21 6.95 -34.73
C LEU D 347 -8.61 5.64 -35.39
N LYS D 348 -9.89 5.53 -35.74
CA LYS D 348 -10.44 4.32 -36.34
C LYS D 348 -10.66 4.52 -37.84
N CYS D 349 -9.80 3.88 -38.64
CA CYS D 349 -9.84 4.02 -40.10
C CYS D 349 -10.70 3.05 -40.90
N ASP D 350 -11.11 1.94 -40.27
CA ASP D 350 -11.90 0.93 -40.96
C ASP D 350 -13.39 1.08 -40.63
N PRO D 351 -14.19 1.64 -41.56
CA PRO D 351 -15.62 1.84 -41.32
C PRO D 351 -16.38 0.57 -40.92
N SER D 352 -15.92 -0.59 -41.38
CA SER D 352 -16.59 -1.85 -41.07
C SER D 352 -16.28 -2.39 -39.68
N ASP D 353 -15.37 -1.73 -38.95
CA ASP D 353 -15.01 -2.19 -37.61
C ASP D 353 -14.38 -1.05 -36.82
N GLN D 354 -15.21 -0.38 -36.02
CA GLN D 354 -14.80 0.75 -35.20
C GLN D 354 -14.55 0.33 -33.75
N ASN D 355 -14.47 -0.97 -33.50
CA ASN D 355 -14.23 -1.47 -32.15
C ASN D 355 -12.75 -1.49 -31.81
N PRO D 356 -12.42 -1.66 -30.52
CA PRO D 356 -11.03 -1.72 -30.06
C PRO D 356 -10.28 -2.84 -30.76
ZN ZN E . 7.12 17.20 27.30
ZN ZN F . -31.91 -1.54 4.70
ZN ZN G . 20.30 -25.04 -0.15
ZN ZN H . 4.13 8.47 -31.75
#